data_6IAN
#
_entry.id   6IAN
#
_cell.length_a   67.860
_cell.length_b   228.300
_cell.length_c   115.710
_cell.angle_alpha   90.00
_cell.angle_beta   96.76
_cell.angle_gamma   90.00
#
_symmetry.space_group_name_H-M   'P 1 21 1'
#
loop_
_entity.id
_entity.type
_entity.pdbx_description
1 polymer 'Intraflagellar transport protein 74'
2 polymer 'Intraflagellar transport protein 81'
3 polymer 'Rab-like 5'
4 non-polymer "GUANOSINE-5'-TRIPHOSPHATE"
5 non-polymer 'MAGNESIUM ION'
6 water water
#
loop_
_entity_poly.entity_id
_entity_poly.type
_entity_poly.pdbx_seq_one_letter_code
_entity_poly.pdbx_strand_id
1 'polypeptide(L)'
;GAAS(MSE)GPGRQVGDRSYYIGLLRPKITELTTEIERLNEQEELIVKGGSVLTQLQQRNKALTDEAAKLKGTLADINLA
LEKSTTQDPSSVKDQATKLNQVNGEKRKQVDQLFLNAKE(MSE)EALTKKNTQALEEE(MSE)QNLDRRILAENQDFGLY
KATRDEAFNVSDAVLSHQHQIR(MSE)LTAKQELL(MSE)TKLSTDPDKKRAAEVLRGILSKRQLKEELTKQCALSVEEE
RQLLIKQVKTARGDIEVLERQVNETRDALSESKNRCASLDEELKSYSGDNIKAFQELQEKDRELQSF(MSE)DSFPAKLK
EE(MSE)DKITEVQRNIATLLERISQALELKKQ(MSE)PQ
;
A,B
2 'polypeptide(L)'
;GAAS(MSE)RQNPPKEPSEEEVLQYIVDNVNKLLSRHYSLVEFDAIQGTDLLQILADIFGTLSPAQQID(MSE)GVAPTD
EAAAS(MSE)LEFLTKTLGYRVPP(MSE)LADSFPTSFSRAEPTVIYPTLYWVLSN(MSE)QQNEKRVYLARFLQRLEIP
EA(MSE)LAQDEDVRALYQQYVNLRG(MSE)FVNTHRRVDALRTAHADPADARRAVTVLEEECDRLRGYIQVAEKKLAGV
PDKEALLNACKSLRAALEEESRLAEKGVELQQQLISSRQRSTE(MSE)HNRLQNLRRDAADGRVDVIVRRLRDEIQTNK
(MSE)IIEEQLPKELQQKQRENAEFDRLISEPLD(MSE)QALTTENQQLDEALKKLHQQVKERQKPGEDGSTIATIKQQV
ERVAKRKVEV(MSE)EQLTGLQADNSRTLNDIRERENRIEQLREAHH(MSE)LKDDDFREFSKQVLAKKAATES(MSE)R
THLSEQRVEYGVLNFTENVLRSQFTSL
;
C,D
3 'polypeptide(L)'
;(MSE)SDDLVKILVLGPSKSGKSTVTNFLAGTRDTPTKEYHETNPLRVLEVEIALDDTRRSGRQAAGLKKAVVQLWDVGG
SSKHQAGWPAIASNADGIIYVFNPEVKGSEKELLLWYKNFALNQDELDDDNNFK(MSE)RVTDGHSLIFSHHSSLPEFAV
GDNAIPP(MSE)PPKQLQGIRALETSLDYQSDNFKEAFDALVEQIIASRLAAEENDLLQKEREAKDYPRLKR
;
E
#
loop_
_chem_comp.id
_chem_comp.type
_chem_comp.name
_chem_comp.formula
GTP non-polymer GUANOSINE-5'-TRIPHOSPHATE 'C10 H16 N5 O14 P3'
MG non-polymer 'MAGNESIUM ION' 'Mg 2'
#
# COMPACT_ATOMS: atom_id res chain seq x y z
N TYR A 16 98.00 17.19 21.34
CA TYR A 16 97.01 18.14 20.84
C TYR A 16 95.71 17.42 20.47
N TYR A 17 95.80 16.10 20.34
CA TYR A 17 94.62 15.26 20.18
C TYR A 17 94.37 14.33 21.37
N ILE A 18 95.36 14.10 22.23
CA ILE A 18 95.17 13.21 23.37
C ILE A 18 94.29 13.89 24.42
N GLY A 19 94.54 15.17 24.69
CA GLY A 19 93.63 15.98 25.48
C GLY A 19 92.25 16.10 24.88
N LEU A 20 92.06 15.61 23.65
CA LEU A 20 90.74 15.49 23.03
C LEU A 20 90.16 14.09 23.19
N LEU A 21 91.00 13.05 23.18
CA LEU A 21 90.50 11.70 23.44
C LEU A 21 89.99 11.57 24.87
N ARG A 22 90.76 12.08 25.83
CA ARG A 22 90.41 11.90 27.24
C ARG A 22 88.97 12.30 27.55
N PRO A 23 88.55 13.55 27.28
CA PRO A 23 87.18 13.93 27.68
C PRO A 23 86.09 13.20 26.93
N LYS A 24 86.27 12.97 25.63
CA LYS A 24 85.28 12.18 24.90
C LYS A 24 85.15 10.79 25.48
N ILE A 25 86.27 10.20 25.91
CA ILE A 25 86.24 8.84 26.45
C ILE A 25 85.51 8.80 27.78
N THR A 26 85.80 9.76 28.67
CA THR A 26 85.09 9.76 29.94
C THR A 26 83.60 10.06 29.77
N GLU A 27 83.26 11.02 28.89
CA GLU A 27 81.84 11.29 28.64
C GLU A 27 81.12 10.07 28.08
N LEU A 28 81.75 9.37 27.14
CA LEU A 28 81.17 8.19 26.55
C LEU A 28 80.94 7.11 27.62
N THR A 29 81.95 6.88 28.46
CA THR A 29 81.79 5.88 29.52
C THR A 29 80.73 6.29 30.53
N THR A 30 80.58 7.59 30.78
CA THR A 30 79.53 8.04 31.68
C THR A 30 78.15 7.71 31.12
N GLU A 31 77.98 7.87 29.81
CA GLU A 31 76.70 7.49 29.24
C GLU A 31 76.54 5.97 29.21
N ILE A 32 77.64 5.23 29.06
CA ILE A 32 77.56 3.77 29.20
C ILE A 32 77.02 3.40 30.57
N GLU A 33 77.56 4.03 31.62
CA GLU A 33 77.10 3.77 32.98
C GLU A 33 75.63 4.11 33.11
N ARG A 34 75.20 5.23 32.54
CA ARG A 34 73.80 5.60 32.57
C ARG A 34 72.93 4.57 31.90
N LEU A 35 73.35 4.09 30.72
CA LEU A 35 72.55 3.11 29.98
C LEU A 35 72.43 1.81 30.75
N ASN A 36 73.52 1.35 31.37
CA ASN A 36 73.44 0.10 32.12
C ASN A 36 72.61 0.24 33.39
N GLU A 37 72.69 1.41 34.05
CA GLU A 37 71.81 1.65 35.19
C GLU A 37 70.34 1.64 34.77
N GLN A 38 70.05 2.20 33.59
CA GLN A 38 68.69 2.15 33.06
C GLN A 38 68.27 0.73 32.74
N GLU A 39 69.21 -0.10 32.26
CA GLU A 39 68.89 -1.51 32.04
C GLU A 39 68.50 -2.20 33.33
N GLU A 40 69.31 -2.00 34.37
CA GLU A 40 68.99 -2.57 35.68
C GLU A 40 67.64 -2.06 36.17
N LEU A 41 67.35 -0.79 35.92
CA LEU A 41 66.05 -0.23 36.31
C LEU A 41 64.91 -0.89 35.55
N ILE A 42 65.10 -1.16 34.26
CA ILE A 42 64.05 -1.80 33.48
C ILE A 42 63.78 -3.22 33.99
N VAL A 43 64.82 -3.94 34.36
CA VAL A 43 64.61 -5.29 34.89
C VAL A 43 63.89 -5.25 36.23
N LYS A 44 64.34 -4.38 37.14
CA LYS A 44 63.67 -4.23 38.44
C LYS A 44 62.21 -3.83 38.26
N GLY A 45 61.94 -2.91 37.32
CA GLY A 45 60.56 -2.56 37.04
C GLY A 45 59.75 -3.72 36.49
N GLY A 46 60.39 -4.58 35.69
CA GLY A 46 59.69 -5.76 35.19
C GLY A 46 59.26 -6.69 36.30
N SER A 47 60.18 -7.00 37.22
CA SER A 47 59.80 -7.85 38.35
C SER A 47 58.77 -7.17 39.25
N VAL A 48 58.85 -5.84 39.38
CA VAL A 48 57.82 -5.10 40.13
C VAL A 48 56.46 -5.24 39.47
N LEU A 49 56.40 -5.16 38.14
CA LEU A 49 55.13 -5.30 37.43
C LEU A 49 54.57 -6.70 37.60
N THR A 50 55.43 -7.72 37.49
CA THR A 50 54.96 -9.09 37.70
C THR A 50 54.45 -9.30 39.13
N GLN A 51 55.08 -8.66 40.11
CA GLN A 51 54.60 -8.72 41.48
C GLN A 51 53.25 -8.00 41.64
N LEU A 52 53.13 -6.81 41.05
CA LEU A 52 51.90 -6.02 41.17
C LEU A 52 50.71 -6.68 40.50
N GLN A 53 50.91 -7.48 39.46
CA GLN A 53 49.77 -8.18 38.88
C GLN A 53 49.15 -9.14 39.89
N GLN A 54 49.99 -9.99 40.51
CA GLN A 54 49.52 -10.90 41.55
C GLN A 54 48.91 -10.15 42.72
N ARG A 55 49.55 -9.06 43.17
CA ARG A 55 49.01 -8.28 44.27
C ARG A 55 47.64 -7.71 43.93
N ASN A 56 47.48 -7.23 42.70
CA ASN A 56 46.21 -6.66 42.26
C ASN A 56 45.10 -7.72 42.24
N LYS A 57 45.40 -8.91 41.74
CA LYS A 57 44.40 -9.97 41.75
C LYS A 57 43.99 -10.33 43.18
N ALA A 58 44.98 -10.50 44.05
CA ALA A 58 44.70 -10.84 45.45
C ALA A 58 43.84 -9.76 46.09
N LEU A 59 44.15 -8.49 45.84
CA LEU A 59 43.40 -7.42 46.46
C LEU A 59 41.97 -7.36 45.93
N THR A 60 41.78 -7.57 44.63
CA THR A 60 40.41 -7.59 44.10
C THR A 60 39.58 -8.66 44.79
N ASP A 61 40.14 -9.85 44.94
CA ASP A 61 39.38 -10.93 45.57
C ASP A 61 39.08 -10.62 47.04
N GLU A 62 40.08 -10.12 47.78
CA GLU A 62 39.83 -9.78 49.18
C GLU A 62 38.79 -8.68 49.30
N ALA A 63 38.79 -7.74 48.36
CA ALA A 63 37.78 -6.68 48.34
C ALA A 63 36.40 -7.27 48.15
N ALA A 64 36.28 -8.24 47.23
CA ALA A 64 35.00 -8.89 47.06
C ALA A 64 34.54 -9.52 48.37
N LYS A 65 35.44 -10.27 49.02
CA LYS A 65 35.07 -10.92 50.28
C LYS A 65 34.69 -9.89 51.35
N LEU A 66 35.42 -8.78 51.42
CA LEU A 66 35.13 -7.74 52.39
C LEU A 66 33.75 -7.13 52.14
N LYS A 67 33.43 -6.87 50.87
CA LYS A 67 32.09 -6.42 50.53
C LYS A 67 31.05 -7.44 50.98
N GLY A 68 31.38 -8.72 50.86
CA GLY A 68 30.48 -9.77 51.28
C GLY A 68 30.14 -9.71 52.74
N THR A 69 31.16 -9.77 53.60
CA THR A 69 30.86 -9.75 55.03
C THR A 69 30.22 -8.44 55.43
N LEU A 70 30.52 -7.35 54.72
CA LEU A 70 29.82 -6.11 55.01
C LEU A 70 28.33 -6.27 54.75
N ALA A 71 28.00 -6.82 53.58
CA ALA A 71 26.59 -7.05 53.24
C ALA A 71 25.92 -8.00 54.23
N ASP A 72 26.62 -9.04 54.63
CA ASP A 72 26.08 -9.96 55.63
C ASP A 72 25.68 -9.23 56.89
N ILE A 73 26.60 -8.42 57.43
CA ILE A 73 26.31 -7.72 58.68
C ILE A 73 25.15 -6.76 58.48
N ASN A 74 25.09 -6.08 57.33
CA ASN A 74 24.01 -5.11 57.12
C ASN A 74 22.66 -5.78 56.96
N LEU A 75 22.60 -6.94 56.31
CA LEU A 75 21.36 -7.70 56.29
C LEU A 75 20.97 -8.12 57.71
N ALA A 76 21.96 -8.48 58.53
CA ALA A 76 21.68 -8.81 59.92
C ALA A 76 21.08 -7.63 60.66
N LEU A 77 21.63 -6.44 60.43
CA LEU A 77 21.10 -5.22 61.05
C LEU A 77 19.65 -4.99 60.62
N GLU A 78 19.36 -5.19 59.34
CA GLU A 78 17.97 -5.06 58.90
C GLU A 78 17.07 -6.06 59.64
N LYS A 79 17.38 -7.35 59.52
CA LYS A 79 16.49 -8.39 60.02
C LYS A 79 16.46 -8.48 61.54
N SER A 80 17.37 -7.81 62.26
CA SER A 80 17.44 -7.97 63.71
C SER A 80 16.23 -7.37 64.41
N THR A 81 15.68 -6.28 63.88
CA THR A 81 14.54 -5.66 64.51
C THR A 81 13.32 -6.58 64.46
N THR A 82 13.04 -7.18 63.29
CA THR A 82 11.79 -7.88 63.12
C THR A 82 11.90 -9.40 63.17
N GLN A 83 13.10 -9.97 63.05
CA GLN A 83 13.26 -11.42 63.00
C GLN A 83 14.34 -11.87 63.96
N ASP A 84 14.35 -13.17 64.24
CA ASP A 84 15.34 -13.81 65.10
C ASP A 84 16.10 -14.86 64.29
N PRO A 85 17.28 -15.30 64.77
CA PRO A 85 18.05 -16.28 63.98
C PRO A 85 17.24 -17.47 63.48
N SER A 86 16.28 -17.94 64.28
CA SER A 86 15.49 -19.08 63.88
C SER A 86 14.67 -18.78 62.61
N SER A 87 13.86 -17.72 62.65
CA SER A 87 13.00 -17.44 61.51
C SER A 87 13.82 -17.13 60.27
N VAL A 88 14.94 -16.42 60.45
CA VAL A 88 15.77 -16.06 59.30
C VAL A 88 16.32 -17.32 58.65
N LYS A 89 16.85 -18.26 59.44
CA LYS A 89 17.37 -19.46 58.82
C LYS A 89 16.24 -20.27 58.20
N ASP A 90 15.02 -20.14 58.73
CA ASP A 90 13.90 -20.85 58.11
C ASP A 90 13.59 -20.25 56.75
N GLN A 91 13.48 -18.93 56.70
CA GLN A 91 13.34 -18.25 55.42
C GLN A 91 14.41 -18.71 54.46
N ALA A 92 15.63 -18.91 54.97
CA ALA A 92 16.74 -19.27 54.12
C ALA A 92 16.59 -20.68 53.58
N THR A 93 16.30 -21.65 54.45
CA THR A 93 16.20 -23.02 53.91
C THR A 93 14.98 -23.15 53.01
N LYS A 94 13.91 -22.44 53.31
CA LYS A 94 12.77 -22.43 52.42
C LYS A 94 13.22 -21.98 51.03
N LEU A 95 13.87 -20.81 50.97
CA LEU A 95 14.36 -20.29 49.71
C LEU A 95 15.39 -21.22 49.06
N ASN A 96 16.12 -22.01 49.87
CA ASN A 96 17.12 -22.93 49.32
C ASN A 96 16.45 -24.09 48.59
N GLN A 97 15.41 -24.64 49.21
CA GLN A 97 14.64 -25.69 48.57
C GLN A 97 13.99 -25.18 47.28
N VAL A 98 13.44 -23.96 47.34
CA VAL A 98 12.88 -23.41 46.12
C VAL A 98 13.97 -23.29 45.07
N ASN A 99 15.14 -22.77 45.45
CA ASN A 99 16.23 -22.62 44.49
C ASN A 99 16.66 -23.95 43.92
N GLY A 100 16.51 -25.03 44.67
CA GLY A 100 16.87 -26.32 44.09
C GLY A 100 15.90 -26.73 42.99
N GLU A 101 14.60 -26.59 43.27
CA GLU A 101 13.62 -26.86 42.21
C GLU A 101 13.86 -25.94 41.01
N LYS A 102 14.09 -24.65 41.27
CA LYS A 102 14.38 -23.70 40.20
C LYS A 102 15.62 -24.12 39.44
N ARG A 103 16.62 -24.62 40.12
CA ARG A 103 17.80 -25.10 39.43
C ARG A 103 17.39 -26.14 38.41
N LYS A 104 16.46 -27.02 38.80
CA LYS A 104 16.00 -28.06 37.88
C LYS A 104 15.24 -27.47 36.69
N GLN A 105 14.33 -26.54 36.97
CA GLN A 105 13.59 -25.88 35.89
C GLN A 105 14.56 -25.26 34.88
N VAL A 106 15.50 -24.47 35.38
CA VAL A 106 16.46 -23.80 34.52
C VAL A 106 17.30 -24.81 33.74
N ASP A 107 17.66 -25.95 34.35
CA ASP A 107 18.40 -26.92 33.54
C ASP A 107 17.54 -27.53 32.46
N GLN A 108 16.24 -27.69 32.71
CA GLN A 108 15.36 -28.15 31.63
C GLN A 108 15.34 -27.12 30.51
N LEU A 109 15.24 -25.84 30.86
CA LEU A 109 15.28 -24.79 29.86
C LEU A 109 16.58 -24.82 29.08
N PHE A 110 17.71 -24.96 29.76
CA PHE A 110 18.99 -25.12 29.08
C PHE A 110 18.90 -26.22 28.04
N LEU A 111 18.40 -27.37 28.43
CA LEU A 111 18.33 -28.50 27.49
C LEU A 111 17.44 -28.17 26.30
N ASN A 112 16.24 -27.65 26.58
CA ASN A 112 15.30 -27.35 25.49
C ASN A 112 15.94 -26.42 24.50
N ALA A 113 16.52 -25.34 24.99
CA ALA A 113 17.13 -24.35 24.12
C ALA A 113 18.27 -24.95 23.34
N LYS A 114 19.06 -25.82 23.97
CA LYS A 114 20.14 -26.45 23.22
C LYS A 114 19.59 -27.28 22.07
N GLU A 115 18.45 -27.95 22.30
CA GLU A 115 17.81 -28.72 21.24
C GLU A 115 17.37 -27.81 20.10
N MSE A 116 16.62 -26.77 20.46
CA MSE A 116 16.09 -25.85 19.46
C MSE A 116 17.19 -25.30 18.59
O MSE A 116 17.06 -25.25 17.36
CB MSE A 116 15.36 -24.71 20.14
CG MSE A 116 14.81 -23.75 19.12
SE MSE A 116 13.46 -24.59 18.03
CE MSE A 116 11.92 -24.44 19.25
N GLU A 117 18.28 -24.89 19.23
CA GLU A 117 19.42 -24.38 18.48
C GLU A 117 19.98 -25.45 17.56
N ALA A 118 20.06 -26.70 18.04
CA ALA A 118 20.57 -27.77 17.19
C ALA A 118 19.68 -27.96 15.97
N LEU A 119 18.37 -27.87 16.18
CA LEU A 119 17.43 -27.95 15.08
C LEU A 119 17.63 -26.81 14.08
N THR A 120 17.82 -25.60 14.58
CA THR A 120 18.04 -24.49 13.67
C THR A 120 19.30 -24.70 12.86
N LYS A 121 20.33 -25.28 13.48
CA LYS A 121 21.55 -25.56 12.73
C LYS A 121 21.31 -26.59 11.65
N LYS A 122 20.47 -27.59 11.93
CA LYS A 122 20.21 -28.55 10.87
C LYS A 122 19.36 -27.93 9.76
N ASN A 123 18.33 -27.16 10.13
CA ASN A 123 17.55 -26.46 9.11
C ASN A 123 18.44 -25.58 8.24
N THR A 124 19.39 -24.88 8.86
CA THR A 124 20.23 -23.97 8.11
C THR A 124 21.20 -24.72 7.20
N GLN A 125 21.73 -25.87 7.66
CA GLN A 125 22.57 -26.69 6.77
C GLN A 125 21.76 -27.23 5.59
N ALA A 126 20.50 -27.64 5.85
CA ALA A 126 19.61 -28.08 4.80
C ALA A 126 19.44 -27.02 3.73
N LEU A 127 19.03 -25.82 4.17
CA LEU A 127 18.83 -24.74 3.25
C LEU A 127 20.10 -24.44 2.48
N GLU A 128 21.26 -24.55 3.13
CA GLU A 128 22.49 -24.27 2.41
C GLU A 128 22.71 -25.27 1.29
N GLU A 129 22.32 -26.53 1.50
CA GLU A 129 22.45 -27.50 0.42
C GLU A 129 21.57 -27.14 -0.77
N GLU A 130 20.29 -26.81 -0.50
CA GLU A 130 19.45 -26.47 -1.66
C GLU A 130 19.90 -25.18 -2.34
N MSE A 131 20.51 -24.26 -1.59
CA MSE A 131 21.06 -23.07 -2.23
C MSE A 131 22.16 -23.47 -3.17
O MSE A 131 22.24 -22.93 -4.27
CB MSE A 131 21.63 -22.08 -1.23
CG MSE A 131 20.68 -21.55 -0.24
SE MSE A 131 21.53 -20.07 0.66
CE MSE A 131 22.98 -20.95 1.60
N GLN A 132 23.04 -24.37 -2.72
CA GLN A 132 24.15 -24.77 -3.56
C GLN A 132 23.66 -25.40 -4.86
N ASN A 133 22.64 -26.26 -4.79
CA ASN A 133 22.24 -26.88 -6.06
C ASN A 133 21.60 -25.84 -7.00
N LEU A 134 20.75 -24.94 -6.48
CA LEU A 134 20.20 -23.91 -7.37
C LEU A 134 21.28 -22.99 -7.95
N ASP A 135 22.22 -22.55 -7.12
CA ASP A 135 23.19 -21.59 -7.64
C ASP A 135 24.10 -22.28 -8.65
N ARG A 136 24.40 -23.56 -8.46
CA ARG A 136 25.07 -24.31 -9.53
C ARG A 136 24.21 -24.32 -10.79
N ARG A 137 22.88 -24.45 -10.63
CA ARG A 137 21.99 -24.50 -11.79
C ARG A 137 22.04 -23.20 -12.60
N ILE A 138 21.97 -22.07 -11.91
CA ILE A 138 21.97 -20.81 -12.66
C ILE A 138 23.37 -20.52 -13.22
N LEU A 139 24.43 -20.83 -12.46
CA LEU A 139 25.78 -20.67 -12.99
C LEU A 139 25.99 -21.49 -14.25
N ALA A 140 25.42 -22.70 -14.31
CA ALA A 140 25.49 -23.48 -15.53
C ALA A 140 24.76 -22.78 -16.67
N GLU A 141 23.60 -22.19 -16.37
CA GLU A 141 22.79 -21.49 -17.37
C GLU A 141 23.43 -20.20 -17.83
N ASN A 142 24.61 -19.87 -17.30
CA ASN A 142 25.40 -18.73 -17.76
C ASN A 142 24.66 -17.39 -17.59
N GLN A 143 23.97 -17.23 -16.47
CA GLN A 143 23.45 -15.92 -16.11
C GLN A 143 24.45 -15.23 -15.18
N ASP A 144 24.16 -13.98 -14.83
CA ASP A 144 25.06 -13.22 -13.97
C ASP A 144 25.00 -13.76 -12.56
N PHE A 145 25.83 -14.77 -12.27
CA PHE A 145 25.77 -15.38 -10.94
C PHE A 145 26.33 -14.46 -9.87
N GLY A 146 27.35 -13.66 -10.21
CA GLY A 146 27.93 -12.77 -9.23
C GLY A 146 26.91 -11.82 -8.63
N LEU A 147 26.03 -11.28 -9.47
CA LEU A 147 24.99 -10.37 -8.99
C LEU A 147 24.01 -11.08 -8.07
N TYR A 148 23.62 -12.31 -8.42
CA TYR A 148 22.72 -13.07 -7.56
C TYR A 148 23.36 -13.30 -6.19
N LYS A 149 24.60 -13.78 -6.17
CA LYS A 149 25.25 -14.04 -4.89
C LYS A 149 25.41 -12.76 -4.09
N ALA A 150 25.71 -11.65 -4.77
CA ALA A 150 25.95 -10.40 -4.07
C ALA A 150 24.67 -9.86 -3.44
N THR A 151 23.62 -9.69 -4.25
CA THR A 151 22.39 -9.18 -3.66
C THR A 151 21.82 -10.14 -2.64
N ARG A 152 22.05 -11.46 -2.81
CA ARG A 152 21.59 -12.43 -1.82
C ARG A 152 22.33 -12.27 -0.49
N ASP A 153 23.67 -12.15 -0.54
CA ASP A 153 24.42 -11.93 0.68
C ASP A 153 23.98 -10.65 1.38
N GLU A 154 23.75 -9.58 0.62
CA GLU A 154 23.28 -8.36 1.25
C GLU A 154 21.92 -8.59 1.92
N ALA A 155 21.01 -9.27 1.22
CA ALA A 155 19.68 -9.48 1.76
C ALA A 155 19.75 -10.26 3.05
N PHE A 156 20.56 -11.32 3.06
CA PHE A 156 20.69 -12.13 4.25
C PHE A 156 21.29 -11.34 5.40
N ASN A 157 22.29 -10.51 5.10
CA ASN A 157 22.94 -9.75 6.16
C ASN A 157 21.98 -8.74 6.79
N VAL A 158 21.23 -8.01 5.98
CA VAL A 158 20.27 -7.08 6.57
C VAL A 158 19.21 -7.83 7.35
N SER A 159 18.80 -9.00 6.86
CA SER A 159 17.79 -9.76 7.58
C SER A 159 18.33 -10.20 8.93
N ASP A 160 19.53 -10.80 8.92
CA ASP A 160 20.22 -11.18 10.14
C ASP A 160 20.28 -10.00 11.09
N ALA A 161 20.56 -8.82 10.54
CA ALA A 161 20.61 -7.60 11.34
C ALA A 161 19.28 -7.35 12.04
N VAL A 162 18.18 -7.49 11.31
CA VAL A 162 16.85 -7.28 11.89
C VAL A 162 16.55 -8.31 12.98
N LEU A 163 16.88 -9.57 12.71
CA LEU A 163 16.65 -10.62 13.69
C LEU A 163 17.48 -10.37 14.94
N SER A 164 18.75 -9.99 14.76
CA SER A 164 19.61 -9.63 15.89
C SER A 164 18.99 -8.52 16.75
N HIS A 165 18.58 -7.41 16.11
CA HIS A 165 18.00 -6.31 16.88
C HIS A 165 16.74 -6.74 17.61
N GLN A 166 15.89 -7.50 16.94
CA GLN A 166 14.64 -7.91 17.58
C GLN A 166 14.90 -8.83 18.75
N HIS A 167 15.87 -9.73 18.60
CA HIS A 167 16.33 -10.53 19.73
C HIS A 167 16.74 -9.66 20.89
N GLN A 168 17.56 -8.65 20.62
CA GLN A 168 18.10 -7.83 21.71
C GLN A 168 16.99 -7.09 22.41
N ILE A 169 15.99 -6.66 21.67
CA ILE A 169 14.90 -5.93 22.30
C ILE A 169 14.04 -6.85 23.16
N ARG A 170 13.71 -8.03 22.64
CA ARG A 170 12.95 -8.99 23.45
C ARG A 170 13.68 -9.30 24.75
N MSE A 171 14.98 -9.49 24.65
CA MSE A 171 15.82 -9.79 25.79
C MSE A 171 15.74 -8.67 26.81
O MSE A 171 15.47 -8.90 28.01
CB MSE A 171 17.27 -9.99 25.36
CG MSE A 171 18.18 -10.43 26.51
SE MSE A 171 17.94 -12.28 27.16
CE MSE A 171 18.94 -13.23 25.77
N LEU A 172 15.97 -7.45 26.32
CA LEU A 172 15.96 -6.31 27.22
C LEU A 172 14.63 -6.22 27.93
N THR A 173 13.55 -6.40 27.20
CA THR A 173 12.23 -6.22 27.79
C THR A 173 11.94 -7.26 28.86
N ALA A 174 12.35 -8.51 28.62
CA ALA A 174 12.12 -9.55 29.63
C ALA A 174 12.90 -9.27 30.91
N LYS A 175 14.21 -9.02 30.76
CA LYS A 175 14.98 -8.67 31.94
C LYS A 175 14.39 -7.46 32.65
N GLN A 176 13.90 -6.48 31.89
CA GLN A 176 13.30 -5.34 32.53
C GLN A 176 12.10 -5.75 33.35
N GLU A 177 11.36 -6.76 32.88
CA GLU A 177 10.24 -7.25 33.69
C GLU A 177 10.73 -7.79 35.01
N LEU A 178 11.90 -8.43 35.00
CA LEU A 178 12.51 -8.85 36.27
C LEU A 178 12.77 -7.65 37.17
N LEU A 179 13.42 -6.63 36.61
CA LEU A 179 13.71 -5.41 37.37
C LEU A 179 12.43 -4.80 37.95
N MSE A 180 11.36 -4.82 37.18
CA MSE A 180 10.13 -4.24 37.65
C MSE A 180 9.61 -5.02 38.83
O MSE A 180 9.20 -4.43 39.82
CB MSE A 180 9.09 -4.19 36.52
CG MSE A 180 9.47 -3.19 35.44
SE MSE A 180 9.60 -1.41 36.18
CE MSE A 180 7.70 -1.11 36.55
N THR A 181 9.65 -6.35 38.73
CA THR A 181 9.18 -7.15 39.86
C THR A 181 10.03 -6.88 41.11
N LYS A 182 11.36 -6.69 40.94
CA LYS A 182 12.21 -6.37 42.09
C LYS A 182 11.81 -5.04 42.71
N LEU A 183 11.49 -4.05 41.88
CA LEU A 183 11.08 -2.74 42.37
C LEU A 183 9.67 -2.70 42.93
N SER A 184 8.89 -3.77 42.78
CA SER A 184 7.59 -3.83 43.45
C SER A 184 7.73 -4.26 44.90
N THR A 185 8.97 -4.46 45.37
CA THR A 185 9.23 -4.75 46.78
C THR A 185 8.95 -3.54 47.66
N ASP A 186 9.51 -2.40 47.29
CA ASP A 186 9.36 -1.13 48.00
C ASP A 186 8.36 -0.27 47.27
N PRO A 187 7.24 0.14 47.89
CA PRO A 187 6.33 1.06 47.19
C PRO A 187 7.01 2.39 46.84
N ASP A 188 7.96 2.83 47.67
CA ASP A 188 8.69 4.07 47.40
C ASP A 188 9.48 3.96 46.09
N LYS A 189 10.31 2.92 45.94
CA LYS A 189 11.03 2.76 44.68
C LYS A 189 10.13 2.35 43.52
N LYS A 190 8.92 1.85 43.79
CA LYS A 190 7.99 1.60 42.68
C LYS A 190 7.48 2.90 42.08
N ARG A 191 6.96 3.80 42.93
CA ARG A 191 6.57 5.12 42.43
C ARG A 191 7.77 5.88 41.86
N ALA A 192 8.95 5.76 42.48
CA ALA A 192 10.13 6.39 41.91
C ALA A 192 10.47 5.83 40.54
N ALA A 193 10.29 4.52 40.35
CA ALA A 193 10.59 3.92 39.05
C ALA A 193 9.64 4.40 37.97
N GLU A 194 8.35 4.52 38.30
CA GLU A 194 7.42 5.02 37.27
C GLU A 194 7.70 6.49 36.97
N VAL A 195 8.06 7.28 37.98
CA VAL A 195 8.41 8.66 37.73
C VAL A 195 9.67 8.76 36.87
N LEU A 196 10.69 7.93 37.13
CA LEU A 196 11.88 7.91 36.29
C LEU A 196 11.56 7.46 34.87
N ARG A 197 10.55 6.59 34.72
CA ARG A 197 10.07 6.25 33.39
C ARG A 197 9.60 7.51 32.66
N GLY A 198 8.75 8.29 33.32
CA GLY A 198 8.33 9.57 32.76
C GLY A 198 9.51 10.50 32.45
N ILE A 199 10.52 10.50 33.33
CA ILE A 199 11.69 11.34 33.11
C ILE A 199 12.39 10.93 31.82
N LEU A 200 12.51 9.63 31.59
CA LEU A 200 13.16 9.13 30.37
C LEU A 200 12.39 9.56 29.14
N SER A 201 11.07 9.42 29.17
CA SER A 201 10.26 9.82 28.03
C SER A 201 10.42 11.30 27.74
N LYS A 202 10.36 12.14 28.79
CA LYS A 202 10.52 13.58 28.66
C LYS A 202 11.90 13.94 28.12
N ARG A 203 12.94 13.20 28.54
CA ARG A 203 14.27 13.44 27.98
C ARG A 203 14.26 13.20 26.49
N GLN A 204 13.59 12.13 26.06
CA GLN A 204 13.58 11.83 24.63
C GLN A 204 12.82 12.91 23.86
N LEU A 205 11.68 13.35 24.40
CA LEU A 205 10.89 14.38 23.73
C LEU A 205 11.65 15.69 23.65
N LYS A 206 12.33 16.07 24.73
CA LYS A 206 13.18 17.26 24.66
C LYS A 206 14.21 17.11 23.56
N GLU A 207 14.87 15.96 23.51
CA GLU A 207 15.87 15.76 22.45
C GLU A 207 15.26 16.00 21.08
N GLU A 208 14.07 15.45 20.83
CA GLU A 208 13.48 15.54 19.50
C GLU A 208 13.05 16.98 19.18
N LEU A 209 12.35 17.62 20.11
CA LEU A 209 11.89 18.99 19.90
C LEU A 209 13.06 19.95 19.74
N THR A 210 14.12 19.77 20.54
CA THR A 210 15.30 20.60 20.40
C THR A 210 15.98 20.38 19.05
N LYS A 211 15.97 19.15 18.55
CA LYS A 211 16.45 18.94 17.18
C LYS A 211 15.59 19.73 16.19
N GLN A 212 14.28 19.74 16.41
CA GLN A 212 13.37 20.40 15.47
C GLN A 212 13.58 21.91 15.44
N CYS A 213 13.50 22.55 16.61
CA CYS A 213 13.60 24.01 16.66
C CYS A 213 15.00 24.53 16.36
N ALA A 214 16.02 23.69 16.40
CA ALA A 214 17.36 24.14 15.99
C ALA A 214 17.53 24.30 14.45
N LEU A 215 16.54 24.20 13.58
CA LEU A 215 16.70 24.43 12.15
C LEU A 215 15.76 25.51 11.67
N SER A 216 16.17 26.22 10.64
CA SER A 216 15.36 27.29 10.10
C SER A 216 14.11 26.73 9.45
N VAL A 217 12.97 27.40 9.66
CA VAL A 217 11.72 26.92 9.08
C VAL A 217 11.85 26.64 7.59
N GLU A 218 12.68 27.40 6.87
CA GLU A 218 12.93 27.03 5.48
C GLU A 218 13.69 25.71 5.38
N GLU A 219 14.71 25.53 6.22
CA GLU A 219 15.41 24.25 6.23
C GLU A 219 14.47 23.12 6.67
N GLU A 220 13.58 23.41 7.62
CA GLU A 220 12.62 22.39 8.05
C GLU A 220 11.69 22.01 6.91
N ARG A 221 11.19 22.97 6.15
CA ARG A 221 10.31 22.57 5.07
C ARG A 221 11.08 21.83 3.98
N GLN A 222 12.34 22.18 3.75
CA GLN A 222 13.13 21.42 2.78
C GLN A 222 13.27 19.98 3.22
N LEU A 223 13.59 19.78 4.50
CA LEU A 223 13.76 18.43 5.02
C LEU A 223 12.45 17.64 4.97
N LEU A 224 11.33 18.27 5.35
CA LEU A 224 10.02 17.62 5.29
C LEU A 224 9.61 17.29 3.86
N ILE A 225 9.92 18.14 2.89
CA ILE A 225 9.62 17.82 1.50
C ILE A 225 10.42 16.59 1.06
N LYS A 226 11.73 16.58 1.35
CA LYS A 226 12.52 15.39 1.04
C LYS A 226 11.94 14.15 1.73
N GLN A 227 11.48 14.32 2.98
CA GLN A 227 10.93 13.22 3.75
C GLN A 227 9.67 12.66 3.10
N VAL A 228 8.79 13.52 2.61
CA VAL A 228 7.59 12.99 1.97
C VAL A 228 7.95 12.30 0.66
N LYS A 229 8.95 12.81 -0.06
CA LYS A 229 9.38 12.12 -1.27
C LYS A 229 9.79 10.69 -0.96
N THR A 230 10.74 10.54 -0.02
CA THR A 230 11.26 9.21 0.31
C THR A 230 10.18 8.32 0.91
N ALA A 231 9.25 8.89 1.69
CA ALA A 231 8.14 8.11 2.24
C ALA A 231 7.25 7.57 1.14
N ARG A 232 6.99 8.37 0.12
CA ARG A 232 6.15 7.90 -0.95
C ARG A 232 6.85 6.76 -1.70
N GLY A 233 8.16 6.86 -1.89
CA GLY A 233 8.90 5.77 -2.52
C GLY A 233 8.88 4.51 -1.69
N ASP A 234 9.02 4.66 -0.38
CA ASP A 234 8.89 3.50 0.51
C ASP A 234 7.53 2.87 0.38
N ILE A 235 6.46 3.67 0.35
CA ILE A 235 5.11 3.11 0.25
C ILE A 235 4.98 2.30 -1.03
N GLU A 236 5.59 2.77 -2.11
CA GLU A 236 5.53 2.00 -3.35
C GLU A 236 6.17 0.61 -3.15
N VAL A 237 7.41 0.59 -2.64
CA VAL A 237 8.08 -0.71 -2.48
C VAL A 237 7.32 -1.60 -1.48
N LEU A 238 6.68 -0.98 -0.48
CA LEU A 238 5.87 -1.74 0.47
C LEU A 238 4.69 -2.40 -0.21
N GLU A 239 4.02 -1.69 -1.12
CA GLU A 239 2.87 -2.31 -1.76
C GLU A 239 3.30 -3.46 -2.65
N ARG A 240 4.46 -3.33 -3.29
CA ARG A 240 4.95 -4.49 -4.04
C ARG A 240 5.20 -5.68 -3.13
N GLN A 241 5.83 -5.45 -1.98
CA GLN A 241 6.03 -6.56 -1.06
C GLN A 241 4.72 -7.17 -0.61
N VAL A 242 3.71 -6.34 -0.34
CA VAL A 242 2.44 -6.92 0.11
C VAL A 242 1.90 -7.87 -0.94
N ASN A 243 1.95 -7.47 -2.20
CA ASN A 243 1.45 -8.39 -3.22
C ASN A 243 2.31 -9.64 -3.29
N GLU A 244 3.64 -9.50 -3.24
CA GLU A 244 4.51 -10.68 -3.34
C GLU A 244 4.26 -11.66 -2.20
N THR A 245 4.03 -11.16 -0.98
CA THR A 245 3.78 -12.11 0.09
C THR A 245 2.36 -12.63 0.02
N ARG A 246 1.38 -11.88 -0.48
CA ARG A 246 0.09 -12.54 -0.73
C ARG A 246 0.26 -13.71 -1.69
N ASP A 247 1.12 -13.56 -2.69
CA ASP A 247 1.35 -14.69 -3.58
C ASP A 247 1.99 -15.85 -2.83
N ALA A 248 3.07 -15.58 -2.09
CA ALA A 248 3.71 -16.65 -1.32
C ALA A 248 2.76 -17.29 -0.33
N LEU A 249 1.91 -16.48 0.30
CA LEU A 249 0.96 -16.99 1.28
C LEU A 249 -0.05 -17.92 0.64
N SER A 250 -0.60 -17.53 -0.51
CA SER A 250 -1.45 -18.44 -1.25
C SER A 250 -0.71 -19.75 -1.54
N GLU A 251 0.53 -19.64 -2.04
CA GLU A 251 1.33 -20.84 -2.32
C GLU A 251 1.46 -21.74 -1.09
N SER A 252 1.73 -21.13 0.05
CA SER A 252 1.92 -21.92 1.27
C SER A 252 0.63 -22.60 1.66
N LYS A 253 -0.51 -21.91 1.57
CA LYS A 253 -1.76 -22.53 1.97
C LYS A 253 -2.11 -23.69 1.06
N ASN A 254 -1.81 -23.58 -0.24
CA ASN A 254 -2.06 -24.73 -1.10
C ASN A 254 -1.11 -25.86 -0.77
N ARG A 255 0.13 -25.56 -0.43
CA ARG A 255 1.06 -26.62 0.01
C ARG A 255 0.56 -27.28 1.28
N CYS A 256 -0.06 -26.51 2.16
CA CYS A 256 -0.51 -27.06 3.43
C CYS A 256 -1.70 -27.97 3.23
N ALA A 257 -2.70 -27.54 2.46
CA ALA A 257 -3.80 -28.44 2.15
C ALA A 257 -3.33 -29.65 1.34
N SER A 258 -2.46 -29.43 0.36
CA SER A 258 -1.87 -30.53 -0.38
C SER A 258 -1.23 -31.55 0.55
N LEU A 259 -0.46 -31.07 1.52
CA LEU A 259 0.22 -32.00 2.42
C LEU A 259 -0.77 -32.72 3.31
N ASP A 260 -1.75 -32.02 3.89
CA ASP A 260 -2.58 -32.77 4.82
C ASP A 260 -3.51 -33.74 4.08
N GLU A 261 -3.81 -33.51 2.80
CA GLU A 261 -4.47 -34.58 2.06
C GLU A 261 -3.52 -35.72 1.69
N GLU A 262 -2.24 -35.42 1.46
CA GLU A 262 -1.26 -36.50 1.33
C GLU A 262 -1.23 -37.33 2.58
N LEU A 263 -1.52 -36.70 3.71
CA LEU A 263 -1.62 -37.34 5.00
C LEU A 263 -2.92 -38.11 5.17
N LYS A 264 -3.98 -37.73 4.46
CA LYS A 264 -5.22 -38.52 4.46
C LYS A 264 -4.95 -39.99 4.12
N SER A 265 -4.00 -40.25 3.22
CA SER A 265 -3.71 -41.59 2.72
C SER A 265 -2.90 -42.47 3.69
N TYR A 266 -2.57 -42.01 4.90
CA TYR A 266 -1.95 -42.90 5.88
C TYR A 266 -2.85 -43.19 7.06
N SER A 267 -4.02 -42.59 7.14
CA SER A 267 -4.79 -42.66 8.37
C SER A 267 -5.61 -43.94 8.41
N GLY A 268 -5.79 -44.46 9.61
CA GLY A 268 -6.78 -45.50 9.85
C GLY A 268 -6.40 -46.83 9.19
N ASP A 269 -7.40 -47.46 8.59
CA ASP A 269 -7.25 -48.83 8.10
C ASP A 269 -6.13 -48.97 7.08
N ASN A 270 -5.85 -47.94 6.27
CA ASN A 270 -4.90 -48.05 5.15
C ASN A 270 -3.56 -48.64 5.59
N ILE A 271 -3.04 -48.14 6.71
CA ILE A 271 -1.74 -48.59 7.18
C ILE A 271 -1.77 -50.07 7.53
N LYS A 272 -2.81 -50.52 8.24
CA LYS A 272 -2.86 -51.94 8.56
C LYS A 272 -3.12 -52.77 7.32
N ALA A 273 -3.90 -52.27 6.36
CA ALA A 273 -4.14 -53.02 5.13
C ALA A 273 -2.82 -53.34 4.45
N PHE A 274 -1.95 -52.34 4.35
CA PHE A 274 -0.64 -52.65 3.77
C PHE A 274 0.16 -53.59 4.67
N GLN A 275 0.03 -53.42 6.00
CA GLN A 275 0.72 -54.34 6.91
C GLN A 275 0.30 -55.79 6.66
N GLU A 276 -1.00 -56.02 6.48
CA GLU A 276 -1.50 -57.37 6.25
C GLU A 276 -1.01 -57.90 4.91
N LEU A 277 -0.96 -57.06 3.87
CA LEU A 277 -0.42 -57.54 2.61
C LEU A 277 1.07 -57.87 2.74
N GLN A 278 1.80 -57.08 3.51
CA GLN A 278 3.19 -57.40 3.83
C GLN A 278 3.33 -58.77 4.48
N GLU A 279 2.48 -59.02 5.49
CA GLU A 279 2.53 -60.29 6.20
C GLU A 279 2.25 -61.45 5.25
N LYS A 280 1.27 -61.28 4.36
CA LYS A 280 0.98 -62.33 3.37
C LYS A 280 2.18 -62.57 2.46
N ASP A 281 2.86 -61.49 2.05
CA ASP A 281 4.10 -61.63 1.30
C ASP A 281 5.10 -62.51 2.04
N ARG A 282 5.34 -62.19 3.31
CA ARG A 282 6.37 -62.93 4.06
C ARG A 282 5.98 -64.39 4.26
N GLU A 283 4.69 -64.65 4.48
CA GLU A 283 4.21 -66.03 4.55
C GLU A 283 4.55 -66.78 3.27
N LEU A 284 4.18 -66.22 2.12
CA LEU A 284 4.41 -66.91 0.86
C LEU A 284 5.90 -67.11 0.59
N GLN A 285 6.73 -66.14 0.96
CA GLN A 285 8.16 -66.32 0.68
C GLN A 285 8.76 -67.38 1.58
N SER A 286 8.32 -67.44 2.84
CA SER A 286 8.73 -68.54 3.70
C SER A 286 8.35 -69.87 3.09
N PHE A 287 7.13 -69.98 2.58
CA PHE A 287 6.66 -71.24 2.01
C PHE A 287 7.47 -71.61 0.76
N MSE A 288 7.77 -70.64 -0.09
CA MSE A 288 8.67 -70.85 -1.22
C MSE A 288 10.05 -71.34 -0.81
O MSE A 288 10.54 -72.32 -1.36
CB MSE A 288 8.84 -69.58 -2.04
CG MSE A 288 7.72 -69.35 -3.00
SE MSE A 288 7.92 -67.67 -3.96
CE MSE A 288 6.42 -67.89 -5.15
N ASP A 289 10.67 -70.65 0.15
CA ASP A 289 11.97 -71.12 0.63
C ASP A 289 11.89 -72.51 1.24
N SER A 290 10.72 -72.88 1.78
CA SER A 290 10.51 -74.24 2.28
C SER A 290 10.42 -75.26 1.15
N PHE A 291 10.01 -74.83 -0.05
CA PHE A 291 9.84 -75.78 -1.15
C PHE A 291 11.11 -76.52 -1.59
N PRO A 292 12.21 -75.84 -1.97
CA PRO A 292 13.24 -76.52 -2.80
C PRO A 292 13.99 -77.68 -2.13
N ALA A 293 14.40 -77.53 -0.87
CA ALA A 293 15.12 -78.60 -0.21
C ALA A 293 14.26 -79.85 -0.06
N LYS A 294 12.98 -79.66 0.32
CA LYS A 294 12.06 -80.79 0.41
C LYS A 294 11.81 -81.42 -0.96
N LEU A 295 11.80 -80.61 -2.02
CA LEU A 295 11.69 -81.16 -3.37
C LEU A 295 12.86 -82.11 -3.68
N LYS A 296 14.09 -81.66 -3.42
CA LYS A 296 15.25 -82.52 -3.67
C LYS A 296 15.21 -83.78 -2.82
N GLU A 297 14.77 -83.65 -1.55
CA GLU A 297 14.68 -84.81 -0.67
C GLU A 297 13.68 -85.84 -1.19
N GLU A 298 12.47 -85.40 -1.54
CA GLU A 298 11.48 -86.33 -2.06
C GLU A 298 11.95 -86.95 -3.38
N MSE A 299 12.65 -86.18 -4.20
CA MSE A 299 13.25 -86.70 -5.44
C MSE A 299 14.15 -87.90 -5.18
O MSE A 299 14.02 -88.97 -5.81
CB MSE A 299 14.05 -85.60 -6.15
N ASP A 300 15.08 -87.70 -4.24
CA ASP A 300 16.02 -88.77 -3.91
C ASP A 300 15.30 -89.97 -3.29
N LYS A 301 14.24 -89.74 -2.51
CA LYS A 301 13.44 -90.85 -1.99
C LYS A 301 12.80 -91.68 -3.11
N ILE A 302 12.23 -91.00 -4.11
CA ILE A 302 11.59 -91.71 -5.22
C ILE A 302 12.63 -92.52 -5.99
N THR A 303 13.83 -91.95 -6.18
CA THR A 303 14.88 -92.69 -6.86
C THR A 303 15.28 -93.93 -6.05
N GLU A 304 15.26 -93.81 -4.72
CA GLU A 304 15.55 -94.97 -3.87
C GLU A 304 14.51 -96.08 -4.05
N VAL A 305 13.23 -95.71 -4.10
CA VAL A 305 12.22 -96.77 -4.22
C VAL A 305 12.25 -97.41 -5.61
N GLN A 306 12.55 -96.65 -6.66
CA GLN A 306 12.69 -97.29 -7.97
C GLN A 306 13.95 -98.17 -8.03
N ARG A 307 15.00 -97.77 -7.32
CA ARG A 307 16.17 -98.64 -7.19
C ARG A 307 15.80 -99.95 -6.50
N ASN A 308 14.92 -99.87 -5.49
CA ASN A 308 14.48 -101.09 -4.83
C ASN A 308 13.58 -101.93 -5.74
N ILE A 309 12.87 -101.29 -6.68
CA ILE A 309 12.18 -102.03 -7.74
C ILE A 309 13.19 -102.91 -8.49
N ALA A 310 14.26 -102.28 -8.97
CA ALA A 310 15.30 -103.01 -9.67
C ALA A 310 15.87 -104.12 -8.80
N THR A 311 16.07 -103.85 -7.50
CA THR A 311 16.61 -104.85 -6.59
C THR A 311 15.72 -106.09 -6.51
N LEU A 312 14.41 -105.89 -6.32
CA LEU A 312 13.50 -107.03 -6.26
C LEU A 312 13.51 -107.82 -7.57
N LEU A 313 13.43 -107.11 -8.70
CA LEU A 313 13.36 -107.77 -9.99
C LEU A 313 14.61 -108.62 -10.25
N GLU A 314 15.78 -108.00 -10.13
CA GLU A 314 17.01 -108.72 -10.47
C GLU A 314 17.33 -109.80 -9.46
N ARG A 315 16.95 -109.63 -8.18
CA ARG A 315 17.16 -110.71 -7.23
C ARG A 315 16.30 -111.92 -7.57
N ILE A 316 15.06 -111.70 -8.01
CA ILE A 316 14.24 -112.83 -8.42
C ILE A 316 14.81 -113.46 -9.69
N SER A 317 15.33 -112.64 -10.60
CA SER A 317 15.95 -113.16 -11.82
C SER A 317 17.19 -113.99 -11.50
N GLN A 318 18.03 -113.51 -10.58
CA GLN A 318 19.23 -114.23 -10.16
C GLN A 318 18.88 -115.52 -9.43
N ALA A 319 17.73 -115.57 -8.75
CA ALA A 319 17.30 -116.83 -8.17
C ALA A 319 17.15 -117.91 -9.24
N LEU A 320 16.70 -117.53 -10.44
CA LEU A 320 16.50 -118.51 -11.50
C LEU A 320 17.83 -118.92 -12.16
N GLU A 321 18.65 -117.95 -12.55
CA GLU A 321 19.95 -118.19 -13.22
C GLU A 321 19.89 -119.24 -14.33
N GLU B 12 47.12 16.65 1.15
CA GLU B 12 47.97 17.83 1.29
C GLU B 12 47.34 18.86 2.23
N PRO B 13 48.12 19.43 3.15
CA PRO B 13 47.55 20.41 4.08
C PRO B 13 47.58 21.84 3.55
N SER B 14 46.43 22.52 3.65
CA SER B 14 46.33 23.93 3.30
C SER B 14 47.26 24.74 4.20
N GLU B 15 47.58 25.97 3.78
CA GLU B 15 48.37 26.78 4.69
C GLU B 15 47.62 27.03 5.99
N GLU B 16 46.29 26.95 5.97
CA GLU B 16 45.50 27.04 7.19
C GLU B 16 45.87 25.91 8.15
N GLU B 17 45.75 24.67 7.68
CA GLU B 17 46.07 23.51 8.51
C GLU B 17 47.51 23.54 8.98
N VAL B 18 48.43 23.96 8.12
CA VAL B 18 49.84 24.03 8.49
C VAL B 18 50.04 25.05 9.60
N LEU B 19 49.43 26.23 9.48
CA LEU B 19 49.58 27.23 10.51
C LEU B 19 48.98 26.74 11.82
N GLN B 20 47.83 26.08 11.74
CA GLN B 20 47.22 25.55 12.95
C GLN B 20 48.15 24.54 13.62
N TYR B 21 48.75 23.65 12.82
CA TYR B 21 49.66 22.67 13.41
C TYR B 21 50.85 23.37 14.03
N ILE B 22 51.42 24.33 13.32
CA ILE B 22 52.62 25.00 13.82
C ILE B 22 52.31 25.69 15.14
N VAL B 23 51.22 26.45 15.18
CA VAL B 23 50.90 27.17 16.40
C VAL B 23 50.65 26.20 17.53
N ASP B 24 49.88 25.13 17.28
CA ASP B 24 49.56 24.21 18.36
C ASP B 24 50.82 23.59 18.94
N ASN B 25 51.68 23.05 18.09
CA ASN B 25 52.85 22.37 18.62
C ASN B 25 53.93 23.34 19.11
N VAL B 26 54.05 24.54 18.56
CA VAL B 26 54.93 25.53 19.16
C VAL B 26 54.42 25.92 20.54
N ASN B 27 53.10 26.04 20.68
CA ASN B 27 52.55 26.31 22.00
C ASN B 27 52.82 25.16 22.96
N LYS B 28 52.75 23.93 22.48
CA LYS B 28 52.91 22.79 23.39
C LYS B 28 54.35 22.62 23.83
N LEU B 29 55.28 22.68 22.88
CA LEU B 29 56.69 22.43 23.16
C LEU B 29 57.31 23.52 24.02
N LEU B 30 56.98 24.77 23.74
CA LEU B 30 57.51 25.90 24.48
C LEU B 30 56.54 26.39 25.54
N SER B 31 55.41 25.70 25.72
CA SER B 31 54.39 26.04 26.72
C SER B 31 53.90 27.48 26.59
N ARG B 32 53.92 28.02 25.38
CA ARG B 32 53.41 29.36 25.10
C ARG B 32 51.91 29.28 24.74
N HIS B 33 51.23 30.42 24.72
CA HIS B 33 49.80 30.45 24.39
C HIS B 33 49.50 31.39 23.21
N TYR B 34 50.35 31.33 22.18
CA TYR B 34 50.16 32.14 20.98
C TYR B 34 48.77 31.89 20.39
N SER B 35 48.14 32.97 19.94
CA SER B 35 46.97 32.85 19.07
C SER B 35 47.44 32.90 17.62
N LEU B 36 46.55 32.50 16.72
CA LEU B 36 46.92 32.41 15.30
C LEU B 36 47.38 33.76 14.76
N VAL B 37 46.59 34.82 15.02
CA VAL B 37 47.03 36.16 14.63
C VAL B 37 48.40 36.48 15.21
N GLU B 38 48.57 36.27 16.53
CA GLU B 38 49.79 36.65 17.21
C GLU B 38 51.00 35.93 16.62
N PHE B 39 50.82 34.65 16.26
CA PHE B 39 51.95 33.93 15.69
C PHE B 39 52.21 34.39 14.26
N ASP B 40 51.14 34.60 13.49
CA ASP B 40 51.28 35.10 12.13
C ASP B 40 51.99 36.44 12.12
N ALA B 41 51.90 37.17 13.23
CA ALA B 41 52.55 38.45 13.43
C ALA B 41 54.04 38.33 13.65
N ILE B 42 54.60 37.13 13.71
CA ILE B 42 55.99 36.94 14.08
C ILE B 42 56.76 36.69 12.79
N GLN B 43 57.30 37.76 12.24
CA GLN B 43 58.23 37.68 11.12
C GLN B 43 59.56 38.27 11.58
N GLY B 44 60.59 38.09 10.76
CA GLY B 44 61.90 38.67 11.07
C GLY B 44 62.78 37.81 11.95
N THR B 45 63.69 38.43 12.70
CA THR B 45 64.54 37.63 13.57
C THR B 45 63.72 36.90 14.63
N ASP B 46 62.57 37.47 15.03
CA ASP B 46 61.78 36.84 16.08
C ASP B 46 61.31 35.45 15.67
N LEU B 47 60.94 35.27 14.40
CA LEU B 47 60.58 33.95 13.92
C LEU B 47 61.80 33.03 13.88
N LEU B 48 62.96 33.58 13.52
CA LEU B 48 64.19 32.82 13.63
C LEU B 48 64.41 32.32 15.05
N GLN B 49 64.12 33.16 16.04
CA GLN B 49 64.36 32.76 17.42
C GLN B 49 63.30 31.76 17.89
N ILE B 50 62.08 31.83 17.33
CA ILE B 50 61.12 30.75 17.52
C ILE B 50 61.73 29.41 17.14
N LEU B 51 62.21 29.31 15.91
CA LEU B 51 62.84 28.05 15.50
C LEU B 51 64.07 27.75 16.36
N ALA B 52 64.81 28.80 16.75
CA ALA B 52 65.98 28.62 17.59
C ALA B 52 65.61 28.00 18.92
N ASP B 53 64.47 28.40 19.48
CA ASP B 53 64.06 27.85 20.76
C ASP B 53 63.52 26.43 20.62
N ILE B 54 62.91 26.12 19.47
CA ILE B 54 62.62 24.72 19.17
C ILE B 54 63.91 23.92 19.25
N PHE B 55 64.97 24.41 18.63
CA PHE B 55 66.18 23.62 18.65
C PHE B 55 66.89 23.69 19.99
N GLY B 56 66.60 24.72 20.78
CA GLY B 56 67.10 24.77 22.14
C GLY B 56 66.41 23.81 23.06
N THR B 57 65.25 23.29 22.68
CA THR B 57 64.72 22.18 23.46
C THR B 57 65.39 20.87 23.09
N LEU B 58 66.06 20.81 21.94
CA LEU B 58 66.69 19.57 21.50
C LEU B 58 68.16 19.48 21.91
N SER B 59 68.91 20.57 21.79
CA SER B 59 70.32 20.65 22.17
C SER B 59 70.62 21.96 22.89
N PRO B 60 71.16 21.93 24.12
CA PRO B 60 71.45 23.21 24.80
C PRO B 60 72.43 24.07 24.04
N ALA B 61 73.33 23.45 23.27
CA ALA B 61 74.30 24.23 22.49
C ALA B 61 73.62 25.15 21.49
N GLN B 62 72.42 24.79 21.05
CA GLN B 62 71.69 25.56 20.05
C GLN B 62 70.95 26.76 20.63
N GLN B 63 70.88 26.90 21.96
CA GLN B 63 70.18 28.03 22.56
C GLN B 63 70.88 29.35 22.22
N ILE B 64 70.22 30.19 21.44
CA ILE B 64 70.78 31.44 20.93
C ILE B 64 69.85 32.57 21.27
N ASP B 65 70.40 33.76 21.50
CA ASP B 65 69.62 35.00 21.51
C ASP B 65 69.76 35.64 20.13
N MSE B 66 68.68 35.69 19.37
CA MSE B 66 68.75 36.28 18.04
C MSE B 66 68.60 37.78 18.12
O MSE B 66 68.93 38.50 17.16
CB MSE B 66 67.68 35.69 17.12
CG MSE B 66 67.86 34.21 16.91
SE MSE B 66 69.54 33.84 16.06
CE MSE B 66 69.47 31.92 16.16
N GLY B 67 68.10 38.26 19.25
CA GLY B 67 68.01 39.70 19.46
C GLY B 67 69.35 40.39 19.29
N VAL B 68 70.39 39.83 19.89
CA VAL B 68 71.73 40.39 19.78
C VAL B 68 72.67 39.28 19.34
N ALA B 69 72.76 39.04 18.03
CA ALA B 69 73.65 38.04 17.48
C ALA B 69 73.82 38.31 16.00
N PRO B 70 74.96 37.93 15.40
CA PRO B 70 75.13 38.16 13.96
C PRO B 70 74.18 37.30 13.16
N THR B 71 73.09 37.92 12.72
CA THR B 71 71.95 37.17 12.18
C THR B 71 72.35 36.28 11.01
N ASP B 72 73.25 36.75 10.13
CA ASP B 72 73.63 35.94 8.97
C ASP B 72 74.43 34.70 9.37
N GLU B 73 75.44 34.87 10.22
CA GLU B 73 76.28 33.74 10.59
C GLU B 73 75.52 32.76 11.47
N ALA B 74 74.68 33.27 12.37
CA ALA B 74 73.86 32.40 13.21
C ALA B 74 72.79 31.67 12.41
N ALA B 75 72.13 32.36 11.47
CA ALA B 75 71.16 31.68 10.61
C ALA B 75 71.82 30.59 9.77
N ALA B 76 73.04 30.82 9.31
CA ALA B 76 73.74 29.77 8.59
C ALA B 76 74.08 28.62 9.53
N SER B 77 74.50 28.92 10.76
CA SER B 77 74.77 27.88 11.75
C SER B 77 73.53 27.04 12.01
N MSE B 78 72.37 27.68 12.15
CA MSE B 78 71.10 26.99 12.32
C MSE B 78 70.84 26.07 11.15
O MSE B 78 70.49 24.90 11.33
CB MSE B 78 69.96 27.98 12.45
CG MSE B 78 69.93 28.78 13.72
SE MSE B 78 68.45 30.05 13.65
CE MSE B 78 66.95 28.81 13.82
N LEU B 79 70.99 26.61 9.94
CA LEU B 79 70.73 25.82 8.74
C LEU B 79 71.60 24.57 8.69
N GLU B 80 72.88 24.71 9.04
CA GLU B 80 73.74 23.53 9.10
C GLU B 80 73.24 22.52 10.11
N PHE B 81 72.71 23.01 11.24
CA PHE B 81 72.14 22.12 12.26
C PHE B 81 70.92 21.38 11.71
N LEU B 82 70.00 22.12 11.08
CA LEU B 82 68.77 21.50 10.60
C LEU B 82 69.04 20.55 9.43
N THR B 83 70.00 20.90 8.57
CA THR B 83 70.31 20.06 7.43
C THR B 83 71.11 18.82 7.82
N LYS B 84 72.17 19.01 8.63
CA LYS B 84 73.14 17.92 8.83
C LYS B 84 72.72 17.00 9.96
N THR B 85 72.53 17.53 11.17
CA THR B 85 72.19 16.64 12.28
C THR B 85 70.74 16.14 12.17
N LEU B 86 69.78 17.06 12.06
CA LEU B 86 68.38 16.65 11.99
C LEU B 86 68.03 15.98 10.66
N GLY B 87 68.68 16.36 9.57
CA GLY B 87 68.51 15.65 8.32
C GLY B 87 67.34 16.04 7.44
N TYR B 88 67.30 17.31 7.02
CA TYR B 88 66.29 17.80 6.10
C TYR B 88 66.93 18.70 5.06
N ARG B 89 66.52 18.50 3.81
CA ARG B 89 67.08 19.21 2.66
C ARG B 89 65.98 19.45 1.65
N VAL B 90 66.17 20.45 0.79
CA VAL B 90 65.18 20.73 -0.26
C VAL B 90 65.82 20.58 -1.65
N LEU B 94 64.96 23.68 -4.72
CA LEU B 94 65.27 25.09 -4.55
C LEU B 94 66.62 25.29 -3.86
N ALA B 95 67.63 24.58 -4.36
CA ALA B 95 68.92 24.51 -3.67
C ALA B 95 69.61 25.87 -3.58
N ASP B 96 69.55 26.68 -4.64
CA ASP B 96 70.27 27.95 -4.63
C ASP B 96 69.60 29.00 -3.75
N SER B 97 68.27 29.06 -3.76
CA SER B 97 67.54 30.06 -2.99
C SER B 97 67.38 29.71 -1.52
N PHE B 98 67.53 28.44 -1.14
CA PHE B 98 67.20 28.03 0.22
C PHE B 98 68.01 28.74 1.30
N PRO B 99 69.36 28.78 1.26
CA PRO B 99 70.06 29.48 2.35
C PRO B 99 69.90 30.98 2.31
N THR B 100 69.78 31.58 1.12
CA THR B 100 69.59 33.02 1.03
C THR B 100 68.23 33.42 1.61
N SER B 101 67.17 32.72 1.21
CA SER B 101 65.81 33.05 1.68
C SER B 101 65.58 32.59 3.12
N PHE B 102 66.29 31.54 3.57
CA PHE B 102 66.27 31.12 4.98
C PHE B 102 67.01 32.13 5.86
N SER B 103 68.04 32.78 5.32
CA SER B 103 68.62 33.91 6.03
C SER B 103 67.54 34.95 6.30
N ARG B 104 66.77 35.29 5.26
CA ARG B 104 65.57 36.06 5.46
C ARG B 104 64.60 35.23 6.30
N ALA B 105 63.73 35.92 7.02
CA ALA B 105 62.70 35.23 7.79
C ALA B 105 61.49 34.96 6.90
N GLU B 106 61.75 34.22 5.84
CA GLU B 106 60.75 34.03 4.80
C GLU B 106 59.78 32.93 5.21
N PRO B 107 58.54 33.27 5.52
CA PRO B 107 57.56 32.24 5.91
C PRO B 107 57.43 31.13 4.90
N THR B 108 57.47 31.47 3.61
CA THR B 108 57.37 30.46 2.56
C THR B 108 58.47 29.39 2.66
N VAL B 109 59.56 29.67 3.36
CA VAL B 109 60.56 28.64 3.64
C VAL B 109 60.53 28.20 5.10
N ILE B 110 60.13 29.07 6.02
CA ILE B 110 60.23 28.74 7.43
C ILE B 110 59.09 27.82 7.87
N TYR B 111 57.86 28.15 7.49
CA TYR B 111 56.73 27.31 7.92
C TYR B 111 56.89 25.85 7.55
N PRO B 112 57.31 25.48 6.34
CA PRO B 112 57.54 24.05 6.09
C PRO B 112 58.64 23.45 6.96
N THR B 113 59.66 24.23 7.33
CA THR B 113 60.68 23.70 8.24
C THR B 113 60.13 23.51 9.65
N LEU B 114 59.38 24.49 10.15
CA LEU B 114 58.73 24.32 11.44
C LEU B 114 57.82 23.10 11.42
N TYR B 115 57.07 22.93 10.33
CA TYR B 115 56.17 21.79 10.22
C TYR B 115 56.98 20.50 10.31
N TRP B 116 58.07 20.42 9.55
CA TRP B 116 58.84 19.19 9.53
C TRP B 116 59.45 18.88 10.88
N VAL B 117 59.95 19.91 11.58
CA VAL B 117 60.62 19.64 12.84
C VAL B 117 59.60 19.29 13.92
N LEU B 118 58.49 20.03 13.98
CA LEU B 118 57.47 19.73 14.98
C LEU B 118 56.77 18.42 14.71
N SER B 119 56.85 17.89 13.47
CA SER B 119 56.27 16.57 13.21
C SER B 119 57.19 15.48 13.71
N ASN B 120 58.43 15.46 13.22
CA ASN B 120 59.35 14.36 13.52
C ASN B 120 60.15 14.63 14.79
N MSE B 121 59.48 14.98 15.87
CA MSE B 121 60.21 15.52 17.01
C MSE B 121 61.02 14.43 17.70
O MSE B 121 62.15 14.63 18.16
CB MSE B 121 59.25 16.19 17.98
CG MSE B 121 59.95 17.04 19.00
SE MSE B 121 60.73 18.64 18.15
CE MSE B 121 61.53 19.40 19.74
N GLN B 122 60.43 13.23 17.74
CA GLN B 122 61.08 12.11 18.39
C GLN B 122 62.37 11.74 17.66
N GLN B 123 62.32 11.73 16.32
CA GLN B 123 63.54 11.48 15.57
C GLN B 123 64.57 12.56 15.80
N ASN B 124 64.13 13.80 16.00
CA ASN B 124 65.12 14.83 16.30
C ASN B 124 65.82 14.53 17.60
N GLU B 125 65.07 14.06 18.61
CA GLU B 125 65.68 13.69 19.88
C GLU B 125 66.74 12.61 19.67
N LYS B 126 66.35 11.51 19.02
CA LYS B 126 67.29 10.41 18.82
C LYS B 126 68.50 10.87 17.99
N ARG B 127 68.24 11.68 16.97
CA ARG B 127 69.30 12.13 16.08
C ARG B 127 70.32 12.94 16.83
N VAL B 128 69.88 13.90 17.66
CA VAL B 128 70.83 14.73 18.38
C VAL B 128 71.58 13.91 19.43
N TYR B 129 70.94 12.88 19.99
CA TYR B 129 71.64 12.00 20.92
C TYR B 129 72.81 11.31 20.24
N LEU B 130 72.56 10.72 19.08
CA LEU B 130 73.65 10.06 18.35
C LEU B 130 74.70 11.07 17.91
N ALA B 131 74.26 12.25 17.47
CA ALA B 131 75.22 13.23 16.98
C ALA B 131 76.15 13.66 18.10
N ARG B 132 75.63 13.78 19.32
CA ARG B 132 76.51 14.08 20.44
C ARG B 132 77.49 12.95 20.67
N PHE B 133 77.06 11.70 20.47
CA PHE B 133 77.90 10.59 20.89
C PHE B 133 78.74 9.92 19.81
N LEU B 134 78.22 9.73 18.59
CA LEU B 134 78.87 8.84 17.64
C LEU B 134 80.07 9.45 16.92
N GLN B 135 79.94 10.66 16.37
CA GLN B 135 80.86 11.04 15.31
C GLN B 135 81.77 12.21 15.70
N ARG B 136 82.38 12.82 14.67
CA ARG B 136 83.37 13.90 14.75
C ARG B 136 84.80 13.42 15.04
N LEU B 137 85.19 12.27 14.49
CA LEU B 137 86.61 11.90 14.38
C LEU B 137 86.91 11.35 12.99
N GLU B 138 87.87 11.97 12.28
CA GLU B 138 88.49 11.43 11.07
C GLU B 138 89.99 11.71 11.05
N ILE B 139 90.67 11.51 12.18
CA ILE B 139 92.08 11.92 12.29
C ILE B 139 92.96 11.02 11.43
N PRO B 140 93.88 11.57 10.64
CA PRO B 140 94.85 10.73 9.92
C PRO B 140 95.75 9.96 10.90
N GLU B 141 96.29 8.84 10.41
CA GLU B 141 97.02 7.90 11.27
C GLU B 141 98.46 8.31 11.52
N ALA B 142 98.87 9.51 11.08
CA ALA B 142 100.27 9.90 11.16
C ALA B 142 100.78 9.86 12.60
N MSE B 143 100.22 10.71 13.46
CA MSE B 143 100.62 10.71 14.86
C MSE B 143 100.18 9.39 15.49
O MSE B 143 100.80 8.90 16.44
CB MSE B 143 100.03 11.91 15.62
CG MSE B 143 100.56 12.07 17.06
SE MSE B 143 100.06 13.72 18.00
CE MSE B 143 100.91 13.37 19.72
N LEU B 144 99.10 8.81 14.94
CA LEU B 144 98.64 7.50 15.39
C LEU B 144 99.66 6.42 15.11
N ALA B 145 100.41 6.55 14.01
CA ALA B 145 101.51 5.65 13.72
C ALA B 145 102.83 6.13 14.31
N GLN B 146 102.86 7.30 14.92
CA GLN B 146 104.09 7.80 15.56
C GLN B 146 104.31 7.16 16.93
N ASP B 147 103.38 7.38 17.86
CA ASP B 147 103.46 6.78 19.18
C ASP B 147 102.26 5.86 19.39
N GLU B 148 102.52 4.58 19.69
CA GLU B 148 101.46 3.61 19.83
C GLU B 148 100.66 3.81 21.11
N ASP B 149 101.11 4.69 22.01
CA ASP B 149 100.42 4.90 23.27
C ASP B 149 99.04 5.52 23.05
N VAL B 150 99.00 6.68 22.37
CA VAL B 150 97.71 7.28 22.06
C VAL B 150 96.95 6.47 21.01
N ARG B 151 97.64 5.67 20.19
CA ARG B 151 96.94 4.77 19.29
C ARG B 151 96.16 3.71 20.06
N ALA B 152 96.72 3.21 21.16
CA ALA B 152 95.96 2.30 22.01
C ALA B 152 94.87 3.03 22.78
N LEU B 153 95.12 4.30 23.14
CA LEU B 153 94.05 5.11 23.71
C LEU B 153 92.87 5.24 22.73
N TYR B 154 93.18 5.41 21.44
CA TYR B 154 92.14 5.50 20.42
C TYR B 154 91.47 4.14 20.17
N GLN B 155 92.23 3.05 20.29
CA GLN B 155 91.60 1.73 20.28
C GLN B 155 90.61 1.58 21.43
N GLN B 156 90.99 2.08 22.61
CA GLN B 156 90.06 2.18 23.73
C GLN B 156 88.81 2.97 23.34
N TYR B 157 89.00 4.09 22.65
CA TYR B 157 87.85 4.91 22.28
C TYR B 157 86.92 4.17 21.31
N VAL B 158 87.49 3.45 20.33
CA VAL B 158 86.65 2.88 19.31
C VAL B 158 85.93 1.62 19.83
N ASN B 159 86.60 0.82 20.65
CA ASN B 159 85.86 -0.30 21.21
C ASN B 159 84.92 0.14 22.34
N LEU B 160 85.16 1.30 22.96
CA LEU B 160 84.11 1.91 23.76
C LEU B 160 82.90 2.27 22.93
N ARG B 161 83.12 2.80 21.72
CA ARG B 161 81.98 3.08 20.86
C ARG B 161 81.26 1.81 20.43
N GLY B 162 81.99 0.70 20.31
CA GLY B 162 81.35 -0.57 20.02
C GLY B 162 80.49 -1.05 21.19
N MSE B 163 81.04 -0.99 22.41
CA MSE B 163 80.24 -1.19 23.63
C MSE B 163 78.99 -0.34 23.61
O MSE B 163 77.91 -0.78 24.02
CB MSE B 163 81.00 -0.85 24.91
CG MSE B 163 82.00 -1.87 25.44
SE MSE B 163 82.61 -1.25 27.20
CE MSE B 163 80.97 -1.55 28.22
N PHE B 164 79.16 0.90 23.17
CA PHE B 164 78.06 1.84 23.24
C PHE B 164 76.94 1.47 22.29
N VAL B 165 77.26 1.07 21.07
CA VAL B 165 76.19 0.70 20.16
C VAL B 165 75.54 -0.62 20.58
N ASN B 166 76.34 -1.57 21.07
CA ASN B 166 75.77 -2.83 21.56
C ASN B 166 74.78 -2.59 22.70
N THR B 167 75.26 -2.02 23.81
CA THR B 167 74.36 -1.79 24.93
C THR B 167 73.27 -0.78 24.61
N HIS B 168 73.44 0.11 23.64
CA HIS B 168 72.37 1.05 23.36
C HIS B 168 71.21 0.41 22.60
N ARG B 169 71.50 -0.35 21.53
CA ARG B 169 70.38 -1.02 20.87
C ARG B 169 69.73 -2.03 21.80
N ARG B 170 70.51 -2.73 22.64
CA ARG B 170 69.90 -3.64 23.61
C ARG B 170 69.00 -2.90 24.59
N VAL B 171 69.49 -1.78 25.13
CA VAL B 171 68.72 -1.02 26.11
C VAL B 171 67.48 -0.42 25.47
N ASP B 172 67.59 0.11 24.26
CA ASP B 172 66.42 0.72 23.63
C ASP B 172 65.35 -0.32 23.29
N ALA B 173 65.78 -1.49 22.77
CA ALA B 173 64.80 -2.53 22.46
C ALA B 173 64.12 -3.06 23.72
N LEU B 174 64.87 -3.24 24.80
CA LEU B 174 64.25 -3.71 26.03
C LEU B 174 63.45 -2.63 26.74
N ARG B 175 63.86 -1.35 26.63
CA ARG B 175 63.11 -0.26 27.24
C ARG B 175 61.77 -0.05 26.55
N THR B 176 61.72 -0.25 25.22
CA THR B 176 60.42 -0.26 24.55
C THR B 176 59.64 -1.54 24.83
N ALA B 177 60.32 -2.67 25.08
CA ALA B 177 59.62 -3.94 25.30
C ALA B 177 58.84 -3.97 26.61
N HIS B 178 59.43 -3.49 27.71
CA HIS B 178 58.78 -3.51 29.02
C HIS B 178 57.94 -2.27 29.24
N ALA B 179 56.73 -2.48 29.77
CA ALA B 179 55.76 -1.41 29.93
C ALA B 179 55.96 -0.64 31.24
N ASP B 180 55.29 0.50 31.32
CA ASP B 180 55.40 1.40 32.46
C ASP B 180 54.48 0.97 33.59
N PRO B 181 55.00 0.66 34.79
CA PRO B 181 54.13 0.18 35.88
C PRO B 181 53.45 1.31 36.65
N ALA B 182 53.37 2.51 36.07
CA ALA B 182 52.76 3.63 36.77
C ALA B 182 51.26 3.42 36.95
N ASP B 183 50.54 3.10 35.87
CA ASP B 183 49.11 2.87 35.99
C ASP B 183 48.82 1.66 36.88
N ALA B 184 49.71 0.66 36.86
CA ALA B 184 49.52 -0.54 37.68
C ALA B 184 49.66 -0.24 39.17
N ARG B 185 50.72 0.48 39.54
CA ARG B 185 50.85 0.90 40.94
C ARG B 185 49.70 1.81 41.36
N ARG B 186 49.19 2.63 40.43
CA ARG B 186 48.03 3.46 40.76
C ARG B 186 46.82 2.59 41.08
N ALA B 187 46.54 1.59 40.24
CA ALA B 187 45.42 0.69 40.51
C ALA B 187 45.60 -0.06 41.82
N VAL B 188 46.82 -0.54 42.08
CA VAL B 188 47.09 -1.30 43.29
C VAL B 188 46.87 -0.43 44.54
N THR B 189 47.35 0.82 44.50
CA THR B 189 47.15 1.70 45.66
C THR B 189 45.67 2.07 45.83
N VAL B 190 44.94 2.26 44.73
CA VAL B 190 43.50 2.51 44.84
C VAL B 190 42.80 1.33 45.50
N LEU B 191 43.14 0.11 45.08
CA LEU B 191 42.54 -1.08 45.69
C LEU B 191 42.90 -1.20 47.16
N GLU B 192 44.15 -0.91 47.53
CA GLU B 192 44.51 -0.95 48.94
C GLU B 192 43.69 0.05 49.74
N GLU B 193 43.54 1.27 49.21
CA GLU B 193 42.72 2.27 49.89
C GLU B 193 41.26 1.84 49.96
N GLU B 194 40.76 1.22 48.89
CA GLU B 194 39.39 0.71 48.88
C GLU B 194 39.18 -0.34 49.95
N CYS B 195 40.13 -1.28 50.08
CA CYS B 195 40.06 -2.31 51.10
C CYS B 195 40.07 -1.69 52.48
N ASP B 196 40.95 -0.71 52.71
CA ASP B 196 41.04 -0.07 54.02
C ASP B 196 39.71 0.62 54.35
N ARG B 197 39.10 1.28 53.37
CA ARG B 197 37.79 1.89 53.58
C ARG B 197 36.74 0.84 53.91
N LEU B 198 36.77 -0.29 53.20
CA LEU B 198 35.81 -1.36 53.44
C LEU B 198 35.97 -1.94 54.84
N ARG B 199 37.20 -2.22 55.27
CA ARG B 199 37.43 -2.76 56.61
C ARG B 199 36.96 -1.77 57.66
N GLY B 200 37.11 -0.47 57.39
CA GLY B 200 36.53 0.51 58.31
C GLY B 200 35.02 0.44 58.33
N TYR B 201 34.41 0.36 57.14
CA TYR B 201 32.96 0.23 57.07
C TYR B 201 32.49 -0.98 57.85
N ILE B 202 33.23 -2.09 57.75
CA ILE B 202 32.89 -3.33 58.45
C ILE B 202 33.07 -3.15 59.95
N GLN B 203 34.12 -2.43 60.36
CA GLN B 203 34.28 -2.13 61.78
C GLN B 203 33.06 -1.39 62.30
N VAL B 204 32.58 -0.39 61.56
CA VAL B 204 31.36 0.34 61.92
C VAL B 204 30.18 -0.62 61.99
N ALA B 205 30.10 -1.53 61.03
CA ALA B 205 28.96 -2.45 60.94
C ALA B 205 28.93 -3.39 62.15
N GLU B 206 30.03 -4.10 62.38
CA GLU B 206 30.07 -5.02 63.50
C GLU B 206 30.07 -4.30 64.84
N LYS B 207 30.42 -3.01 64.88
CA LYS B 207 30.21 -2.24 66.09
C LYS B 207 28.73 -1.92 66.31
N LYS B 208 27.99 -1.64 65.23
CA LYS B 208 26.55 -1.42 65.37
C LYS B 208 25.81 -2.71 65.70
N LEU B 209 26.35 -3.86 65.32
CA LEU B 209 25.72 -5.16 65.54
C LEU B 209 26.18 -5.82 66.83
N ALA B 210 26.83 -5.09 67.73
CA ALA B 210 27.36 -5.70 68.95
C ALA B 210 26.24 -6.11 69.90
N GLY B 211 25.29 -5.21 70.15
CA GLY B 211 24.22 -5.42 71.11
C GLY B 211 23.04 -6.27 70.65
N VAL B 212 23.22 -7.06 69.60
CA VAL B 212 22.16 -7.93 69.10
C VAL B 212 21.93 -9.06 70.10
N PRO B 213 20.71 -9.62 70.19
CA PRO B 213 20.46 -10.71 71.14
C PRO B 213 21.33 -11.94 70.90
N ASP B 214 21.20 -12.59 69.75
CA ASP B 214 22.09 -13.66 69.36
C ASP B 214 22.96 -13.13 68.25
N LYS B 215 24.27 -13.18 68.43
CA LYS B 215 25.14 -12.44 67.52
C LYS B 215 25.56 -13.33 66.34
N GLU B 216 26.40 -14.34 66.60
CA GLU B 216 26.83 -15.15 65.48
C GLU B 216 25.67 -15.95 64.93
N ALA B 217 24.66 -16.22 65.76
CA ALA B 217 23.48 -16.91 65.26
C ALA B 217 22.81 -16.09 64.17
N LEU B 218 22.47 -14.83 64.48
CA LEU B 218 21.81 -13.99 63.50
C LEU B 218 22.69 -13.76 62.29
N LEU B 219 23.98 -13.54 62.48
CA LEU B 219 24.83 -13.24 61.34
C LEU B 219 24.99 -14.44 60.42
N ASN B 220 25.12 -15.64 60.98
CA ASN B 220 25.16 -16.81 60.12
C ASN B 220 23.83 -17.04 59.41
N ALA B 221 22.72 -16.81 60.11
CA ALA B 221 21.42 -16.95 59.47
C ALA B 221 21.31 -16.02 58.28
N CYS B 222 21.70 -14.76 58.49
CA CYS B 222 21.60 -13.76 57.43
C CYS B 222 22.61 -14.03 56.33
N LYS B 223 23.79 -14.49 56.67
CA LYS B 223 24.75 -14.86 55.65
C LYS B 223 24.16 -15.92 54.73
N SER B 224 23.48 -16.92 55.32
CA SER B 224 22.83 -17.97 54.53
C SER B 224 21.66 -17.44 53.70
N LEU B 225 20.84 -16.59 54.30
CA LEU B 225 19.73 -15.98 53.59
C LEU B 225 20.22 -15.16 52.41
N ARG B 226 21.25 -14.35 52.64
CA ARG B 226 21.79 -13.57 51.55
C ARG B 226 22.28 -14.47 50.43
N ALA B 227 23.02 -15.52 50.73
CA ALA B 227 23.47 -16.36 49.64
C ALA B 227 22.29 -16.95 48.90
N ALA B 228 21.22 -17.25 49.65
CA ALA B 228 20.01 -17.78 49.03
C ALA B 228 19.41 -16.78 48.08
N LEU B 229 19.34 -15.52 48.49
CA LEU B 229 18.75 -14.46 47.66
C LEU B 229 19.58 -14.22 46.40
N GLU B 230 20.91 -14.22 46.51
CA GLU B 230 21.75 -14.03 45.33
C GLU B 230 21.61 -15.19 44.35
N GLU B 231 21.58 -16.44 44.82
CA GLU B 231 21.32 -17.54 43.91
C GLU B 231 19.92 -17.46 43.31
N GLU B 232 18.94 -16.99 44.09
CA GLU B 232 17.60 -16.79 43.56
C GLU B 232 17.64 -15.89 42.34
N SER B 233 18.24 -14.71 42.50
CA SER B 233 18.23 -13.72 41.43
C SER B 233 19.05 -14.18 40.25
N ARG B 234 20.16 -14.89 40.49
CA ARG B 234 20.90 -15.39 39.34
C ARG B 234 20.13 -16.44 38.58
N LEU B 235 19.42 -17.31 39.29
CA LEU B 235 18.61 -18.29 38.59
C LEU B 235 17.49 -17.62 37.80
N ALA B 236 16.82 -16.64 38.40
CA ALA B 236 15.81 -15.89 37.65
C ALA B 236 16.39 -15.36 36.35
N GLU B 237 17.55 -14.71 36.41
CA GLU B 237 18.06 -14.09 35.21
C GLU B 237 18.47 -15.13 34.18
N LYS B 238 19.17 -16.18 34.59
CA LYS B 238 19.57 -17.19 33.61
C LYS B 238 18.35 -17.85 33.01
N GLY B 239 17.29 -17.99 33.79
CA GLY B 239 16.07 -18.55 33.26
C GLY B 239 15.50 -17.68 32.17
N VAL B 240 15.36 -16.38 32.47
CA VAL B 240 14.85 -15.46 31.48
C VAL B 240 15.71 -15.50 30.22
N GLU B 241 17.03 -15.50 30.39
CA GLU B 241 17.95 -15.56 29.26
C GLU B 241 17.73 -16.81 28.43
N LEU B 242 17.59 -17.95 29.08
CA LEU B 242 17.45 -19.19 28.32
C LEU B 242 16.12 -19.22 27.59
N GLN B 243 15.07 -18.74 28.22
CA GLN B 243 13.77 -18.64 27.56
C GLN B 243 13.83 -17.77 26.30
N GLN B 244 14.36 -16.57 26.43
CA GLN B 244 14.40 -15.73 25.25
C GLN B 244 15.32 -16.30 24.20
N GLN B 245 16.39 -16.97 24.60
CA GLN B 245 17.31 -17.42 23.59
C GLN B 245 16.71 -18.58 22.82
N LEU B 246 15.90 -19.38 23.49
CA LEU B 246 15.05 -20.35 22.82
C LEU B 246 14.20 -19.67 21.78
N ILE B 247 13.35 -18.74 22.24
CA ILE B 247 12.39 -18.08 21.34
C ILE B 247 13.10 -17.60 20.09
N SER B 248 14.25 -16.98 20.27
CA SER B 248 14.99 -16.42 19.15
C SER B 248 15.54 -17.51 18.24
N SER B 249 15.96 -18.64 18.79
CA SER B 249 16.48 -19.68 17.89
C SER B 249 15.34 -20.30 17.07
N ARG B 250 14.17 -20.42 17.70
CA ARG B 250 12.96 -20.78 16.99
C ARG B 250 12.71 -19.85 15.82
N GLN B 251 12.66 -18.54 16.11
CA GLN B 251 12.44 -17.52 15.09
C GLN B 251 13.45 -17.64 13.96
N ARG B 252 14.70 -17.95 14.28
CA ARG B 252 15.66 -18.08 13.20
C ARG B 252 15.33 -19.28 12.33
N SER B 253 14.82 -20.34 12.94
CA SER B 253 14.33 -21.45 12.11
C SER B 253 13.20 -20.99 11.19
N THR B 254 12.19 -20.33 11.75
CA THR B 254 11.10 -19.83 10.92
C THR B 254 11.62 -19.01 9.74
N GLU B 255 12.60 -18.13 10.03
CA GLU B 255 13.27 -17.38 8.98
C GLU B 255 13.93 -18.29 7.96
N MSE B 256 14.54 -19.37 8.41
CA MSE B 256 15.19 -20.27 7.49
C MSE B 256 14.16 -20.87 6.53
O MSE B 256 14.41 -21.05 5.35
CB MSE B 256 15.94 -21.36 8.24
CG MSE B 256 17.11 -20.81 9.01
SE MSE B 256 18.34 -20.04 7.72
CE MSE B 256 19.67 -19.28 8.90
N HIS B 257 12.98 -21.14 7.07
CA HIS B 257 11.92 -21.68 6.25
C HIS B 257 11.45 -20.65 5.22
N ASN B 258 11.22 -19.40 5.66
CA ASN B 258 10.94 -18.31 4.72
C ASN B 258 11.98 -18.22 3.63
N ARG B 259 13.26 -18.37 3.99
CA ARG B 259 14.31 -18.31 2.99
C ARG B 259 14.16 -19.49 2.04
N LEU B 260 13.76 -20.64 2.56
CA LEU B 260 13.60 -21.81 1.71
C LEU B 260 12.45 -21.61 0.72
N GLN B 261 11.32 -21.11 1.21
CA GLN B 261 10.19 -20.79 0.33
C GLN B 261 10.63 -19.87 -0.79
N ASN B 262 11.33 -18.79 -0.41
CA ASN B 262 11.80 -17.86 -1.42
C ASN B 262 12.80 -18.54 -2.35
N LEU B 263 13.55 -19.52 -1.87
CA LEU B 263 14.48 -20.21 -2.77
C LEU B 263 13.73 -21.04 -3.80
N ARG B 264 12.64 -21.71 -3.39
CA ARG B 264 11.93 -22.49 -4.41
C ARG B 264 11.18 -21.59 -5.38
N ARG B 265 10.53 -20.54 -4.86
CA ARG B 265 9.89 -19.58 -5.77
C ARG B 265 10.89 -18.95 -6.74
N ASP B 266 12.07 -18.58 -6.25
CA ASP B 266 13.04 -17.98 -7.14
C ASP B 266 13.61 -19.00 -8.10
N ALA B 267 13.69 -20.27 -7.70
CA ALA B 267 14.12 -21.32 -8.62
C ALA B 267 13.09 -21.51 -9.74
N ALA B 268 11.83 -21.20 -9.46
CA ALA B 268 10.80 -21.23 -10.50
C ALA B 268 11.19 -20.38 -11.71
N ASP B 269 11.39 -19.07 -11.52
CA ASP B 269 11.85 -18.19 -12.59
C ASP B 269 13.37 -18.21 -12.60
N GLY B 270 13.97 -18.93 -13.53
CA GLY B 270 15.42 -18.94 -13.64
C GLY B 270 15.98 -17.55 -13.91
N ARG B 271 15.07 -16.59 -14.00
CA ARG B 271 15.36 -15.21 -14.35
C ARG B 271 16.11 -14.51 -13.22
N VAL B 272 17.43 -14.41 -13.33
CA VAL B 272 18.21 -13.76 -12.27
C VAL B 272 17.73 -12.35 -12.06
N ASP B 273 17.45 -11.63 -13.14
CA ASP B 273 17.10 -10.23 -12.99
C ASP B 273 15.87 -10.05 -12.10
N VAL B 274 14.81 -10.81 -12.34
CA VAL B 274 13.60 -10.60 -11.55
C VAL B 274 13.83 -11.00 -10.10
N ILE B 275 14.65 -12.04 -9.89
CA ILE B 275 15.02 -12.44 -8.54
C ILE B 275 15.68 -11.27 -7.83
N VAL B 276 16.63 -10.62 -8.51
CA VAL B 276 17.36 -9.53 -7.88
C VAL B 276 16.44 -8.33 -7.64
N ARG B 277 15.46 -8.13 -8.52
CA ARG B 277 14.52 -7.04 -8.29
C ARG B 277 13.70 -7.27 -7.01
N ARG B 278 13.16 -8.48 -6.84
CA ARG B 278 12.39 -8.74 -5.62
C ARG B 278 13.29 -8.79 -4.39
N LEU B 279 14.52 -9.31 -4.53
CA LEU B 279 15.45 -9.27 -3.40
C LEU B 279 15.67 -7.85 -2.95
N ARG B 280 15.97 -6.95 -3.88
CA ARG B 280 16.22 -5.57 -3.54
C ARG B 280 15.00 -4.93 -2.89
N ASP B 281 13.81 -5.28 -3.37
CA ASP B 281 12.63 -4.72 -2.73
C ASP B 281 12.52 -5.15 -1.27
N GLU B 282 12.81 -6.42 -0.98
CA GLU B 282 12.80 -6.80 0.44
C GLU B 282 14.02 -6.23 1.18
N ILE B 283 15.18 -6.12 0.54
CA ILE B 283 16.33 -5.52 1.20
C ILE B 283 15.97 -4.14 1.70
N GLN B 284 15.36 -3.33 0.85
CA GLN B 284 15.04 -2.02 1.37
C GLN B 284 13.84 -2.04 2.30
N THR B 285 12.92 -3.02 2.20
CA THR B 285 11.90 -3.03 3.25
C THR B 285 12.51 -3.34 4.61
N ASN B 286 13.55 -4.18 4.66
CA ASN B 286 14.23 -4.40 5.94
C ASN B 286 15.04 -3.18 6.31
N LYS B 287 15.69 -2.59 5.32
CA LYS B 287 16.49 -1.41 5.50
C LYS B 287 15.64 -0.29 6.07
N MSE B 288 14.35 -0.33 5.86
CA MSE B 288 13.45 0.64 6.47
C MSE B 288 13.50 0.59 7.98
O MSE B 288 13.75 1.60 8.62
CB MSE B 288 12.03 0.42 5.97
CG MSE B 288 11.79 1.05 4.58
SE MSE B 288 10.12 0.54 3.77
CE MSE B 288 8.99 1.12 5.22
N ILE B 289 13.31 -0.59 8.56
CA ILE B 289 13.33 -0.71 10.02
C ILE B 289 14.74 -0.84 10.62
N ILE B 290 15.75 -1.21 9.82
CA ILE B 290 17.06 -1.39 10.41
C ILE B 290 17.86 -0.10 10.41
N GLU B 291 17.45 0.93 9.67
CA GLU B 291 18.26 2.14 9.63
C GLU B 291 18.08 2.99 10.90
N GLU B 292 16.84 3.26 11.31
CA GLU B 292 16.69 3.99 12.57
C GLU B 292 15.76 3.32 13.58
N GLN B 293 14.60 2.84 13.12
CA GLN B 293 13.53 2.50 14.06
C GLN B 293 13.94 1.41 15.05
N LEU B 294 14.61 0.36 14.57
CA LEU B 294 15.00 -0.69 15.50
C LEU B 294 16.18 -0.26 16.36
N PRO B 295 17.21 0.39 15.84
CA PRO B 295 18.26 0.90 16.74
C PRO B 295 17.74 1.90 17.76
N LYS B 296 16.73 2.68 17.44
CA LYS B 296 16.20 3.59 18.43
C LYS B 296 15.46 2.83 19.54
N GLU B 297 14.63 1.85 19.18
CA GLU B 297 13.95 1.04 20.19
C GLU B 297 14.95 0.29 21.05
N LEU B 298 15.99 -0.25 20.40
CA LEU B 298 17.05 -0.95 21.12
C LEU B 298 17.72 -0.03 22.12
N GLN B 299 18.15 1.14 21.66
CA GLN B 299 18.82 2.09 22.53
C GLN B 299 17.92 2.50 23.70
N GLN B 300 16.66 2.80 23.43
CA GLN B 300 15.77 3.21 24.51
C GLN B 300 15.61 2.11 25.54
N LYS B 301 15.49 0.85 25.09
CA LYS B 301 15.38 -0.24 26.06
C LYS B 301 16.68 -0.40 26.84
N GLN B 302 17.82 -0.34 26.15
CA GLN B 302 19.11 -0.41 26.83
C GLN B 302 19.22 0.64 27.92
N ARG B 303 18.84 1.87 27.59
CA ARG B 303 18.92 2.95 28.57
C ARG B 303 17.91 2.73 29.71
N GLU B 304 16.67 2.38 29.39
CA GLU B 304 15.69 2.15 30.44
C GLU B 304 16.17 1.09 31.44
N ASN B 305 16.73 -0.01 30.92
CA ASN B 305 17.26 -1.05 31.80
C ASN B 305 18.45 -0.53 32.61
N ALA B 306 19.36 0.23 31.97
CA ALA B 306 20.50 0.76 32.70
C ALA B 306 20.06 1.68 33.82
N GLU B 307 19.09 2.55 33.55
CA GLU B 307 18.63 3.48 34.57
C GLU B 307 17.91 2.75 35.68
N PHE B 308 17.24 1.63 35.38
CA PHE B 308 16.66 0.90 36.51
C PHE B 308 17.71 0.12 37.30
N ASP B 309 18.74 -0.41 36.65
CA ASP B 309 19.85 -1.03 37.38
C ASP B 309 20.50 -0.04 38.32
N ARG B 310 20.70 1.19 37.86
CA ARG B 310 21.29 2.20 38.73
C ARG B 310 20.30 2.65 39.80
N LEU B 311 18.99 2.56 39.53
CA LEU B 311 18.01 2.86 40.57
C LEU B 311 18.00 1.81 41.67
N ILE B 312 18.24 0.54 41.31
CA ILE B 312 18.23 -0.49 42.36
C ILE B 312 19.58 -0.58 43.08
N SER B 313 20.70 -0.30 42.39
CA SER B 313 22.00 -0.45 43.03
C SER B 313 22.22 0.61 44.10
N GLU B 314 21.78 1.84 43.85
CA GLU B 314 22.03 2.96 44.75
C GLU B 314 20.81 3.23 45.62
N PRO B 315 20.97 4.05 46.65
CA PRO B 315 19.79 4.57 47.37
C PRO B 315 19.18 5.77 46.66
N LEU B 316 17.91 6.03 46.96
CA LEU B 316 17.08 6.98 46.23
C LEU B 316 16.97 8.30 46.96
N ASP B 317 17.24 9.40 46.25
CA ASP B 317 16.88 10.75 46.70
C ASP B 317 15.87 11.30 45.69
N MSE B 318 14.59 10.94 45.90
CA MSE B 318 13.53 11.22 44.94
C MSE B 318 13.38 12.71 44.67
O MSE B 318 12.75 13.11 43.70
CB MSE B 318 12.20 10.62 45.45
CG MSE B 318 11.02 10.77 44.49
SE MSE B 318 9.44 9.68 44.97
CE MSE B 318 8.13 10.37 43.69
N GLN B 319 13.99 13.53 45.53
CA GLN B 319 13.98 14.97 45.28
C GLN B 319 14.74 15.33 44.01
N ALA B 320 15.88 14.67 43.77
CA ALA B 320 16.65 14.96 42.56
C ALA B 320 15.85 14.66 41.30
N LEU B 321 15.21 13.50 41.25
CA LEU B 321 14.45 13.14 40.05
C LEU B 321 13.18 13.98 39.94
N THR B 322 12.51 14.29 41.06
CA THR B 322 11.34 15.17 40.99
C THR B 322 11.72 16.55 40.46
N THR B 323 12.94 17.03 40.80
CA THR B 323 13.41 18.29 40.24
C THR B 323 13.69 18.16 38.74
N GLU B 324 14.30 17.04 38.31
CA GLU B 324 14.45 16.81 36.88
C GLU B 324 13.09 16.76 36.18
N ASN B 325 12.07 16.24 36.86
CA ASN B 325 10.72 16.20 36.31
C ASN B 325 10.16 17.59 36.08
N GLN B 326 10.16 18.43 37.13
CA GLN B 326 9.65 19.80 36.97
C GLN B 326 10.45 20.58 35.94
N GLN B 327 11.78 20.39 35.93
CA GLN B 327 12.61 21.10 34.97
C GLN B 327 12.25 20.69 33.54
N LEU B 328 12.04 19.39 33.31
CA LEU B 328 11.63 18.94 31.98
C LEU B 328 10.23 19.44 31.64
N ASP B 329 9.32 19.49 32.61
CA ASP B 329 8.00 20.03 32.34
C ASP B 329 8.09 21.45 31.81
N GLU B 330 8.84 22.30 32.53
CA GLU B 330 8.98 23.69 32.08
C GLU B 330 9.68 23.77 30.73
N ALA B 331 10.74 22.98 30.52
CA ALA B 331 11.49 23.05 29.27
C ALA B 331 10.63 22.61 28.08
N LEU B 332 9.82 21.57 28.27
CA LEU B 332 8.93 21.15 27.20
C LEU B 332 7.86 22.19 26.96
N LYS B 333 7.41 22.89 28.01
CA LYS B 333 6.51 24.03 27.79
C LYS B 333 7.15 25.05 26.86
N LYS B 334 8.39 25.43 27.15
CA LYS B 334 9.11 26.35 26.27
C LYS B 334 9.17 25.81 24.84
N LEU B 335 9.55 24.54 24.68
CA LEU B 335 9.75 24.02 23.34
C LEU B 335 8.43 23.88 22.57
N HIS B 336 7.34 23.54 23.26
CA HIS B 336 6.03 23.48 22.61
C HIS B 336 5.57 24.86 22.16
N GLN B 337 5.68 25.87 23.03
CA GLN B 337 5.34 27.22 22.60
C GLN B 337 6.22 27.67 21.44
N GLN B 338 7.49 27.29 21.45
CA GLN B 338 8.38 27.69 20.37
C GLN B 338 8.01 27.00 19.06
N VAL B 339 7.71 25.72 19.11
CA VAL B 339 7.34 25.05 17.87
C VAL B 339 5.99 25.58 17.39
N LYS B 340 5.14 26.03 18.31
CA LYS B 340 3.86 26.61 17.94
C LYS B 340 4.06 27.93 17.21
N GLU B 341 4.88 28.82 17.77
CA GLU B 341 5.16 30.10 17.11
C GLU B 341 5.99 29.92 15.85
N ARG B 342 6.59 28.74 15.65
CA ARG B 342 7.18 28.44 14.34
C ARG B 342 6.11 28.18 13.29
N GLN B 343 4.91 27.83 13.73
CA GLN B 343 3.78 27.60 12.84
C GLN B 343 2.99 28.88 12.57
N LYS B 344 3.54 30.04 12.94
CA LYS B 344 2.85 31.29 12.66
C LYS B 344 2.98 31.61 11.16
N PRO B 345 1.92 32.10 10.52
CA PRO B 345 1.97 32.30 9.07
C PRO B 345 3.06 33.28 8.69
N GLY B 346 3.81 32.93 7.64
CA GLY B 346 4.89 33.75 7.14
C GLY B 346 4.45 34.91 6.24
N GLU B 347 5.38 35.37 5.40
CA GLU B 347 5.08 36.52 4.55
C GLU B 347 4.00 36.20 3.53
N ASP B 348 3.96 34.96 3.02
CA ASP B 348 2.97 34.56 2.03
C ASP B 348 1.57 34.43 2.63
N GLY B 349 1.48 34.21 3.94
CA GLY B 349 0.30 33.62 4.55
C GLY B 349 0.37 32.11 4.68
N SER B 350 1.45 31.50 4.20
CA SER B 350 1.63 30.05 4.22
C SER B 350 2.30 29.61 5.52
N THR B 351 1.64 28.71 6.24
CA THR B 351 2.11 28.09 7.47
C THR B 351 3.08 26.95 7.13
N ILE B 352 3.90 26.57 8.12
CA ILE B 352 4.64 25.33 7.96
C ILE B 352 3.74 24.13 8.13
N ALA B 353 2.61 24.31 8.82
CA ALA B 353 1.72 23.20 9.15
C ALA B 353 1.14 22.53 7.93
N THR B 354 1.07 23.21 6.78
CA THR B 354 0.51 22.57 5.60
C THR B 354 1.34 21.34 5.19
N ILE B 355 2.66 21.50 5.15
CA ILE B 355 3.51 20.34 4.87
C ILE B 355 3.52 19.39 6.05
N LYS B 356 3.26 19.89 7.26
CA LYS B 356 3.14 18.99 8.40
C LYS B 356 1.95 18.04 8.23
N GLN B 357 0.82 18.55 7.72
CA GLN B 357 -0.30 17.64 7.46
C GLN B 357 -0.03 16.72 6.29
N GLN B 358 0.70 17.19 5.27
CA GLN B 358 1.06 16.26 4.20
C GLN B 358 1.94 15.13 4.72
N VAL B 359 2.93 15.45 5.55
CA VAL B 359 3.79 14.40 6.04
C VAL B 359 3.05 13.49 7.02
N GLU B 360 2.13 14.03 7.81
CA GLU B 360 1.30 13.18 8.66
C GLU B 360 0.49 12.19 7.83
N ARG B 361 -0.15 12.67 6.75
CA ARG B 361 -0.97 11.80 5.93
C ARG B 361 -0.15 10.70 5.27
N VAL B 362 1.01 11.06 4.72
CA VAL B 362 1.83 10.03 4.10
C VAL B 362 2.34 9.06 5.14
N ALA B 363 2.65 9.56 6.33
CA ALA B 363 3.15 8.71 7.40
C ALA B 363 2.11 7.67 7.79
N LYS B 364 0.86 8.10 7.95
CA LYS B 364 -0.18 7.13 8.27
C LYS B 364 -0.31 6.11 7.16
N ARG B 365 -0.22 6.54 5.91
CA ARG B 365 -0.27 5.55 4.84
C ARG B 365 0.84 4.52 4.96
N LYS B 366 2.06 4.99 5.21
CA LYS B 366 3.19 4.06 5.26
C LYS B 366 3.03 3.10 6.43
N VAL B 367 2.60 3.59 7.59
CA VAL B 367 2.46 2.70 8.73
C VAL B 367 1.37 1.66 8.46
N GLU B 368 0.28 2.09 7.82
CA GLU B 368 -0.82 1.19 7.49
C GLU B 368 -0.38 0.09 6.54
N VAL B 369 0.27 0.46 5.43
CA VAL B 369 0.73 -0.54 4.46
C VAL B 369 1.77 -1.45 5.08
N MSE B 370 2.62 -0.92 5.96
CA MSE B 370 3.74 -1.67 6.49
C MSE B 370 3.23 -2.72 7.44
O MSE B 370 3.72 -3.85 7.46
CB MSE B 370 4.73 -0.73 7.15
CG MSE B 370 5.94 -1.37 7.71
SE MSE B 370 7.14 0.10 8.16
CE MSE B 370 6.14 0.95 9.62
N GLU B 371 2.20 -2.36 8.20
CA GLU B 371 1.63 -3.34 9.11
C GLU B 371 0.80 -4.38 8.36
N GLN B 372 0.10 -3.98 7.29
CA GLN B 372 -0.49 -4.98 6.40
C GLN B 372 0.56 -5.98 5.95
N LEU B 373 1.71 -5.48 5.52
CA LEU B 373 2.80 -6.34 5.09
C LEU B 373 3.19 -7.32 6.18
N THR B 374 3.40 -6.80 7.39
CA THR B 374 3.87 -7.70 8.44
C THR B 374 2.82 -8.74 8.80
N GLY B 375 1.55 -8.34 8.90
CA GLY B 375 0.51 -9.34 9.11
C GLY B 375 0.51 -10.45 8.07
N LEU B 376 0.60 -10.08 6.80
CA LEU B 376 0.73 -11.12 5.79
C LEU B 376 1.94 -11.98 6.07
N GLN B 377 3.03 -11.36 6.48
CA GLN B 377 4.28 -12.10 6.64
C GLN B 377 4.18 -13.08 7.81
N ALA B 378 3.46 -12.66 8.85
CA ALA B 378 3.15 -13.52 9.99
C ALA B 378 2.39 -14.77 9.54
N ASP B 379 1.29 -14.58 8.81
CA ASP B 379 0.54 -15.75 8.34
C ASP B 379 1.39 -16.64 7.42
N ASN B 380 2.25 -16.06 6.61
CA ASN B 380 3.09 -16.93 5.78
C ASN B 380 4.00 -17.77 6.67
N SER B 381 4.61 -17.15 7.67
CA SER B 381 5.53 -17.89 8.52
C SER B 381 4.79 -18.96 9.32
N ARG B 382 3.60 -18.62 9.81
CA ARG B 382 2.76 -19.57 10.53
C ARG B 382 2.41 -20.78 9.65
N THR B 383 1.73 -20.52 8.52
CA THR B 383 1.40 -21.58 7.58
C THR B 383 2.63 -22.39 7.21
N LEU B 384 3.77 -21.72 7.16
CA LEU B 384 5.00 -22.32 6.69
C LEU B 384 5.60 -23.26 7.74
N ASN B 385 5.45 -22.88 9.02
CA ASN B 385 5.74 -23.79 10.12
C ASN B 385 4.85 -25.02 10.05
N ASP B 386 3.56 -24.80 9.83
CA ASP B 386 2.64 -25.92 9.75
C ASP B 386 3.00 -26.87 8.62
N ILE B 387 3.41 -26.32 7.48
CA ILE B 387 3.89 -27.17 6.40
C ILE B 387 5.05 -28.03 6.88
N ARG B 388 5.95 -27.46 7.70
CA ARG B 388 7.05 -28.29 8.21
C ARG B 388 6.54 -29.35 9.18
N GLU B 389 5.55 -29.01 10.00
CA GLU B 389 4.97 -29.96 10.93
C GLU B 389 4.44 -31.18 10.19
N ARG B 390 3.62 -30.93 9.18
CA ARG B 390 3.04 -32.00 8.38
C ARG B 390 4.12 -32.76 7.61
N GLU B 391 5.09 -32.05 7.03
CA GLU B 391 6.20 -32.74 6.38
C GLU B 391 6.87 -33.70 7.35
N ASN B 392 7.02 -33.27 8.60
CA ASN B 392 7.71 -34.10 9.57
C ASN B 392 6.90 -35.35 9.92
N ARG B 393 5.62 -35.20 10.24
CA ARG B 393 4.89 -36.41 10.61
C ARG B 393 4.75 -37.35 9.42
N ILE B 394 4.64 -36.81 8.20
CA ILE B 394 4.61 -37.72 7.07
C ILE B 394 5.93 -38.46 6.94
N GLU B 395 7.06 -37.78 7.23
CA GLU B 395 8.33 -38.50 7.19
C GLU B 395 8.44 -39.53 8.33
N GLN B 396 7.86 -39.21 9.48
CA GLN B 396 7.89 -40.15 10.59
C GLN B 396 7.11 -41.40 10.26
N LEU B 397 5.97 -41.25 9.57
CA LEU B 397 5.20 -42.41 9.15
C LEU B 397 5.92 -43.19 8.05
N ARG B 398 6.41 -42.50 7.02
CA ARG B 398 7.15 -43.21 5.98
C ARG B 398 8.39 -43.91 6.52
N GLU B 399 8.88 -43.51 7.70
CA GLU B 399 9.97 -44.25 8.34
C GLU B 399 9.46 -45.42 9.18
N ALA B 400 8.46 -45.17 10.03
CA ALA B 400 7.93 -46.20 10.92
C ALA B 400 7.32 -47.36 10.16
N HIS B 401 6.87 -47.12 8.94
CA HIS B 401 6.31 -48.14 8.06
C HIS B 401 7.12 -48.06 6.77
N HIS B 402 6.65 -48.72 5.72
CA HIS B 402 7.14 -48.40 4.38
C HIS B 402 6.03 -48.52 3.35
N MSE B 403 4.88 -47.94 3.63
CA MSE B 403 3.67 -48.09 2.82
C MSE B 403 3.86 -47.72 1.34
O MSE B 403 4.83 -47.05 1.02
CB MSE B 403 2.56 -47.24 3.42
CG MSE B 403 1.22 -47.51 2.85
SE MSE B 403 -0.12 -46.50 3.76
CE MSE B 403 -1.66 -47.14 2.75
N LEU B 404 2.98 -48.18 0.44
CA LEU B 404 3.04 -47.81 -0.98
C LEU B 404 1.83 -47.03 -1.46
N LYS B 405 0.61 -47.57 -1.33
CA LYS B 405 -0.64 -46.85 -1.57
C LYS B 405 -0.67 -46.11 -2.92
N ASP B 406 -0.09 -46.72 -3.94
CA ASP B 406 0.03 -46.08 -5.26
C ASP B 406 -0.11 -47.16 -6.33
N ASP B 407 0.33 -46.83 -7.55
CA ASP B 407 0.56 -47.89 -8.52
C ASP B 407 1.65 -48.85 -8.07
N ASP B 408 2.54 -48.40 -7.17
CA ASP B 408 3.46 -49.33 -6.53
C ASP B 408 2.70 -50.37 -5.70
N PHE B 409 1.65 -49.93 -4.99
CA PHE B 409 0.79 -50.87 -4.27
C PHE B 409 0.23 -51.93 -5.21
N ARG B 410 -0.23 -51.52 -6.40
CA ARG B 410 -0.80 -52.49 -7.32
C ARG B 410 0.26 -53.45 -7.84
N GLU B 411 1.48 -52.96 -8.11
CA GLU B 411 2.54 -53.84 -8.59
C GLU B 411 2.97 -54.82 -7.50
N PHE B 412 3.06 -54.34 -6.26
CA PHE B 412 3.36 -55.20 -5.14
C PHE B 412 2.30 -56.28 -4.98
N SER B 413 1.03 -55.88 -5.07
CA SER B 413 -0.07 -56.83 -4.95
C SER B 413 -0.06 -57.83 -6.10
N LYS B 414 0.29 -57.39 -7.31
CA LYS B 414 0.39 -58.32 -8.42
C LYS B 414 1.54 -59.30 -8.18
N GLN B 415 2.65 -58.81 -7.63
CA GLN B 415 3.77 -59.68 -7.30
C GLN B 415 3.38 -60.75 -6.28
N VAL B 416 2.62 -60.36 -5.25
CA VAL B 416 2.22 -61.34 -4.23
C VAL B 416 1.22 -62.36 -4.80
N LEU B 417 0.28 -61.90 -5.65
CA LEU B 417 -0.62 -62.84 -6.32
C LEU B 417 0.17 -63.84 -7.16
N ALA B 418 1.16 -63.34 -7.90
CA ALA B 418 2.03 -64.22 -8.68
C ALA B 418 2.77 -65.20 -7.77
N LYS B 419 3.20 -64.75 -6.59
CA LYS B 419 3.83 -65.68 -5.65
C LYS B 419 2.88 -66.79 -5.24
N LYS B 420 1.61 -66.45 -4.99
CA LYS B 420 0.64 -67.49 -4.63
C LYS B 420 0.49 -68.50 -5.76
N ALA B 421 0.34 -68.01 -6.99
CA ALA B 421 0.22 -68.90 -8.13
C ALA B 421 1.48 -69.75 -8.32
N ALA B 422 2.64 -69.16 -8.09
CA ALA B 422 3.89 -69.91 -8.23
C ALA B 422 4.01 -71.01 -7.20
N THR B 423 3.64 -70.75 -5.94
CA THR B 423 3.66 -71.81 -4.94
C THR B 423 2.68 -72.92 -5.30
N GLU B 424 1.47 -72.57 -5.78
CA GLU B 424 0.54 -73.62 -6.20
C GLU B 424 1.13 -74.45 -7.34
N SER B 425 1.79 -73.79 -8.30
CA SER B 425 2.46 -74.52 -9.39
C SER B 425 3.51 -75.50 -8.85
N MSE B 426 4.34 -75.04 -7.90
CA MSE B 426 5.38 -75.89 -7.33
C MSE B 426 4.73 -77.04 -6.58
O MSE B 426 5.26 -78.15 -6.50
CB MSE B 426 6.27 -75.11 -6.36
CG MSE B 426 6.99 -73.92 -6.96
SE MSE B 426 8.08 -73.05 -5.62
CE MSE B 426 9.56 -74.34 -5.66
N ARG B 427 3.56 -76.72 -6.02
CA ARG B 427 2.79 -77.70 -5.26
C ARG B 427 2.34 -78.84 -6.16
N THR B 428 1.73 -78.50 -7.29
CA THR B 428 1.37 -79.54 -8.25
C THR B 428 2.60 -80.23 -8.84
N HIS B 429 3.74 -79.54 -8.91
CA HIS B 429 4.98 -80.18 -9.34
C HIS B 429 5.36 -81.32 -8.40
N LEU B 430 5.41 -81.03 -7.09
CA LEU B 430 5.71 -82.07 -6.12
C LEU B 430 4.63 -83.14 -6.08
N SER B 431 3.36 -82.76 -6.28
CA SER B 431 2.28 -83.75 -6.34
C SER B 431 2.49 -84.72 -7.50
N GLU B 432 2.82 -84.21 -8.68
CA GLU B 432 3.08 -85.10 -9.82
C GLU B 432 4.28 -85.99 -9.55
N GLN B 433 5.35 -85.43 -8.97
CA GLN B 433 6.50 -86.25 -8.63
C GLN B 433 6.12 -87.35 -7.65
N ARG B 434 5.25 -87.02 -6.69
CA ARG B 434 4.78 -88.00 -5.71
C ARG B 434 3.87 -89.05 -6.34
N VAL B 435 3.03 -88.67 -7.30
CA VAL B 435 2.18 -89.69 -7.93
C VAL B 435 3.06 -90.65 -8.72
N GLU B 436 4.14 -90.16 -9.33
CA GLU B 436 5.05 -91.08 -9.99
C GLU B 436 5.78 -91.95 -8.95
N TYR B 437 6.08 -91.39 -7.78
CA TYR B 437 6.62 -92.21 -6.69
C TYR B 437 5.65 -93.32 -6.29
N GLY B 438 4.36 -93.00 -6.24
CA GLY B 438 3.36 -94.00 -5.89
C GLY B 438 3.25 -95.10 -6.93
N VAL B 439 3.26 -94.72 -8.21
CA VAL B 439 3.17 -95.75 -9.25
C VAL B 439 4.45 -96.58 -9.25
N LEU B 440 5.58 -96.00 -8.83
CA LEU B 440 6.78 -96.82 -8.66
C LEU B 440 6.65 -97.77 -7.48
N ASN B 441 6.08 -97.31 -6.37
CA ASN B 441 5.86 -98.21 -5.23
C ASN B 441 4.95 -99.36 -5.61
N PHE B 442 3.95 -99.10 -6.47
CA PHE B 442 3.05 -100.17 -6.91
C PHE B 442 3.68 -101.06 -7.97
N THR B 443 4.54 -100.53 -8.84
CA THR B 443 5.35 -101.38 -9.69
C THR B 443 6.25 -102.30 -8.87
N GLU B 444 6.81 -101.76 -7.78
CA GLU B 444 7.60 -102.56 -6.85
C GLU B 444 6.78 -103.67 -6.20
N ASN B 445 5.51 -103.38 -5.88
CA ASN B 445 4.67 -104.36 -5.20
C ASN B 445 4.56 -105.67 -5.99
N VAL B 446 4.67 -105.62 -7.32
CA VAL B 446 4.58 -106.83 -8.13
C VAL B 446 5.82 -107.72 -7.91
N ARG C 22 -61.01 67.83 -48.30
CA ARG C 22 -59.93 68.40 -49.11
C ARG C 22 -59.44 67.37 -50.13
N PRO C 23 -58.92 67.84 -51.26
CA PRO C 23 -58.44 66.90 -52.29
C PRO C 23 -57.24 66.09 -51.83
N LYS C 24 -56.33 66.70 -51.06
CA LYS C 24 -55.22 65.96 -50.50
C LYS C 24 -55.73 64.81 -49.64
N ILE C 25 -56.86 65.00 -48.95
CA ILE C 25 -57.44 63.95 -48.13
C ILE C 25 -57.92 62.79 -49.00
N THR C 26 -58.51 63.10 -50.16
CA THR C 26 -58.94 62.03 -51.07
C THR C 26 -57.73 61.25 -51.60
N GLU C 27 -56.64 61.95 -51.92
CA GLU C 27 -55.41 61.27 -52.31
C GLU C 27 -54.91 60.38 -51.18
N LEU C 28 -55.01 60.87 -49.95
CA LEU C 28 -54.60 60.09 -48.77
C LEU C 28 -55.40 58.79 -48.66
N THR C 29 -56.72 58.89 -48.79
CA THR C 29 -57.54 57.70 -48.62
C THR C 29 -57.34 56.71 -49.78
N THR C 30 -57.14 57.21 -51.00
CA THR C 30 -56.87 56.29 -52.10
C THR C 30 -55.53 55.59 -51.93
N GLU C 31 -54.53 56.26 -51.35
CA GLU C 31 -53.29 55.56 -51.07
C GLU C 31 -53.47 54.54 -49.95
N ILE C 32 -54.39 54.80 -49.00
CA ILE C 32 -54.74 53.78 -48.01
C ILE C 32 -55.28 52.54 -48.71
N GLU C 33 -56.17 52.75 -49.67
CA GLU C 33 -56.71 51.64 -50.45
C GLU C 33 -55.60 50.89 -51.17
N ARG C 34 -54.63 51.62 -51.73
CA ARG C 34 -53.49 50.97 -52.36
C ARG C 34 -52.73 50.11 -51.37
N LEU C 35 -52.56 50.60 -50.13
CA LEU C 35 -51.89 49.83 -49.10
C LEU C 35 -52.62 48.52 -48.81
N ASN C 36 -53.95 48.59 -48.74
CA ASN C 36 -54.70 47.37 -48.43
C ASN C 36 -54.67 46.40 -49.61
N GLU C 37 -54.71 46.92 -50.84
CA GLU C 37 -54.56 46.06 -52.02
C GLU C 37 -53.20 45.38 -52.03
N GLN C 38 -52.15 46.10 -51.62
CA GLN C 38 -50.83 45.49 -51.54
C GLN C 38 -50.80 44.41 -50.46
N GLU C 39 -51.52 44.60 -49.36
CA GLU C 39 -51.62 43.56 -48.35
C GLU C 39 -52.24 42.30 -48.96
N GLU C 40 -53.34 42.46 -49.70
CA GLU C 40 -53.97 41.34 -50.38
C GLU C 40 -53.00 40.66 -51.34
N LEU C 41 -52.19 41.44 -52.05
CA LEU C 41 -51.21 40.86 -52.96
C LEU C 41 -50.17 40.05 -52.20
N ILE C 42 -49.76 40.54 -51.02
CA ILE C 42 -48.80 39.81 -50.20
C ILE C 42 -49.39 38.48 -49.76
N VAL C 43 -50.68 38.46 -49.47
CA VAL C 43 -51.35 37.22 -49.09
C VAL C 43 -51.36 36.24 -50.27
N LYS C 44 -51.74 36.73 -51.45
CA LYS C 44 -51.72 35.89 -52.65
C LYS C 44 -50.32 35.34 -52.90
N GLY C 45 -49.30 36.18 -52.72
CA GLY C 45 -47.94 35.71 -52.88
C GLY C 45 -47.56 34.66 -51.84
N GLY C 46 -48.08 34.78 -50.62
CA GLY C 46 -47.79 33.77 -49.62
C GLY C 46 -48.33 32.41 -50.02
N SER C 47 -49.59 32.38 -50.47
CA SER C 47 -50.16 31.10 -50.91
C SER C 47 -49.42 30.58 -52.14
N VAL C 48 -48.96 31.48 -53.02
CA VAL C 48 -48.16 31.06 -54.16
C VAL C 48 -46.84 30.43 -53.69
N LEU C 49 -46.23 31.01 -52.66
CA LEU C 49 -44.96 30.49 -52.18
C LEU C 49 -45.12 29.08 -51.61
N THR C 50 -46.16 28.87 -50.81
CA THR C 50 -46.38 27.53 -50.29
C THR C 50 -46.71 26.53 -51.40
N GLN C 51 -47.45 26.97 -52.42
CA GLN C 51 -47.75 26.10 -53.56
C GLN C 51 -46.47 25.75 -54.32
N LEU C 52 -45.61 26.74 -54.55
CA LEU C 52 -44.35 26.50 -55.24
C LEU C 52 -43.43 25.60 -54.42
N GLN C 53 -43.51 25.68 -53.09
CA GLN C 53 -42.72 24.79 -52.23
C GLN C 53 -43.16 23.33 -52.36
N GLN C 54 -44.47 23.08 -52.24
CA GLN C 54 -44.96 21.73 -52.46
C GLN C 54 -44.59 21.24 -53.86
N ARG C 55 -44.76 22.11 -54.85
CA ARG C 55 -44.41 21.76 -56.23
C ARG C 55 -42.93 21.43 -56.36
N ASN C 56 -42.07 22.19 -55.69
CA ASN C 56 -40.64 21.94 -55.75
C ASN C 56 -40.30 20.59 -55.16
N LYS C 57 -40.94 20.23 -54.05
CA LYS C 57 -40.72 18.89 -53.49
C LYS C 57 -41.12 17.84 -54.52
N ALA C 58 -42.26 18.04 -55.18
CA ALA C 58 -42.73 17.08 -56.18
C ALA C 58 -41.71 16.90 -57.29
N LEU C 59 -41.17 18.02 -57.80
CA LEU C 59 -40.23 17.95 -58.91
C LEU C 59 -38.90 17.34 -58.52
N THR C 60 -38.39 17.67 -57.32
CA THR C 60 -37.15 17.03 -56.87
C THR C 60 -37.33 15.52 -56.82
N ASP C 61 -38.47 15.06 -56.29
CA ASP C 61 -38.69 13.61 -56.23
C ASP C 61 -38.81 13.00 -57.62
N GLU C 62 -39.57 13.64 -58.51
CA GLU C 62 -39.75 13.09 -59.86
C GLU C 62 -38.42 13.04 -60.59
N ALA C 63 -37.59 14.07 -60.43
CA ALA C 63 -36.29 14.08 -61.06
C ALA C 63 -35.41 12.94 -60.55
N ALA C 64 -35.38 12.76 -59.22
CA ALA C 64 -34.58 11.68 -58.67
C ALA C 64 -35.02 10.31 -59.19
N LYS C 65 -36.34 10.06 -59.19
CA LYS C 65 -36.82 8.78 -59.70
C LYS C 65 -36.43 8.61 -61.17
N LEU C 66 -36.50 9.70 -61.95
CA LEU C 66 -36.10 9.61 -63.35
C LEU C 66 -34.63 9.26 -63.49
N LYS C 67 -33.78 9.86 -62.67
CA LYS C 67 -32.38 9.47 -62.63
C LYS C 67 -32.26 7.98 -62.30
N GLY C 68 -33.15 7.50 -61.43
CA GLY C 68 -33.16 6.09 -61.07
C GLY C 68 -33.37 5.21 -62.28
N THR C 69 -34.48 5.46 -62.99
CA THR C 69 -34.80 4.63 -64.15
C THR C 69 -33.78 4.82 -65.27
N LEU C 70 -33.15 5.98 -65.35
CA LEU C 70 -32.09 6.15 -66.35
C LEU C 70 -30.93 5.23 -66.01
N ALA C 71 -30.54 5.20 -64.74
CA ALA C 71 -29.48 4.33 -64.27
C ALA C 71 -29.81 2.85 -64.50
N ASP C 72 -31.07 2.49 -64.26
CA ASP C 72 -31.53 1.15 -64.58
C ASP C 72 -31.29 0.82 -66.04
N ILE C 73 -31.74 1.71 -66.93
CA ILE C 73 -31.62 1.45 -68.37
C ILE C 73 -30.16 1.31 -68.77
N ASN C 74 -29.31 2.19 -68.29
CA ASN C 74 -27.91 2.10 -68.72
C ASN C 74 -27.22 0.88 -68.13
N LEU C 75 -27.57 0.47 -66.91
CA LEU C 75 -27.04 -0.78 -66.39
C LEU C 75 -27.43 -1.93 -67.28
N ALA C 76 -28.67 -1.92 -67.78
CA ALA C 76 -29.11 -2.92 -68.74
C ALA C 76 -28.28 -2.87 -70.03
N LEU C 77 -28.04 -1.66 -70.53
CA LEU C 77 -27.24 -1.52 -71.74
C LEU C 77 -25.85 -2.11 -71.53
N GLU C 78 -25.25 -1.84 -70.37
CA GLU C 78 -23.95 -2.42 -70.05
C GLU C 78 -24.05 -3.93 -70.05
N LYS C 79 -24.94 -4.48 -69.22
CA LYS C 79 -24.97 -5.91 -68.99
C LYS C 79 -25.44 -6.69 -70.20
N SER C 80 -25.96 -6.03 -71.24
CA SER C 80 -26.53 -6.76 -72.36
C SER C 80 -25.48 -7.53 -73.17
N THR C 81 -24.26 -7.00 -73.30
CA THR C 81 -23.23 -7.67 -74.10
C THR C 81 -22.82 -9.01 -73.49
N THR C 82 -22.53 -9.02 -72.19
CA THR C 82 -21.92 -10.18 -71.53
C THR C 82 -22.88 -10.99 -70.66
N GLN C 83 -24.07 -10.48 -70.37
CA GLN C 83 -24.96 -11.11 -69.41
C GLN C 83 -26.34 -11.31 -70.02
N ASP C 84 -27.11 -12.21 -69.41
CA ASP C 84 -28.48 -12.49 -69.76
C ASP C 84 -29.39 -12.32 -68.55
N PRO C 85 -30.70 -12.14 -68.74
CA PRO C 85 -31.61 -11.94 -67.60
C PRO C 85 -31.46 -12.97 -66.50
N SER C 86 -31.16 -14.22 -66.86
CA SER C 86 -31.03 -15.27 -65.87
C SER C 86 -29.88 -14.98 -64.92
N SER C 87 -28.67 -14.81 -65.48
CA SER C 87 -27.49 -14.61 -64.65
C SER C 87 -27.59 -13.32 -63.86
N VAL C 88 -28.13 -12.26 -64.46
CA VAL C 88 -28.27 -10.99 -63.77
C VAL C 88 -29.24 -11.12 -62.61
N LYS C 89 -30.40 -11.74 -62.85
CA LYS C 89 -31.35 -11.85 -61.75
C LYS C 89 -30.82 -12.77 -60.66
N ASP C 90 -29.98 -13.76 -61.03
CA ASP C 90 -29.40 -14.61 -60.01
C ASP C 90 -28.36 -13.85 -59.20
N GLN C 91 -27.49 -13.10 -59.87
CA GLN C 91 -26.57 -12.21 -59.17
C GLN C 91 -27.33 -11.30 -58.20
N ALA C 92 -28.51 -10.85 -58.61
CA ALA C 92 -29.30 -9.95 -57.79
C ALA C 92 -29.84 -10.63 -56.55
N THR C 93 -30.44 -11.81 -56.72
CA THR C 93 -30.99 -12.51 -55.57
C THR C 93 -29.88 -12.99 -54.63
N LYS C 94 -28.73 -13.39 -55.19
CA LYS C 94 -27.59 -13.78 -54.37
C LYS C 94 -27.13 -12.61 -53.51
N LEU C 95 -26.82 -11.49 -54.16
CA LEU C 95 -26.37 -10.32 -53.41
C LEU C 95 -27.45 -9.87 -52.44
N ASN C 96 -28.73 -10.15 -52.74
CA ASN C 96 -29.82 -9.73 -51.87
C ASN C 96 -29.90 -10.59 -50.60
N GLN C 97 -29.74 -11.90 -50.73
CA GLN C 97 -29.68 -12.72 -49.53
C GLN C 97 -28.50 -12.30 -48.66
N VAL C 98 -27.36 -12.05 -49.31
CA VAL C 98 -26.21 -11.61 -48.52
C VAL C 98 -26.54 -10.29 -47.82
N ASN C 99 -27.26 -9.40 -48.52
CA ASN C 99 -27.62 -8.13 -47.88
C ASN C 99 -28.48 -8.38 -46.66
N GLY C 100 -29.32 -9.42 -46.69
CA GLY C 100 -30.13 -9.71 -45.51
C GLY C 100 -29.29 -10.18 -44.33
N GLU C 101 -28.35 -11.08 -44.59
CA GLU C 101 -27.45 -11.48 -43.51
C GLU C 101 -26.67 -10.27 -42.97
N LYS C 102 -26.12 -9.46 -43.88
CA LYS C 102 -25.39 -8.25 -43.48
C LYS C 102 -26.28 -7.29 -42.72
N ARG C 103 -27.54 -7.17 -43.14
CA ARG C 103 -28.50 -6.32 -42.44
C ARG C 103 -28.61 -6.75 -40.99
N LYS C 104 -28.67 -8.06 -40.76
CA LYS C 104 -28.74 -8.58 -39.40
C LYS C 104 -27.46 -8.27 -38.64
N GLN C 105 -26.31 -8.50 -39.27
CA GLN C 105 -25.03 -8.18 -38.65
C GLN C 105 -24.99 -6.74 -38.19
N VAL C 106 -25.36 -5.83 -39.08
CA VAL C 106 -25.35 -4.40 -38.80
C VAL C 106 -26.28 -4.08 -37.63
N ASP C 107 -27.44 -4.77 -37.55
CA ASP C 107 -28.33 -4.52 -36.41
C ASP C 107 -27.71 -4.98 -35.11
N GLN C 108 -26.93 -6.07 -35.16
CA GLN C 108 -26.19 -6.46 -33.96
C GLN C 108 -25.19 -5.39 -33.56
N LEU C 109 -24.49 -4.83 -34.55
CA LEU C 109 -23.55 -3.72 -34.31
C LEU C 109 -24.24 -2.51 -33.70
N PHE C 110 -25.44 -2.20 -34.20
CA PHE C 110 -26.27 -1.18 -33.59
C PHE C 110 -26.46 -1.46 -32.11
N LEU C 111 -26.83 -2.70 -31.77
CA LEU C 111 -27.10 -3.10 -30.38
C LEU C 111 -25.87 -2.98 -29.50
N ASN C 112 -24.75 -3.54 -29.97
CA ASN C 112 -23.52 -3.48 -29.18
C ASN C 112 -23.18 -2.02 -28.88
N ALA C 113 -23.22 -1.17 -29.91
CA ALA C 113 -22.87 0.22 -29.74
C ALA C 113 -23.82 0.95 -28.80
N LYS C 114 -25.13 0.71 -28.93
CA LYS C 114 -26.04 1.35 -27.99
C LYS C 114 -25.72 0.90 -26.58
N GLU C 115 -25.35 -0.38 -26.42
CA GLU C 115 -24.95 -0.91 -25.13
C GLU C 115 -23.75 -0.15 -24.58
N MSE C 116 -22.65 -0.15 -25.33
CA MSE C 116 -21.41 0.49 -24.93
C MSE C 116 -21.62 1.94 -24.54
O MSE C 116 -21.06 2.44 -23.56
CB MSE C 116 -20.36 0.45 -26.03
CG MSE C 116 -19.07 1.06 -25.54
SE MSE C 116 -18.07 -0.23 -24.49
CE MSE C 116 -17.08 0.94 -23.30
N GLU C 117 -22.45 2.61 -25.34
CA GLU C 117 -22.79 4.00 -25.07
C GLU C 117 -23.51 4.12 -23.73
N ALA C 118 -24.44 3.21 -23.44
CA ALA C 118 -25.11 3.24 -22.15
C ALA C 118 -24.13 3.09 -21.02
N LEU C 119 -23.15 2.20 -21.22
CA LEU C 119 -22.14 1.96 -20.20
C LEU C 119 -21.32 3.21 -19.94
N THR C 120 -20.87 3.89 -21.01
CA THR C 120 -20.07 5.10 -20.80
C THR C 120 -20.92 6.19 -20.16
N LYS C 121 -22.22 6.23 -20.47
CA LYS C 121 -23.08 7.21 -19.81
C LYS C 121 -23.14 6.95 -18.32
N LYS C 122 -23.18 5.67 -17.92
CA LYS C 122 -23.18 5.35 -16.50
C LYS C 122 -21.84 5.69 -15.87
N ASN C 123 -20.74 5.35 -16.54
CA ASN C 123 -19.43 5.74 -16.05
C ASN C 123 -19.37 7.25 -15.81
N THR C 124 -19.97 8.04 -16.70
CA THR C 124 -19.97 9.48 -16.51
C THR C 124 -20.81 9.90 -15.32
N GLN C 125 -21.99 9.29 -15.16
CA GLN C 125 -22.85 9.64 -14.04
C GLN C 125 -22.13 9.35 -12.72
N ALA C 126 -21.45 8.21 -12.68
CA ALA C 126 -20.65 7.83 -11.52
C ALA C 126 -19.59 8.88 -11.20
N LEU C 127 -18.78 9.21 -12.21
CA LEU C 127 -17.73 10.19 -12.00
C LEU C 127 -18.30 11.52 -11.53
N GLU C 128 -19.44 11.91 -12.08
CA GLU C 128 -20.03 13.17 -11.67
C GLU C 128 -20.45 13.14 -10.20
N GLU C 129 -20.89 11.97 -9.71
CA GLU C 129 -21.24 11.85 -8.29
C GLU C 129 -20.01 12.04 -7.39
N GLU C 130 -18.95 11.27 -7.65
CA GLU C 130 -17.79 11.36 -6.76
C GLU C 130 -17.10 12.71 -6.86
N MSE C 131 -17.22 13.33 -8.02
CA MSE C 131 -16.68 14.64 -8.29
C MSE C 131 -17.48 15.69 -7.53
O MSE C 131 -16.91 16.67 -7.03
CB MSE C 131 -16.71 14.84 -9.80
CG MSE C 131 -16.07 16.06 -10.37
SE MSE C 131 -16.06 15.67 -12.27
CE MSE C 131 -14.53 14.49 -12.31
N GLN C 132 -18.80 15.50 -7.42
CA GLN C 132 -19.57 16.33 -6.52
C GLN C 132 -19.05 16.24 -5.09
N ASN C 133 -18.71 15.03 -4.65
CA ASN C 133 -18.28 14.94 -3.25
C ASN C 133 -17.00 15.74 -3.03
N LEU C 134 -16.03 15.60 -3.95
CA LEU C 134 -14.82 16.41 -3.80
C LEU C 134 -15.12 17.89 -3.89
N ASP C 135 -16.02 18.29 -4.78
CA ASP C 135 -16.29 19.71 -4.94
C ASP C 135 -16.94 20.29 -3.69
N ARG C 136 -17.81 19.51 -3.04
CA ARG C 136 -18.37 19.94 -1.75
C ARG C 136 -17.29 20.08 -0.70
N ARG C 137 -16.33 19.13 -0.66
CA ARG C 137 -15.26 19.24 0.34
C ARG C 137 -14.41 20.48 0.09
N ILE C 138 -14.11 20.78 -1.18
CA ILE C 138 -13.25 21.92 -1.47
C ILE C 138 -13.97 23.22 -1.08
N LEU C 139 -15.26 23.33 -1.40
CA LEU C 139 -16.03 24.47 -0.92
C LEU C 139 -16.06 24.54 0.60
N ALA C 140 -16.15 23.38 1.24
CA ALA C 140 -16.19 23.35 2.69
C ALA C 140 -14.89 23.88 3.30
N GLU C 141 -13.75 23.48 2.74
CA GLU C 141 -12.44 23.90 3.25
C GLU C 141 -12.11 25.35 2.92
N ASN C 142 -13.01 26.08 2.25
CA ASN C 142 -12.79 27.49 1.91
C ASN C 142 -11.54 27.64 1.06
N GLN C 143 -11.32 26.72 0.13
CA GLN C 143 -10.26 26.94 -0.83
C GLN C 143 -10.84 27.58 -2.08
N ASP C 144 -9.95 27.96 -2.99
CA ASP C 144 -10.37 28.68 -4.20
C ASP C 144 -11.08 27.70 -5.12
N PHE C 145 -12.37 27.48 -4.83
CA PHE C 145 -13.11 26.54 -5.64
C PHE C 145 -13.36 27.08 -7.04
N GLY C 146 -13.53 28.39 -7.17
CA GLY C 146 -13.77 28.94 -8.49
C GLY C 146 -12.65 28.58 -9.44
N LEU C 147 -11.41 28.71 -8.98
CA LEU C 147 -10.28 28.36 -9.83
C LEU C 147 -10.26 26.88 -10.15
N TYR C 148 -10.55 26.04 -9.15
CA TYR C 148 -10.58 24.61 -9.41
C TYR C 148 -11.59 24.32 -10.51
N LYS C 149 -12.79 24.88 -10.38
CA LYS C 149 -13.83 24.60 -11.35
C LYS C 149 -13.44 25.11 -12.74
N ALA C 150 -12.80 26.28 -12.78
CA ALA C 150 -12.45 26.87 -14.07
C ALA C 150 -11.39 26.04 -14.78
N THR C 151 -10.27 25.81 -14.11
CA THR C 151 -9.22 25.01 -14.71
C THR C 151 -9.69 23.59 -15.01
N ARG C 152 -10.63 23.07 -14.23
CA ARG C 152 -11.15 21.73 -14.49
C ARG C 152 -11.98 21.72 -15.75
N ASP C 153 -12.87 22.69 -15.89
CA ASP C 153 -13.68 22.74 -17.09
C ASP C 153 -12.78 22.88 -18.32
N GLU C 154 -11.75 23.73 -18.22
CA GLU C 154 -10.83 23.87 -19.36
C GLU C 154 -10.13 22.56 -19.66
N ALA C 155 -9.66 21.86 -18.62
CA ALA C 155 -8.96 20.60 -18.83
C ALA C 155 -9.86 19.60 -19.54
N PHE C 156 -11.11 19.52 -19.08
CA PHE C 156 -12.06 18.59 -19.67
C PHE C 156 -12.40 18.99 -21.10
N ASN C 157 -12.56 20.28 -21.37
CA ASN C 157 -12.94 20.69 -22.71
C ASN C 157 -11.83 20.41 -23.71
N VAL C 158 -10.59 20.71 -23.34
CA VAL C 158 -9.50 20.38 -24.25
C VAL C 158 -9.44 18.87 -24.47
N SER C 159 -9.68 18.09 -23.42
CA SER C 159 -9.64 16.64 -23.57
C SER C 159 -10.77 16.17 -24.47
N ASP C 160 -11.99 16.64 -24.22
CA ASP C 160 -13.12 16.30 -25.06
C ASP C 160 -12.77 16.56 -26.51
N ALA C 161 -12.15 17.72 -26.76
CA ALA C 161 -11.73 18.13 -28.09
C ALA C 161 -10.71 17.17 -28.70
N VAL C 162 -9.69 16.79 -27.93
CA VAL C 162 -8.68 15.86 -28.44
C VAL C 162 -9.34 14.54 -28.84
N LEU C 163 -10.21 14.07 -27.96
CA LEU C 163 -10.93 12.83 -28.23
C LEU C 163 -11.79 12.95 -29.48
N SER C 164 -12.46 14.09 -29.63
CA SER C 164 -13.28 14.35 -30.82
C SER C 164 -12.45 14.27 -32.09
N HIS C 165 -11.32 14.97 -32.13
CA HIS C 165 -10.48 14.95 -33.33
C HIS C 165 -10.01 13.54 -33.65
N GLN C 166 -9.65 12.79 -32.62
CA GLN C 166 -9.22 11.42 -32.82
C GLN C 166 -10.36 10.54 -33.33
N HIS C 167 -11.57 10.74 -32.82
CA HIS C 167 -12.72 10.03 -33.35
C HIS C 167 -12.83 10.25 -34.83
N GLN C 168 -12.74 11.53 -35.23
CA GLN C 168 -12.95 11.91 -36.62
C GLN C 168 -11.86 11.33 -37.51
N ILE C 169 -10.65 11.27 -36.99
CA ILE C 169 -9.58 10.67 -37.79
C ILE C 169 -9.81 9.19 -37.94
N ARG C 170 -10.25 8.50 -36.86
CA ARG C 170 -10.59 7.08 -36.95
C ARG C 170 -11.67 6.82 -37.99
N MSE C 171 -12.78 7.54 -37.87
CA MSE C 171 -13.88 7.42 -38.78
C MSE C 171 -13.38 7.53 -40.22
O MSE C 171 -13.64 6.66 -41.06
CB MSE C 171 -14.92 8.49 -38.50
CG MSE C 171 -16.15 8.36 -39.37
SE MSE C 171 -17.27 6.86 -38.85
CE MSE C 171 -18.18 7.77 -37.37
N LEU C 172 -12.63 8.63 -40.48
CA LEU C 172 -12.18 8.88 -41.83
C LEU C 172 -11.29 7.76 -42.34
N THR C 173 -10.37 7.27 -41.50
CA THR C 173 -9.44 6.26 -42.00
C THR C 173 -10.18 4.98 -42.36
N ALA C 174 -11.17 4.61 -41.54
CA ALA C 174 -11.96 3.41 -41.83
C ALA C 174 -12.77 3.57 -43.11
N LYS C 175 -13.47 4.68 -43.24
CA LYS C 175 -14.18 4.92 -44.48
C LYS C 175 -13.22 4.91 -45.67
N GLN C 176 -12.00 5.44 -45.49
CA GLN C 176 -11.02 5.41 -46.57
C GLN C 176 -10.69 3.96 -46.95
N GLU C 177 -10.65 3.08 -45.96
CA GLU C 177 -10.43 1.67 -46.29
C GLU C 177 -11.57 1.15 -47.15
N LEU C 178 -12.79 1.61 -46.87
CA LEU C 178 -13.91 1.26 -47.74
C LEU C 178 -13.65 1.72 -49.17
N LEU C 179 -13.23 2.97 -49.32
CA LEU C 179 -12.89 3.47 -50.65
C LEU C 179 -11.83 2.58 -51.30
N MSE C 180 -10.66 2.52 -50.72
CA MSE C 180 -9.60 1.64 -51.23
C MSE C 180 -10.06 0.28 -51.75
O MSE C 180 -9.62 -0.18 -52.80
CB MSE C 180 -8.54 1.40 -50.16
CG MSE C 180 -7.72 2.60 -49.86
SE MSE C 180 -6.95 3.21 -51.54
CE MSE C 180 -8.07 4.77 -51.77
N THR C 181 -10.94 -0.38 -50.99
CA THR C 181 -11.44 -1.66 -51.50
C THR C 181 -12.33 -1.43 -52.71
N LYS C 182 -13.15 -0.37 -52.67
CA LYS C 182 -14.02 -0.09 -53.81
C LYS C 182 -13.21 0.19 -55.07
N LEU C 183 -12.09 0.91 -54.94
CA LEU C 183 -11.17 1.20 -56.04
C LEU C 183 -10.28 0.03 -56.42
N SER C 184 -10.27 -1.04 -55.63
CA SER C 184 -9.50 -2.23 -55.95
C SER C 184 -10.21 -3.16 -56.92
N THR C 185 -11.42 -2.83 -57.36
CA THR C 185 -12.05 -3.61 -58.42
C THR C 185 -11.38 -3.34 -59.77
N ASP C 186 -11.09 -2.07 -60.08
CA ASP C 186 -10.41 -1.68 -61.32
C ASP C 186 -8.94 -1.46 -61.03
N PRO C 187 -8.03 -2.24 -61.63
CA PRO C 187 -6.60 -2.01 -61.39
C PRO C 187 -6.11 -0.64 -61.84
N ASP C 188 -6.73 -0.11 -62.89
CA ASP C 188 -6.36 1.21 -63.38
C ASP C 188 -6.62 2.27 -62.32
N LYS C 189 -7.84 2.30 -61.76
CA LYS C 189 -8.08 3.27 -60.71
C LYS C 189 -7.29 2.97 -59.43
N LYS C 190 -6.80 1.74 -59.26
CA LYS C 190 -5.92 1.47 -58.12
C LYS C 190 -4.56 2.13 -58.30
N ARG C 191 -3.93 1.90 -59.46
CA ARG C 191 -2.67 2.59 -59.73
C ARG C 191 -2.88 4.10 -59.69
N ALA C 192 -4.05 4.55 -60.15
CA ALA C 192 -4.37 5.97 -60.09
C ALA C 192 -4.42 6.46 -58.65
N ALA C 193 -5.03 5.67 -57.77
CA ALA C 193 -5.18 6.08 -56.38
C ALA C 193 -3.83 6.18 -55.71
N GLU C 194 -2.93 5.29 -56.06
CA GLU C 194 -1.62 5.37 -55.43
C GLU C 194 -0.87 6.61 -55.92
N VAL C 195 -0.96 6.91 -57.23
CA VAL C 195 -0.29 8.09 -57.77
C VAL C 195 -0.86 9.36 -57.17
N LEU C 196 -2.18 9.41 -57.05
CA LEU C 196 -2.86 10.55 -56.45
C LEU C 196 -2.53 10.72 -54.98
N ARG C 197 -2.33 9.63 -54.25
CA ARG C 197 -1.87 9.73 -52.88
C ARG C 197 -0.54 10.48 -52.82
N GLY C 198 0.42 10.03 -53.63
CA GLY C 198 1.71 10.71 -53.72
C GLY C 198 1.58 12.16 -54.12
N ILE C 199 0.69 12.45 -55.05
CA ILE C 199 0.49 13.84 -55.48
C ILE C 199 0.03 14.68 -54.31
N LEU C 200 -0.92 14.18 -53.50
CA LEU C 200 -1.43 14.93 -52.36
C LEU C 200 -0.32 15.30 -51.40
N SER C 201 0.55 14.33 -51.12
CA SER C 201 1.68 14.61 -50.22
C SER C 201 2.59 15.69 -50.82
N LYS C 202 2.93 15.56 -52.11
CA LYS C 202 3.81 16.54 -52.74
C LYS C 202 3.21 17.94 -52.73
N ARG C 203 1.90 18.03 -52.94
CA ARG C 203 1.23 19.34 -52.91
C ARG C 203 1.32 19.99 -51.54
N GLN C 204 1.09 19.21 -50.46
CA GLN C 204 1.17 19.84 -49.13
C GLN C 204 2.60 20.23 -48.81
N LEU C 205 3.57 19.40 -49.20
CA LEU C 205 4.97 19.76 -48.95
C LEU C 205 5.37 21.02 -49.72
N LYS C 206 4.93 21.13 -50.98
CA LYS C 206 5.17 22.35 -51.75
C LYS C 206 4.58 23.58 -51.06
N GLU C 207 3.30 23.52 -50.67
CA GLU C 207 2.72 24.66 -49.98
C GLU C 207 3.53 25.03 -48.76
N GLU C 208 4.00 24.04 -48.01
CA GLU C 208 4.76 24.32 -46.80
C GLU C 208 6.08 24.99 -47.13
N LEU C 209 6.84 24.46 -48.10
CA LEU C 209 8.11 25.06 -48.46
C LEU C 209 7.95 26.48 -48.99
N THR C 210 6.98 26.72 -49.86
CA THR C 210 6.79 28.07 -50.37
C THR C 210 6.30 29.02 -49.29
N LYS C 211 5.51 28.54 -48.33
CA LYS C 211 5.18 29.36 -47.17
C LYS C 211 6.47 29.73 -46.41
N GLN C 212 7.40 28.78 -46.33
CA GLN C 212 8.68 29.05 -45.66
C GLN C 212 9.50 30.11 -46.39
N CYS C 213 9.75 29.91 -47.69
CA CYS C 213 10.61 30.82 -48.44
C CYS C 213 10.00 32.20 -48.56
N ALA C 214 8.70 32.35 -48.37
CA ALA C 214 8.04 33.66 -48.40
C ALA C 214 8.38 34.54 -47.19
N LEU C 215 9.35 34.18 -46.35
CA LEU C 215 9.77 34.99 -45.22
C LEU C 215 11.25 35.35 -45.36
N SER C 216 11.63 36.53 -44.87
CA SER C 216 13.04 36.94 -44.93
C SER C 216 13.86 36.13 -43.94
N VAL C 217 15.07 35.73 -44.36
CA VAL C 217 15.92 34.89 -43.50
C VAL C 217 16.04 35.45 -42.09
N GLU C 218 16.01 36.78 -41.95
CA GLU C 218 15.99 37.36 -40.62
C GLU C 218 14.68 37.03 -39.90
N GLU C 219 13.55 37.14 -40.61
CA GLU C 219 12.26 36.78 -40.04
C GLU C 219 12.20 35.28 -39.71
N GLU C 220 12.81 34.45 -40.56
CA GLU C 220 12.86 33.02 -40.28
C GLU C 220 13.65 32.75 -39.02
N ARG C 221 14.78 33.42 -38.83
CA ARG C 221 15.54 33.18 -37.60
C ARG C 221 14.78 33.70 -36.38
N GLN C 222 14.02 34.79 -36.51
CA GLN C 222 13.20 35.26 -35.40
C GLN C 222 12.13 34.23 -35.00
N LEU C 223 11.42 33.70 -36.00
CA LEU C 223 10.42 32.68 -35.70
C LEU C 223 11.06 31.45 -35.07
N LEU C 224 12.19 31.00 -35.62
CA LEU C 224 12.88 29.83 -35.09
C LEU C 224 13.32 30.02 -33.64
N ILE C 225 13.75 31.22 -33.28
CA ILE C 225 14.05 31.44 -31.86
C ILE C 225 12.79 31.31 -31.04
N LYS C 226 11.69 31.94 -31.49
CA LYS C 226 10.43 31.82 -30.75
C LYS C 226 10.05 30.34 -30.57
N GLN C 227 10.26 29.56 -31.63
CA GLN C 227 9.92 28.15 -31.64
C GLN C 227 10.76 27.36 -30.65
N VAL C 228 12.06 27.62 -30.60
CA VAL C 228 12.90 26.87 -29.66
C VAL C 228 12.56 27.24 -28.23
N LYS C 229 12.23 28.50 -27.98
CA LYS C 229 11.80 28.88 -26.64
C LYS C 229 10.57 28.09 -26.22
N THR C 230 9.53 28.14 -27.04
CA THR C 230 8.28 27.48 -26.69
C THR C 230 8.48 25.97 -26.57
N ALA C 231 9.31 25.39 -27.45
CA ALA C 231 9.57 23.95 -27.40
C ALA C 231 10.29 23.52 -26.14
N ARG C 232 11.24 24.32 -25.65
CA ARG C 232 11.90 23.93 -24.41
C ARG C 232 10.91 23.98 -23.25
N GLY C 233 10.03 24.98 -23.25
CA GLY C 233 9.01 25.02 -22.22
C GLY C 233 8.07 23.82 -22.33
N ASP C 234 7.73 23.45 -23.56
CA ASP C 234 6.95 22.24 -23.76
C ASP C 234 7.66 21.01 -23.19
N ILE C 235 8.95 20.87 -23.46
CA ILE C 235 9.67 19.70 -22.97
C ILE C 235 9.63 19.66 -21.44
N GLU C 236 9.74 20.81 -20.81
CA GLU C 236 9.64 20.85 -19.35
C GLU C 236 8.30 20.31 -18.90
N VAL C 237 7.22 20.80 -19.50
CA VAL C 237 5.90 20.34 -19.06
C VAL C 237 5.72 18.85 -19.36
N LEU C 238 6.24 18.38 -20.49
CA LEU C 238 6.10 16.97 -20.84
C LEU C 238 6.81 16.08 -19.85
N GLU C 239 8.03 16.45 -19.43
CA GLU C 239 8.70 15.58 -18.48
C GLU C 239 8.00 15.61 -17.12
N ARG C 240 7.40 16.74 -16.74
CA ARG C 240 6.61 16.72 -15.51
C ARG C 240 5.45 15.72 -15.62
N GLN C 241 4.75 15.75 -16.75
CA GLN C 241 3.71 14.77 -16.99
C GLN C 241 4.24 13.35 -16.96
N VAL C 242 5.46 13.13 -17.47
CA VAL C 242 6.00 11.78 -17.48
C VAL C 242 6.16 11.27 -16.06
N ASN C 243 6.68 12.12 -15.17
CA ASN C 243 6.79 11.66 -13.80
C ASN C 243 5.41 11.38 -13.22
N GLU C 244 4.47 12.30 -13.43
CA GLU C 244 3.15 12.12 -12.86
C GLU C 244 2.52 10.82 -13.35
N THR C 245 2.75 10.50 -14.63
CA THR C 245 2.14 9.31 -15.21
C THR C 245 2.84 8.05 -14.76
N ARG C 246 4.16 8.05 -14.56
CA ARG C 246 4.77 6.89 -13.91
C ARG C 246 4.15 6.65 -12.54
N ASP C 247 3.90 7.72 -11.78
CA ASP C 247 3.27 7.53 -10.48
C ASP C 247 1.88 6.93 -10.64
N ALA C 248 1.06 7.52 -11.50
CA ALA C 248 -0.29 6.98 -11.67
C ALA C 248 -0.28 5.54 -12.18
N LEU C 249 0.66 5.20 -13.06
CA LEU C 249 0.74 3.84 -13.57
C LEU C 249 1.13 2.87 -12.48
N SER C 250 2.11 3.24 -11.65
CA SER C 250 2.44 2.42 -10.48
C SER C 250 1.21 2.19 -9.61
N GLU C 251 0.48 3.26 -9.30
CA GLU C 251 -0.70 3.13 -8.46
C GLU C 251 -1.65 2.13 -9.08
N SER C 252 -1.87 2.25 -10.38
CA SER C 252 -2.81 1.39 -11.08
C SER C 252 -2.35 -0.05 -11.06
N LYS C 253 -1.06 -0.30 -11.32
CA LYS C 253 -0.58 -1.66 -11.36
C LYS C 253 -0.67 -2.33 -9.99
N ASN C 254 -0.41 -1.56 -8.92
CA ASN C 254 -0.56 -2.15 -7.61
C ASN C 254 -2.03 -2.45 -7.33
N ARG C 255 -2.94 -1.60 -7.79
CA ARG C 255 -4.36 -1.91 -7.64
C ARG C 255 -4.73 -3.15 -8.41
N CYS C 256 -4.08 -3.38 -9.54
CA CYS C 256 -4.45 -4.52 -10.36
C CYS C 256 -4.01 -5.82 -9.70
N ALA C 257 -2.78 -5.85 -9.19
CA ALA C 257 -2.34 -7.03 -8.44
C ALA C 257 -3.21 -7.24 -7.20
N SER C 258 -3.53 -6.16 -6.50
CA SER C 258 -4.45 -6.19 -5.38
C SER C 258 -5.77 -6.87 -5.76
N LEU C 259 -6.32 -6.53 -6.93
CA LEU C 259 -7.55 -7.18 -7.36
C LEU C 259 -7.33 -8.65 -7.68
N ASP C 260 -6.19 -8.97 -8.27
CA ASP C 260 -5.99 -10.37 -8.62
C ASP C 260 -5.85 -11.25 -7.38
N GLU C 261 -5.33 -10.69 -6.29
CA GLU C 261 -5.31 -11.46 -5.07
C GLU C 261 -6.72 -11.53 -4.48
N GLU C 262 -7.49 -10.47 -4.59
CA GLU C 262 -8.88 -10.58 -4.15
C GLU C 262 -9.64 -11.60 -4.96
N LEU C 263 -9.25 -11.82 -6.21
CA LEU C 263 -9.89 -12.87 -7.00
C LEU C 263 -9.47 -14.25 -6.54
N LYS C 264 -8.25 -14.42 -6.04
CA LYS C 264 -7.90 -15.71 -5.43
C LYS C 264 -8.91 -16.15 -4.38
N SER C 265 -9.52 -15.19 -3.69
CA SER C 265 -10.44 -15.56 -2.62
C SER C 265 -11.78 -16.11 -3.11
N TYR C 266 -12.06 -16.16 -4.42
CA TYR C 266 -13.31 -16.76 -4.86
C TYR C 266 -13.11 -18.05 -5.62
N SER C 267 -11.88 -18.47 -5.84
CA SER C 267 -11.65 -19.61 -6.71
C SER C 267 -11.66 -20.87 -5.87
N GLY C 268 -12.13 -21.95 -6.47
CA GLY C 268 -11.83 -23.27 -5.96
C GLY C 268 -12.47 -23.59 -4.62
N ASP C 269 -11.64 -24.14 -3.74
CA ASP C 269 -12.13 -24.69 -2.48
C ASP C 269 -12.87 -23.64 -1.66
N ASN C 270 -12.34 -22.41 -1.59
CA ASN C 270 -12.86 -21.40 -0.67
C ASN C 270 -14.33 -21.11 -0.89
N ILE C 271 -14.73 -20.96 -2.15
CA ILE C 271 -16.12 -20.62 -2.42
C ILE C 271 -17.05 -21.72 -1.95
N LYS C 272 -16.70 -22.99 -2.20
CA LYS C 272 -17.55 -24.10 -1.75
C LYS C 272 -17.54 -24.22 -0.23
N ALA C 273 -16.40 -23.98 0.41
CA ALA C 273 -16.37 -23.98 1.87
C ALA C 273 -17.36 -22.97 2.41
N PHE C 274 -17.39 -21.78 1.84
CA PHE C 274 -18.38 -20.82 2.30
C PHE C 274 -19.79 -21.30 2.00
N GLN C 275 -19.97 -21.95 0.86
CA GLN C 275 -21.30 -22.44 0.50
C GLN C 275 -21.83 -23.38 1.54
N GLU C 276 -21.01 -24.35 1.92
CA GLU C 276 -21.45 -25.32 2.90
C GLU C 276 -21.63 -24.68 4.27
N LEU C 277 -20.80 -23.70 4.63
CA LEU C 277 -21.02 -23.02 5.92
C LEU C 277 -22.36 -22.30 5.93
N GLN C 278 -22.73 -21.67 4.81
CA GLN C 278 -24.07 -21.11 4.68
C GLN C 278 -25.13 -22.19 4.87
N GLU C 279 -24.91 -23.34 4.25
CA GLU C 279 -25.87 -24.44 4.37
C GLU C 279 -26.02 -24.85 5.83
N LYS C 280 -24.91 -24.96 6.54
CA LYS C 280 -24.94 -25.34 7.94
C LYS C 280 -25.74 -24.32 8.74
N ASP C 281 -25.51 -23.03 8.48
CA ASP C 281 -26.27 -21.97 9.12
C ASP C 281 -27.76 -22.16 8.92
N ARG C 282 -28.19 -22.32 7.66
CA ARG C 282 -29.63 -22.43 7.45
C ARG C 282 -30.20 -23.70 8.06
N GLU C 283 -29.42 -24.79 8.08
CA GLU C 283 -29.85 -26.00 8.79
C GLU C 283 -30.20 -25.67 10.23
N LEU C 284 -29.25 -25.02 10.92
CA LEU C 284 -29.51 -24.65 12.30
C LEU C 284 -30.71 -23.72 12.43
N GLN C 285 -30.90 -22.84 11.45
CA GLN C 285 -32.00 -21.91 11.60
C GLN C 285 -33.35 -22.62 11.47
N SER C 286 -33.47 -23.57 10.53
CA SER C 286 -34.70 -24.37 10.48
C SER C 286 -34.96 -25.03 11.81
N PHE C 287 -33.91 -25.60 12.41
CA PHE C 287 -34.08 -26.29 13.67
C PHE C 287 -34.52 -25.33 14.78
N MSE C 288 -33.83 -24.20 14.90
CA MSE C 288 -34.16 -23.24 15.94
C MSE C 288 -35.57 -22.71 15.80
O MSE C 288 -36.29 -22.63 16.79
CB MSE C 288 -33.17 -22.06 15.94
CG MSE C 288 -31.82 -22.47 16.42
SE MSE C 288 -30.64 -20.99 16.86
CE MSE C 288 -30.07 -20.46 15.08
N ASP C 289 -35.99 -22.39 14.59
CA ASP C 289 -37.34 -21.90 14.41
C ASP C 289 -38.37 -22.99 14.69
N SER C 290 -37.99 -24.26 14.51
CA SER C 290 -38.90 -25.32 14.89
C SER C 290 -39.05 -25.41 16.40
N PHE C 291 -38.08 -24.91 17.15
CA PHE C 291 -38.18 -25.00 18.61
C PHE C 291 -39.36 -24.26 19.25
N PRO C 292 -39.53 -22.94 19.08
CA PRO C 292 -40.40 -22.21 20.04
C PRO C 292 -41.83 -22.72 20.05
N ALA C 293 -42.37 -23.12 18.89
CA ALA C 293 -43.74 -23.64 18.87
C ALA C 293 -43.87 -24.89 19.72
N LYS C 294 -42.90 -25.80 19.63
CA LYS C 294 -42.91 -26.98 20.50
C LYS C 294 -42.71 -26.58 21.96
N LEU C 295 -41.91 -25.56 22.21
CA LEU C 295 -41.76 -25.05 23.56
C LEU C 295 -43.10 -24.59 24.11
N LYS C 296 -43.81 -23.79 23.33
CA LYS C 296 -45.13 -23.30 23.72
C LYS C 296 -46.11 -24.46 23.92
N GLU C 297 -46.02 -25.49 23.08
CA GLU C 297 -46.91 -26.63 23.23
C GLU C 297 -46.67 -27.32 24.57
N GLU C 298 -45.41 -27.63 24.89
CA GLU C 298 -45.12 -28.24 26.18
C GLU C 298 -45.47 -27.31 27.32
N MSE C 299 -45.34 -26.00 27.12
CA MSE C 299 -45.65 -25.01 28.14
C MSE C 299 -47.13 -25.03 28.47
O MSE C 299 -47.53 -25.04 29.63
CB MSE C 299 -45.25 -23.61 27.66
CG MSE C 299 -45.40 -22.53 28.70
SE MSE C 299 -44.07 -22.72 30.11
CE MSE C 299 -42.55 -21.94 29.16
N ASP C 300 -47.96 -25.02 27.43
CA ASP C 300 -49.40 -25.05 27.63
C ASP C 300 -49.84 -26.38 28.23
N LYS C 301 -49.19 -27.48 27.85
CA LYS C 301 -49.50 -28.77 28.47
C LYS C 301 -49.20 -28.75 29.96
N ILE C 302 -48.03 -28.23 30.35
CA ILE C 302 -47.70 -28.20 31.77
C ILE C 302 -48.64 -27.27 32.52
N THR C 303 -48.98 -26.11 31.94
CA THR C 303 -49.89 -25.21 32.65
C THR C 303 -51.29 -25.79 32.80
N GLU C 304 -51.79 -26.51 31.79
CA GLU C 304 -53.11 -27.13 31.93
C GLU C 304 -53.09 -28.21 33.00
N VAL C 305 -52.05 -29.03 33.02
CA VAL C 305 -52.00 -30.05 34.07
C VAL C 305 -51.76 -29.40 35.43
N GLN C 306 -51.06 -28.27 35.48
CA GLN C 306 -50.89 -27.58 36.76
C GLN C 306 -52.21 -27.00 37.25
N ARG C 307 -53.03 -26.50 36.33
CA ARG C 307 -54.34 -25.97 36.72
C ARG C 307 -55.23 -27.07 37.28
N ASN C 308 -55.29 -28.23 36.61
CA ASN C 308 -56.13 -29.26 37.23
C ASN C 308 -55.46 -29.86 38.47
N ILE C 309 -54.12 -29.81 38.58
CA ILE C 309 -53.45 -30.14 39.84
C ILE C 309 -53.96 -29.24 40.97
N ALA C 310 -53.90 -27.92 40.75
CA ALA C 310 -54.34 -26.98 41.78
C ALA C 310 -55.80 -27.19 42.15
N THR C 311 -56.66 -27.36 41.15
CA THR C 311 -58.08 -27.59 41.45
C THR C 311 -58.28 -28.87 42.24
N LEU C 312 -57.60 -29.96 41.85
CA LEU C 312 -57.69 -31.21 42.62
C LEU C 312 -57.20 -31.00 44.04
N LEU C 313 -56.10 -30.27 44.20
CA LEU C 313 -55.56 -30.02 45.53
C LEU C 313 -56.59 -29.30 46.39
N GLU C 314 -57.18 -28.24 45.86
CA GLU C 314 -58.11 -27.44 46.67
C GLU C 314 -59.40 -28.19 46.95
N ARG C 315 -59.89 -28.98 46.00
CA ARG C 315 -61.10 -29.76 46.29
C ARG C 315 -60.84 -30.87 47.30
N ILE C 316 -59.66 -31.49 47.26
CA ILE C 316 -59.36 -32.51 48.27
C ILE C 316 -59.19 -31.88 49.64
N SER C 317 -58.56 -30.70 49.71
CA SER C 317 -58.45 -30.01 51.00
C SER C 317 -59.83 -29.63 51.52
N GLN C 318 -60.72 -29.21 50.62
CA GLN C 318 -62.08 -28.88 51.00
C GLN C 318 -62.83 -30.11 51.50
N ALA C 319 -62.61 -31.26 50.85
CA ALA C 319 -63.13 -32.53 51.35
C ALA C 319 -62.57 -32.86 52.73
N LEU C 320 -61.31 -32.48 52.98
CA LEU C 320 -60.70 -32.76 54.27
C LEU C 320 -61.35 -31.92 55.36
N GLU C 321 -61.58 -30.64 55.07
CA GLU C 321 -62.29 -29.79 56.03
C GLU C 321 -63.69 -30.33 56.30
N LEU C 322 -64.40 -30.77 55.25
CA LEU C 322 -65.75 -31.28 55.42
C LEU C 322 -65.78 -32.61 56.18
N LYS C 323 -64.72 -33.41 56.08
CA LYS C 323 -64.64 -34.62 56.90
C LYS C 323 -64.17 -34.31 58.31
N LYS C 324 -63.43 -33.22 58.51
CA LYS C 324 -63.10 -32.76 59.85
C LYS C 324 -64.34 -32.22 60.55
N GLN C 325 -65.35 -31.78 59.79
CA GLN C 325 -66.62 -31.40 60.36
C GLN C 325 -67.33 -32.56 61.07
N MSE C 326 -66.86 -33.79 60.91
CA MSE C 326 -67.36 -34.93 61.69
C MSE C 326 -66.45 -36.16 61.68
O MSE C 326 -66.07 -36.66 60.62
CB MSE C 326 -68.75 -35.34 61.21
CG MSE C 326 -68.78 -35.85 59.79
SE MSE C 326 -70.34 -36.93 59.48
CE MSE C 326 -69.74 -38.54 60.41
N PRO C 327 -66.08 -36.66 62.87
CA PRO C 327 -65.40 -37.97 62.94
C PRO C 327 -66.35 -39.13 62.65
N PRO D 10 -15.28 48.63 -32.26
CA PRO D 10 -16.68 49.03 -32.19
C PRO D 10 -16.88 50.56 -32.28
N LYS D 11 -17.75 50.99 -33.21
CA LYS D 11 -18.09 52.40 -33.37
C LYS D 11 -16.85 53.28 -33.57
N GLU D 12 -15.87 52.75 -34.31
CA GLU D 12 -14.60 53.43 -34.55
C GLU D 12 -14.20 53.34 -36.02
N PRO D 13 -14.88 54.11 -36.89
CA PRO D 13 -14.46 54.13 -38.30
C PRO D 13 -13.42 55.21 -38.58
N SER D 14 -12.32 54.85 -39.26
CA SER D 14 -11.35 55.87 -39.67
C SER D 14 -12.00 56.84 -40.64
N GLU D 15 -11.43 58.05 -40.76
CA GLU D 15 -11.95 58.85 -41.85
C GLU D 15 -11.58 58.22 -43.18
N GLU D 16 -10.53 57.40 -43.22
CA GLU D 16 -10.21 56.62 -44.41
C GLU D 16 -11.38 55.71 -44.77
N GLU D 17 -11.80 54.87 -43.81
CA GLU D 17 -12.92 53.96 -44.03
C GLU D 17 -14.18 54.74 -44.39
N VAL D 18 -14.37 55.90 -43.76
CA VAL D 18 -15.53 56.73 -44.03
C VAL D 18 -15.52 57.25 -45.45
N LEU D 19 -14.37 57.77 -45.90
CA LEU D 19 -14.31 58.28 -47.25
C LEU D 19 -14.42 57.16 -48.28
N GLN D 20 -13.78 56.03 -48.02
CA GLN D 20 -13.89 54.91 -48.95
C GLN D 20 -15.35 54.48 -49.11
N TYR D 21 -16.08 54.37 -48.00
CA TYR D 21 -17.48 53.97 -48.09
C TYR D 21 -18.30 55.05 -48.82
N ILE D 22 -18.07 56.32 -48.48
CA ILE D 22 -18.83 57.39 -49.10
C ILE D 22 -18.62 57.40 -50.60
N VAL D 23 -17.37 57.27 -51.03
CA VAL D 23 -17.10 57.25 -52.46
C VAL D 23 -17.76 56.04 -53.11
N ASP D 24 -17.65 54.87 -52.49
CA ASP D 24 -18.22 53.66 -53.07
C ASP D 24 -19.71 53.80 -53.30
N ASN D 25 -20.45 54.23 -52.27
CA ASN D 25 -21.89 54.32 -52.41
C ASN D 25 -22.33 55.51 -53.24
N VAL D 26 -21.58 56.61 -53.24
CA VAL D 26 -21.95 57.70 -54.14
C VAL D 26 -21.79 57.26 -55.57
N ASN D 27 -20.75 56.46 -55.86
CA ASN D 27 -20.64 55.89 -57.20
C ASN D 27 -21.81 54.96 -57.49
N LYS D 28 -22.23 54.17 -56.50
CA LYS D 28 -23.27 53.17 -56.76
C LYS D 28 -24.62 53.83 -57.02
N LEU D 29 -25.00 54.81 -56.20
CA LEU D 29 -26.31 55.43 -56.39
C LEU D 29 -26.38 56.26 -57.65
N LEU D 30 -25.37 57.07 -57.91
CA LEU D 30 -25.43 57.99 -59.03
C LEU D 30 -24.72 57.46 -60.27
N SER D 31 -24.26 56.20 -60.23
CA SER D 31 -23.57 55.55 -61.35
C SER D 31 -22.33 56.31 -61.78
N ARG D 32 -21.72 57.07 -60.88
CA ARG D 32 -20.50 57.80 -61.19
C ARG D 32 -19.28 56.90 -60.96
N HIS D 33 -18.13 57.35 -61.43
CA HIS D 33 -16.89 56.60 -61.33
C HIS D 33 -15.84 57.40 -60.56
N TYR D 34 -16.26 58.07 -59.49
CA TYR D 34 -15.35 58.89 -58.71
C TYR D 34 -14.21 58.07 -58.15
N SER D 35 -13.01 58.65 -58.19
CA SER D 35 -11.86 58.17 -57.45
C SER D 35 -11.74 58.90 -56.12
N LEU D 36 -10.93 58.34 -55.22
CA LEU D 36 -10.74 58.99 -53.93
C LEU D 36 -10.18 60.38 -54.12
N VAL D 37 -9.13 60.50 -54.93
CA VAL D 37 -8.60 61.82 -55.28
C VAL D 37 -9.72 62.68 -55.84
N GLU D 38 -10.46 62.15 -56.80
CA GLU D 38 -11.47 62.93 -57.49
C GLU D 38 -12.56 63.39 -56.54
N PHE D 39 -12.93 62.55 -55.57
CA PHE D 39 -14.00 62.94 -54.66
C PHE D 39 -13.52 63.99 -53.67
N ASP D 40 -12.32 63.80 -53.11
CA ASP D 40 -11.77 64.81 -52.20
C ASP D 40 -11.65 66.16 -52.87
N ALA D 41 -11.57 66.19 -54.19
CA ALA D 41 -11.45 67.43 -54.94
C ALA D 41 -12.75 68.22 -55.00
N ILE D 42 -13.84 67.68 -54.49
CA ILE D 42 -15.16 68.29 -54.65
C ILE D 42 -15.54 68.95 -53.34
N GLN D 43 -15.26 70.26 -53.22
CA GLN D 43 -15.75 71.06 -52.11
C GLN D 43 -16.58 72.23 -52.63
N GLY D 44 -17.25 72.90 -51.70
CA GLY D 44 -18.02 74.07 -52.08
C GLY D 44 -19.40 73.72 -52.58
N THR D 45 -19.90 74.56 -53.50
CA THR D 45 -21.21 74.36 -54.08
C THR D 45 -21.32 73.01 -54.80
N ASP D 46 -20.21 72.52 -55.37
CA ASP D 46 -20.24 71.24 -56.07
C ASP D 46 -20.54 70.08 -55.12
N LEU D 47 -19.96 70.11 -53.91
CA LEU D 47 -20.29 69.11 -52.90
C LEU D 47 -21.73 69.29 -52.41
N LEU D 48 -22.17 70.54 -52.28
CA LEU D 48 -23.57 70.78 -51.95
C LEU D 48 -24.50 70.12 -52.97
N GLN D 49 -24.18 70.23 -54.27
CA GLN D 49 -25.05 69.67 -55.30
C GLN D 49 -24.94 68.16 -55.41
N ILE D 50 -23.77 67.58 -55.11
CA ILE D 50 -23.71 66.13 -54.92
C ILE D 50 -24.71 65.70 -53.85
N LEU D 51 -24.66 66.33 -52.68
CA LEU D 51 -25.63 65.93 -51.67
C LEU D 51 -27.05 66.16 -52.17
N ALA D 52 -27.24 67.25 -52.92
CA ALA D 52 -28.56 67.65 -53.38
C ALA D 52 -29.19 66.60 -54.26
N ASP D 53 -28.46 66.09 -55.23
CA ASP D 53 -29.06 65.06 -56.07
C ASP D 53 -29.01 63.68 -55.40
N ILE D 54 -28.10 63.44 -54.44
CA ILE D 54 -28.18 62.23 -53.65
C ILE D 54 -29.55 62.10 -52.99
N PHE D 55 -29.90 63.08 -52.16
CA PHE D 55 -31.16 62.97 -51.43
C PHE D 55 -32.35 63.47 -52.25
N GLY D 56 -32.09 64.07 -53.42
CA GLY D 56 -33.09 64.35 -54.45
C GLY D 56 -33.61 63.12 -55.18
N THR D 57 -33.01 61.96 -54.97
CA THR D 57 -33.55 60.71 -55.49
C THR D 57 -34.71 60.18 -54.67
N LEU D 58 -34.96 60.73 -53.48
CA LEU D 58 -36.06 60.24 -52.66
C LEU D 58 -37.35 61.00 -52.94
N SER D 59 -37.27 62.32 -53.11
CA SER D 59 -38.42 63.12 -53.51
C SER D 59 -37.90 64.01 -54.63
N PRO D 60 -38.43 63.88 -55.85
CA PRO D 60 -37.89 64.65 -56.97
C PRO D 60 -37.92 66.15 -56.78
N ALA D 61 -38.88 66.68 -56.02
CA ALA D 61 -38.91 68.11 -55.75
C ALA D 61 -37.68 68.57 -54.99
N GLN D 62 -37.04 67.67 -54.22
CA GLN D 62 -35.88 68.04 -53.42
C GLN D 62 -34.59 68.08 -54.23
N GLN D 63 -34.59 67.53 -55.44
CA GLN D 63 -33.42 67.65 -56.30
C GLN D 63 -33.29 69.10 -56.73
N ILE D 64 -32.23 69.76 -56.28
CA ILE D 64 -32.02 71.18 -56.53
C ILE D 64 -30.66 71.35 -57.20
N ASP D 65 -30.55 72.34 -58.07
CA ASP D 65 -29.27 72.68 -58.69
C ASP D 65 -28.59 73.73 -57.86
N MSE D 66 -27.62 73.32 -57.04
CA MSE D 66 -26.76 74.25 -56.33
C MSE D 66 -25.94 74.94 -57.40
O MSE D 66 -25.76 74.40 -58.49
CB MSE D 66 -25.89 73.52 -55.31
CG MSE D 66 -26.71 72.78 -54.26
SE MSE D 66 -27.89 73.90 -53.19
CE MSE D 66 -26.56 74.73 -52.03
N GLY D 67 -25.45 76.15 -57.12
CA GLY D 67 -25.17 77.06 -58.22
C GLY D 67 -26.50 77.74 -58.50
N VAL D 68 -26.50 78.94 -59.07
CA VAL D 68 -27.25 80.05 -58.47
C VAL D 68 -28.51 79.49 -57.83
N ALA D 69 -28.57 79.63 -56.51
CA ALA D 69 -29.64 79.20 -55.63
C ALA D 69 -29.43 79.95 -54.33
N PRO D 70 -30.47 80.26 -53.58
CA PRO D 70 -30.22 81.00 -52.34
C PRO D 70 -29.43 80.15 -51.38
N THR D 71 -28.12 80.40 -51.30
CA THR D 71 -27.24 79.49 -50.59
C THR D 71 -27.75 79.28 -49.17
N ASP D 72 -28.10 80.37 -48.50
CA ASP D 72 -28.64 80.24 -47.15
C ASP D 72 -30.04 79.64 -47.18
N GLU D 73 -30.91 80.14 -48.06
CA GLU D 73 -32.29 79.64 -48.10
C GLU D 73 -32.40 78.23 -48.73
N ALA D 74 -31.66 77.96 -49.80
CA ALA D 74 -31.69 76.60 -50.35
C ALA D 74 -31.02 75.62 -49.40
N ALA D 75 -29.90 76.04 -48.81
CA ALA D 75 -29.30 75.26 -47.74
C ALA D 75 -30.25 75.11 -46.57
N ALA D 76 -31.13 76.09 -46.37
CA ALA D 76 -32.14 75.99 -45.32
C ALA D 76 -33.15 74.91 -45.64
N SER D 77 -33.61 74.85 -46.90
CA SER D 77 -34.50 73.77 -47.30
C SER D 77 -33.81 72.43 -47.14
N MSE D 78 -32.49 72.40 -47.30
CA MSE D 78 -31.72 71.16 -47.13
C MSE D 78 -31.49 70.75 -45.68
O MSE D 78 -31.85 69.65 -45.30
CB MSE D 78 -30.37 71.28 -47.83
CG MSE D 78 -30.51 71.25 -49.32
SE MSE D 78 -28.84 71.32 -50.29
CE MSE D 78 -29.69 71.29 -52.04
N LEU D 79 -30.84 71.60 -44.89
CA LEU D 79 -30.61 71.23 -43.50
C LEU D 79 -31.94 70.95 -42.81
N GLU D 80 -32.97 71.72 -43.15
CA GLU D 80 -34.30 71.45 -42.64
C GLU D 80 -34.80 70.08 -43.08
N PHE D 81 -34.46 69.66 -44.31
CA PHE D 81 -34.85 68.34 -44.79
C PHE D 81 -34.22 67.24 -43.95
N LEU D 82 -32.89 67.31 -43.77
CA LEU D 82 -32.20 66.25 -43.05
C LEU D 82 -32.55 66.27 -41.55
N THR D 83 -32.83 67.45 -41.00
CA THR D 83 -33.22 67.51 -39.60
C THR D 83 -34.63 66.99 -39.39
N LYS D 84 -35.60 67.51 -40.15
CA LYS D 84 -37.01 67.22 -39.96
C LYS D 84 -37.53 66.13 -40.90
N THR D 85 -37.35 66.33 -42.21
CA THR D 85 -37.91 65.41 -43.19
C THR D 85 -37.18 64.07 -43.17
N LEU D 86 -35.85 64.10 -43.25
CA LEU D 86 -35.09 62.85 -43.29
C LEU D 86 -35.22 62.08 -41.98
N GLY D 87 -35.48 62.78 -40.88
CA GLY D 87 -35.80 62.10 -39.65
C GLY D 87 -34.57 61.66 -38.89
N TYR D 88 -34.76 61.45 -37.59
CA TYR D 88 -33.72 60.95 -36.70
C TYR D 88 -32.44 61.79 -36.78
N ARG D 89 -32.55 63.03 -37.25
CA ARG D 89 -31.35 63.84 -37.43
C ARG D 89 -30.58 63.84 -36.13
N VAL D 90 -29.26 63.75 -36.24
CA VAL D 90 -28.44 63.75 -35.04
C VAL D 90 -27.35 64.83 -35.07
N PRO D 91 -27.64 66.11 -35.34
CA PRO D 91 -26.59 67.15 -35.20
C PRO D 91 -26.29 67.41 -33.74
N PRO D 92 -25.18 66.83 -33.22
CA PRO D 92 -24.91 66.82 -31.77
C PRO D 92 -24.26 68.11 -31.29
N MSE D 93 -23.51 67.96 -30.20
CA MSE D 93 -22.92 69.02 -29.40
C MSE D 93 -22.65 70.37 -30.07
O MSE D 93 -23.11 71.38 -29.56
CB MSE D 93 -21.57 68.46 -28.90
CG MSE D 93 -20.70 69.38 -28.11
SE MSE D 93 -21.22 69.46 -26.25
CE MSE D 93 -19.72 70.49 -25.56
N LEU D 94 -21.96 70.40 -31.21
CA LEU D 94 -21.64 71.71 -31.79
C LEU D 94 -22.85 72.31 -32.50
N ALA D 95 -23.99 72.39 -31.81
CA ALA D 95 -25.24 72.78 -32.45
C ALA D 95 -25.12 74.13 -33.16
N ASP D 96 -24.37 75.07 -32.57
CA ASP D 96 -24.19 76.35 -33.23
C ASP D 96 -23.29 76.21 -34.44
N SER D 97 -22.29 75.33 -34.38
CA SER D 97 -21.36 75.19 -35.48
C SER D 97 -21.94 74.41 -36.66
N PHE D 98 -22.99 73.61 -36.44
CA PHE D 98 -23.48 72.74 -37.51
C PHE D 98 -24.03 73.52 -38.71
N PRO D 99 -24.93 74.52 -38.56
CA PRO D 99 -25.44 75.21 -39.75
C PRO D 99 -24.40 76.07 -40.45
N THR D 100 -23.47 76.68 -39.70
CA THR D 100 -22.42 77.46 -40.33
C THR D 100 -21.49 76.55 -41.11
N SER D 101 -21.06 75.44 -40.51
CA SER D 101 -20.12 74.54 -41.16
C SER D 101 -20.76 73.77 -42.31
N PHE D 102 -22.08 73.51 -42.25
CA PHE D 102 -22.74 72.97 -43.42
C PHE D 102 -22.88 74.04 -44.50
N SER D 103 -23.14 75.28 -44.10
CA SER D 103 -23.05 76.39 -45.03
C SER D 103 -21.64 76.53 -45.58
N ARG D 104 -20.64 76.54 -44.69
CA ARG D 104 -19.24 76.52 -45.09
C ARG D 104 -18.83 75.22 -45.78
N ALA D 105 -19.68 74.20 -45.78
CA ALA D 105 -19.40 72.92 -46.43
C ALA D 105 -18.17 72.26 -45.81
N GLU D 106 -18.24 72.05 -44.49
CA GLU D 106 -17.10 71.54 -43.73
C GLU D 106 -17.13 70.02 -43.76
N PRO D 107 -16.18 69.37 -44.44
CA PRO D 107 -16.17 67.89 -44.48
C PRO D 107 -16.22 67.25 -43.11
N THR D 108 -15.54 67.80 -42.10
CA THR D 108 -15.64 67.25 -40.75
C THR D 108 -17.08 67.26 -40.25
N VAL D 109 -17.96 68.03 -40.88
CA VAL D 109 -19.37 68.03 -40.53
C VAL D 109 -20.22 67.27 -41.53
N ILE D 110 -19.93 67.38 -42.84
CA ILE D 110 -20.84 66.77 -43.80
C ILE D 110 -20.50 65.30 -44.03
N TYR D 111 -19.22 64.92 -44.14
CA TYR D 111 -18.90 63.52 -44.39
C TYR D 111 -19.53 62.56 -43.39
N PRO D 112 -19.48 62.79 -42.06
CA PRO D 112 -20.16 61.84 -41.16
C PRO D 112 -21.65 61.77 -41.39
N THR D 113 -22.26 62.88 -41.81
CA THR D 113 -23.67 62.83 -42.19
C THR D 113 -23.86 62.02 -43.45
N LEU D 114 -22.96 62.17 -44.43
CA LEU D 114 -23.03 61.31 -45.61
C LEU D 114 -22.92 59.84 -45.22
N TYR D 115 -22.03 59.51 -44.28
CA TYR D 115 -21.90 58.12 -43.87
C TYR D 115 -23.21 57.61 -43.29
N TRP D 116 -23.81 58.38 -42.37
CA TRP D 116 -25.05 57.93 -41.74
C TRP D 116 -26.20 57.87 -42.75
N VAL D 117 -26.28 58.84 -43.65
CA VAL D 117 -27.42 58.90 -44.57
C VAL D 117 -27.32 57.81 -45.62
N LEU D 118 -26.15 57.64 -46.22
CA LEU D 118 -26.01 56.56 -47.19
C LEU D 118 -26.04 55.19 -46.52
N SER D 119 -25.82 55.12 -45.21
CA SER D 119 -25.91 53.83 -44.54
C SER D 119 -27.37 53.47 -44.23
N ASN D 120 -28.04 54.29 -43.43
CA ASN D 120 -29.42 54.01 -43.02
C ASN D 120 -30.38 54.68 -44.00
N MSE D 121 -30.37 54.18 -45.24
CA MSE D 121 -31.11 54.85 -46.31
C MSE D 121 -32.37 54.11 -46.80
O MSE D 121 -33.35 54.75 -47.23
CB MSE D 121 -30.18 55.13 -47.48
CG MSE D 121 -30.91 55.77 -48.63
SE MSE D 121 -29.83 56.77 -49.85
CE MSE D 121 -31.12 56.99 -51.28
N GLN D 122 -32.35 52.78 -46.75
CA GLN D 122 -33.62 52.07 -46.83
C GLN D 122 -34.64 52.73 -45.92
N GLN D 123 -34.20 53.13 -44.73
CA GLN D 123 -35.04 53.85 -43.78
C GLN D 123 -35.45 55.22 -44.31
N ASN D 124 -34.57 55.89 -45.05
CA ASN D 124 -34.90 57.19 -45.63
C ASN D 124 -36.03 57.08 -46.63
N GLU D 125 -36.05 55.99 -47.42
CA GLU D 125 -37.14 55.79 -48.36
C GLU D 125 -38.48 55.84 -47.63
N LYS D 126 -38.63 55.04 -46.57
CA LYS D 126 -39.86 55.01 -45.80
C LYS D 126 -40.16 56.35 -45.15
N ARG D 127 -39.14 57.03 -44.62
CA ARG D 127 -39.36 58.30 -43.93
C ARG D 127 -39.91 59.35 -44.90
N VAL D 128 -39.30 59.49 -46.08
CA VAL D 128 -39.79 60.47 -47.04
C VAL D 128 -41.14 60.04 -47.58
N TYR D 129 -41.41 58.73 -47.65
CA TYR D 129 -42.73 58.26 -48.04
C TYR D 129 -43.79 58.76 -47.06
N LEU D 130 -43.52 58.62 -45.76
CA LEU D 130 -44.46 59.11 -44.76
C LEU D 130 -44.59 60.64 -44.83
N ALA D 131 -43.47 61.33 -45.08
CA ALA D 131 -43.47 62.79 -45.16
C ALA D 131 -44.29 63.30 -46.34
N ARG D 132 -44.38 62.52 -47.42
CA ARG D 132 -45.13 62.95 -48.61
C ARG D 132 -46.59 63.26 -48.30
N PHE D 133 -47.20 62.50 -47.39
CA PHE D 133 -48.64 62.59 -47.13
C PHE D 133 -49.01 63.44 -45.92
N LEU D 134 -48.26 63.34 -44.83
CA LEU D 134 -48.65 63.98 -43.58
C LEU D 134 -48.32 65.48 -43.64
N GLN D 135 -49.29 66.32 -43.28
CA GLN D 135 -49.18 67.75 -43.57
C GLN D 135 -49.23 68.61 -42.31
N ARG D 136 -49.42 69.91 -42.47
CA ARG D 136 -49.42 70.84 -41.35
C ARG D 136 -50.86 71.19 -40.94
N GLN D 156 -60.77 64.28 -40.94
CA GLN D 156 -61.44 62.99 -40.94
C GLN D 156 -60.56 61.92 -41.59
N TYR D 157 -59.93 62.30 -42.70
CA TYR D 157 -59.07 61.38 -43.44
C TYR D 157 -57.84 60.96 -42.64
N VAL D 158 -57.29 61.87 -41.81
CA VAL D 158 -55.98 61.65 -41.22
C VAL D 158 -56.01 60.61 -40.10
N ASN D 159 -57.08 60.53 -39.31
CA ASN D 159 -57.11 59.47 -38.30
C ASN D 159 -57.43 58.11 -38.92
N LEU D 160 -58.14 58.11 -40.07
CA LEU D 160 -58.21 56.90 -40.89
C LEU D 160 -56.82 56.52 -41.39
N ARG D 161 -56.01 57.51 -41.75
CA ARG D 161 -54.63 57.24 -42.14
C ARG D 161 -53.80 56.74 -40.95
N GLY D 162 -54.15 57.15 -39.73
CA GLY D 162 -53.46 56.62 -38.55
C GLY D 162 -53.80 55.17 -38.28
N MSE D 163 -55.06 54.80 -38.39
CA MSE D 163 -55.43 53.38 -38.33
C MSE D 163 -54.74 52.65 -39.48
O MSE D 163 -54.31 51.49 -39.34
CB MSE D 163 -56.95 53.20 -38.40
N PHE D 164 -54.64 53.33 -40.62
CA PHE D 164 -53.84 52.85 -41.73
C PHE D 164 -52.39 52.66 -41.34
N VAL D 165 -51.86 53.51 -40.45
CA VAL D 165 -50.49 53.37 -39.99
C VAL D 165 -50.36 52.13 -39.10
N ASN D 166 -51.38 51.85 -38.29
CA ASN D 166 -51.39 50.61 -37.52
C ASN D 166 -51.32 49.41 -38.45
N THR D 167 -52.33 49.28 -39.32
CA THR D 167 -52.34 48.17 -40.27
C THR D 167 -51.16 48.26 -41.24
N HIS D 168 -50.52 49.43 -41.34
CA HIS D 168 -49.34 49.65 -42.17
C HIS D 168 -48.10 49.04 -41.55
N ARG D 169 -47.91 49.22 -40.25
CA ARG D 169 -46.85 48.50 -39.56
C ARG D 169 -47.11 47.00 -39.64
N ARG D 170 -48.39 46.61 -39.58
CA ARG D 170 -48.75 45.21 -39.82
C ARG D 170 -48.37 44.77 -41.23
N VAL D 171 -48.59 45.64 -42.23
CA VAL D 171 -48.26 45.35 -43.62
C VAL D 171 -46.77 45.17 -43.79
N ASP D 172 -45.97 46.04 -43.17
CA ASP D 172 -44.52 45.90 -43.26
C ASP D 172 -44.06 44.63 -42.57
N ALA D 173 -44.70 44.29 -41.43
CA ALA D 173 -44.38 43.04 -40.74
C ALA D 173 -44.74 41.83 -41.61
N LEU D 174 -45.84 41.92 -42.35
CA LEU D 174 -46.24 40.83 -43.23
C LEU D 174 -45.36 40.76 -44.48
N ARG D 175 -44.89 41.91 -44.96
CA ARG D 175 -43.97 41.93 -46.10
C ARG D 175 -42.62 41.36 -45.73
N THR D 176 -42.17 41.60 -44.50
CA THR D 176 -40.99 40.92 -44.00
C THR D 176 -41.29 39.47 -43.68
N ALA D 177 -42.54 39.16 -43.30
CA ALA D 177 -42.90 37.80 -42.95
C ALA D 177 -42.93 36.90 -44.18
N HIS D 178 -43.56 37.36 -45.25
CA HIS D 178 -43.62 36.61 -46.49
C HIS D 178 -42.44 37.02 -47.38
N ALA D 179 -41.73 36.05 -47.92
CA ALA D 179 -40.55 36.32 -48.72
C ALA D 179 -40.93 36.54 -50.18
N ASP D 180 -39.96 37.00 -50.96
CA ASP D 180 -40.21 37.25 -52.37
C ASP D 180 -40.14 35.92 -53.11
N PRO D 181 -41.19 35.50 -53.80
CA PRO D 181 -41.17 34.16 -54.41
C PRO D 181 -40.47 34.08 -55.75
N ALA D 182 -39.65 35.07 -56.11
CA ALA D 182 -38.98 35.04 -57.42
C ALA D 182 -37.95 33.91 -57.49
N ASP D 183 -37.03 33.86 -56.53
CA ASP D 183 -36.00 32.83 -56.54
C ASP D 183 -36.58 31.43 -56.45
N ALA D 184 -37.71 31.27 -55.74
CA ALA D 184 -38.29 29.95 -55.59
C ALA D 184 -38.83 29.43 -56.93
N ARG D 185 -39.58 30.26 -57.65
CA ARG D 185 -40.04 29.87 -58.97
C ARG D 185 -38.87 29.64 -59.92
N ARG D 186 -37.76 30.39 -59.74
CA ARG D 186 -36.58 30.14 -60.58
C ARG D 186 -36.03 28.75 -60.33
N ALA D 187 -35.89 28.36 -59.06
CA ALA D 187 -35.43 27.02 -58.75
C ALA D 187 -36.37 25.98 -59.31
N VAL D 188 -37.68 26.22 -59.20
CA VAL D 188 -38.64 25.24 -59.69
C VAL D 188 -38.49 25.06 -61.20
N THR D 189 -38.32 26.15 -61.94
CA THR D 189 -38.13 25.99 -63.37
C THR D 189 -36.83 25.26 -63.67
N VAL D 190 -35.80 25.47 -62.84
CA VAL D 190 -34.57 24.69 -62.99
C VAL D 190 -34.88 23.20 -62.89
N LEU D 191 -35.73 22.84 -61.93
CA LEU D 191 -36.13 21.45 -61.76
C LEU D 191 -36.90 20.96 -62.99
N GLU D 192 -37.76 21.81 -63.54
CA GLU D 192 -38.52 21.42 -64.73
C GLU D 192 -37.59 21.10 -65.89
N GLU D 193 -36.60 21.97 -66.11
CA GLU D 193 -35.63 21.74 -67.18
C GLU D 193 -34.79 20.49 -66.91
N GLU D 194 -34.43 20.26 -65.64
CA GLU D 194 -33.69 19.06 -65.27
C GLU D 194 -34.48 17.82 -65.63
N CYS D 195 -35.78 17.82 -65.31
CA CYS D 195 -36.63 16.68 -65.63
C CYS D 195 -36.74 16.45 -67.14
N ASP D 196 -36.98 17.51 -67.90
CA ASP D 196 -37.13 17.31 -69.34
C ASP D 196 -35.84 16.78 -69.95
N ARG D 197 -34.70 17.30 -69.50
CA ARG D 197 -33.42 16.80 -69.98
C ARG D 197 -33.26 15.32 -69.64
N LEU D 198 -33.64 14.94 -68.41
CA LEU D 198 -33.53 13.56 -67.98
C LEU D 198 -34.41 12.65 -68.81
N ARG D 199 -35.66 13.07 -69.05
CA ARG D 199 -36.57 12.27 -69.86
C ARG D 199 -36.01 12.10 -71.26
N GLY D 200 -35.33 13.11 -71.76
CA GLY D 200 -34.66 12.95 -73.05
C GLY D 200 -33.58 11.89 -72.98
N TYR D 201 -32.75 11.98 -71.95
CA TYR D 201 -31.72 10.96 -71.79
C TYR D 201 -32.33 9.57 -71.74
N ILE D 202 -33.46 9.43 -71.03
CA ILE D 202 -34.10 8.13 -70.90
C ILE D 202 -34.64 7.65 -72.24
N GLN D 203 -35.23 8.57 -73.02
CA GLN D 203 -35.72 8.22 -74.34
C GLN D 203 -34.59 7.73 -75.24
N VAL D 204 -33.49 8.48 -75.31
CA VAL D 204 -32.35 8.07 -76.13
C VAL D 204 -31.83 6.72 -75.66
N ALA D 205 -31.76 6.53 -74.33
CA ALA D 205 -31.19 5.32 -73.78
C ALA D 205 -32.02 4.11 -74.18
N GLU D 206 -33.30 4.14 -73.85
CA GLU D 206 -34.13 2.98 -74.18
C GLU D 206 -34.32 2.82 -75.68
N LYS D 207 -34.09 3.87 -76.47
CA LYS D 207 -34.01 3.65 -77.92
C LYS D 207 -32.75 2.86 -78.27
N LYS D 208 -31.66 3.06 -77.52
CA LYS D 208 -30.51 2.17 -77.72
C LYS D 208 -30.82 0.75 -77.26
N LEU D 209 -31.79 0.59 -76.36
CA LEU D 209 -32.15 -0.72 -75.82
C LEU D 209 -33.22 -1.39 -76.65
N ALA D 210 -33.49 -0.89 -77.85
CA ALA D 210 -34.58 -1.41 -78.68
C ALA D 210 -34.25 -2.79 -79.24
N GLY D 211 -33.06 -2.93 -79.83
CA GLY D 211 -32.66 -4.18 -80.44
C GLY D 211 -32.13 -5.23 -79.50
N VAL D 212 -32.39 -5.09 -78.20
CA VAL D 212 -31.95 -6.10 -77.23
C VAL D 212 -32.81 -7.34 -77.40
N PRO D 213 -32.27 -8.52 -77.16
CA PRO D 213 -33.08 -9.73 -77.32
C PRO D 213 -34.32 -9.79 -76.43
N ASP D 214 -34.13 -9.82 -75.10
CA ASP D 214 -35.23 -9.75 -74.15
C ASP D 214 -35.10 -8.46 -73.36
N LYS D 215 -36.13 -7.62 -73.38
CA LYS D 215 -35.98 -6.31 -72.74
C LYS D 215 -36.49 -6.27 -71.29
N GLU D 216 -37.81 -6.38 -71.09
CA GLU D 216 -38.37 -6.13 -69.77
C GLU D 216 -37.86 -7.12 -68.72
N ALA D 217 -37.55 -8.35 -69.12
CA ALA D 217 -36.99 -9.31 -68.19
C ALA D 217 -35.63 -8.81 -67.67
N LEU D 218 -34.72 -8.51 -68.61
CA LEU D 218 -33.38 -8.05 -68.24
C LEU D 218 -33.43 -6.72 -67.50
N LEU D 219 -34.32 -5.82 -67.91
CA LEU D 219 -34.38 -4.51 -67.27
C LEU D 219 -34.93 -4.61 -65.84
N ASN D 220 -35.92 -5.46 -65.60
CA ASN D 220 -36.35 -5.68 -64.21
C ASN D 220 -35.22 -6.32 -63.40
N ALA D 221 -34.46 -7.24 -64.02
CA ALA D 221 -33.31 -7.84 -63.37
C ALA D 221 -32.31 -6.77 -62.94
N CYS D 222 -32.03 -5.83 -63.85
CA CYS D 222 -31.09 -4.76 -63.54
C CYS D 222 -31.63 -3.80 -62.49
N LYS D 223 -32.92 -3.50 -62.52
CA LYS D 223 -33.46 -2.64 -61.47
C LYS D 223 -33.27 -3.29 -60.11
N SER D 224 -33.53 -4.59 -60.04
CA SER D 224 -33.33 -5.29 -58.77
C SER D 224 -31.85 -5.34 -58.39
N LEU D 225 -30.98 -5.69 -59.34
CA LEU D 225 -29.56 -5.77 -59.04
C LEU D 225 -29.00 -4.42 -58.56
N ARG D 226 -29.34 -3.34 -59.27
CA ARG D 226 -28.88 -2.03 -58.88
C ARG D 226 -29.34 -1.68 -57.48
N ALA D 227 -30.62 -1.96 -57.16
CA ALA D 227 -31.12 -1.66 -55.82
C ALA D 227 -30.39 -2.48 -54.76
N ALA D 228 -30.04 -3.72 -55.09
CA ALA D 228 -29.27 -4.57 -54.18
C ALA D 228 -27.89 -3.99 -53.92
N LEU D 229 -27.23 -3.52 -54.97
CA LEU D 229 -25.90 -2.92 -54.84
C LEU D 229 -25.95 -1.67 -53.96
N GLU D 230 -27.01 -0.87 -54.11
CA GLU D 230 -27.18 0.31 -53.27
C GLU D 230 -27.36 -0.08 -51.81
N GLU D 231 -28.20 -1.10 -51.55
CA GLU D 231 -28.33 -1.60 -50.19
C GLU D 231 -27.00 -2.15 -49.68
N GLU D 232 -26.24 -2.81 -50.56
CA GLU D 232 -24.94 -3.35 -50.19
C GLU D 232 -24.03 -2.27 -49.63
N SER D 233 -23.81 -1.21 -50.42
CA SER D 233 -22.85 -0.21 -49.97
C SER D 233 -23.39 0.59 -48.78
N ARG D 234 -24.70 0.84 -48.70
CA ARG D 234 -25.19 1.56 -47.53
C ARG D 234 -24.98 0.75 -46.26
N LEU D 235 -25.16 -0.57 -46.35
CA LEU D 235 -24.88 -1.42 -45.18
C LEU D 235 -23.42 -1.37 -44.81
N ALA D 236 -22.53 -1.53 -45.79
CA ALA D 236 -21.10 -1.44 -45.50
C ALA D 236 -20.79 -0.15 -44.75
N GLU D 237 -21.34 0.97 -45.24
CA GLU D 237 -20.99 2.24 -44.62
C GLU D 237 -21.54 2.31 -43.21
N LYS D 238 -22.79 1.90 -42.99
CA LYS D 238 -23.36 1.96 -41.65
C LYS D 238 -22.64 1.02 -40.69
N GLY D 239 -22.19 -0.12 -41.21
CA GLY D 239 -21.45 -1.02 -40.36
C GLY D 239 -20.18 -0.35 -39.88
N VAL D 240 -19.44 0.25 -40.80
CA VAL D 240 -18.23 0.96 -40.41
C VAL D 240 -18.56 2.05 -39.38
N GLU D 241 -19.61 2.82 -39.63
CA GLU D 241 -19.94 3.91 -38.70
C GLU D 241 -20.26 3.38 -37.31
N LEU D 242 -21.04 2.31 -37.24
CA LEU D 242 -21.42 1.78 -35.93
C LEU D 242 -20.21 1.20 -35.22
N GLN D 243 -19.33 0.53 -35.97
CA GLN D 243 -18.10 0.01 -35.38
C GLN D 243 -17.27 1.13 -34.78
N GLN D 244 -17.02 2.18 -35.56
CA GLN D 244 -16.17 3.26 -35.08
C GLN D 244 -16.84 4.01 -33.94
N GLN D 245 -18.17 4.09 -33.94
CA GLN D 245 -18.86 4.82 -32.90
C GLN D 245 -18.77 4.06 -31.59
N LEU D 246 -18.80 2.72 -31.69
CA LEU D 246 -18.47 1.85 -30.57
C LEU D 246 -17.09 2.16 -30.01
N ILE D 247 -16.06 1.98 -30.85
CA ILE D 247 -14.67 2.18 -30.41
C ILE D 247 -14.51 3.51 -29.68
N SER D 248 -15.10 4.56 -30.23
CA SER D 248 -14.96 5.86 -29.59
C SER D 248 -15.71 5.91 -28.28
N SER D 249 -16.80 5.17 -28.15
CA SER D 249 -17.51 5.18 -26.87
C SER D 249 -16.71 4.45 -25.80
N ARG D 250 -16.07 3.35 -26.19
CA ARG D 250 -15.12 2.66 -25.34
C ARG D 250 -14.05 3.62 -24.83
N GLN D 251 -13.34 4.25 -25.78
CA GLN D 251 -12.31 5.22 -25.44
C GLN D 251 -12.83 6.29 -24.48
N ARG D 252 -14.08 6.70 -24.65
CA ARG D 252 -14.55 7.72 -23.74
C ARG D 252 -14.71 7.17 -22.33
N SER D 253 -15.11 5.90 -22.22
CA SER D 253 -15.09 5.30 -20.88
C SER D 253 -13.69 5.33 -20.30
N THR D 254 -12.71 4.80 -21.05
CA THR D 254 -11.33 4.84 -20.60
C THR D 254 -10.93 6.25 -20.14
N GLU D 255 -11.38 7.26 -20.87
CA GLU D 255 -11.16 8.62 -20.41
C GLU D 255 -11.79 8.84 -19.05
N MSE D 256 -13.00 8.34 -18.84
CA MSE D 256 -13.72 8.61 -17.61
C MSE D 256 -13.00 7.98 -16.44
O MSE D 256 -12.98 8.47 -15.30
CB MSE D 256 -15.15 8.08 -17.74
CG MSE D 256 -15.95 8.79 -18.80
SE MSE D 256 -16.20 10.68 -18.38
CE MSE D 256 -14.85 11.42 -19.55
N HIS D 257 -12.35 6.87 -16.74
CA HIS D 257 -11.57 6.15 -15.74
C HIS D 257 -10.30 6.92 -15.40
N ASN D 258 -9.56 7.36 -16.41
CA ASN D 258 -8.43 8.25 -16.19
C ASN D 258 -8.81 9.45 -15.35
N ARG D 259 -9.97 10.03 -15.63
CA ARG D 259 -10.39 11.19 -14.87
C ARG D 259 -10.70 10.80 -13.44
N LEU D 260 -11.27 9.62 -13.23
CA LEU D 260 -11.57 9.17 -11.86
C LEU D 260 -10.28 8.98 -11.07
N GLN D 261 -9.30 8.30 -11.65
CA GLN D 261 -8.00 8.13 -11.02
C GLN D 261 -7.45 9.47 -10.60
N ASN D 262 -7.45 10.41 -11.52
CA ASN D 262 -6.94 11.74 -11.20
C ASN D 262 -7.81 12.45 -10.17
N LEU D 263 -9.12 12.18 -10.14
CA LEU D 263 -9.98 12.83 -9.15
C LEU D 263 -9.62 12.37 -7.76
N ARG D 264 -9.36 11.07 -7.62
CA ARG D 264 -9.04 10.53 -6.31
C ARG D 264 -7.67 10.97 -5.88
N ARG D 265 -6.70 10.89 -6.79
CA ARG D 265 -5.37 11.39 -6.46
C ARG D 265 -5.40 12.86 -6.08
N ASP D 266 -6.20 13.68 -6.75
CA ASP D 266 -6.25 15.08 -6.35
C ASP D 266 -6.94 15.23 -5.01
N ALA D 267 -7.93 14.39 -4.74
CA ALA D 267 -8.60 14.42 -3.44
C ALA D 267 -7.66 14.03 -2.32
N ALA D 268 -6.60 13.26 -2.62
CA ALA D 268 -5.62 12.87 -1.62
C ALA D 268 -5.07 14.09 -0.90
N ASP D 269 -4.35 14.98 -1.60
CA ASP D 269 -3.99 16.30 -1.05
C ASP D 269 -5.00 17.32 -1.56
N GLY D 270 -5.88 17.77 -0.67
CA GLY D 270 -6.90 18.76 -0.97
C GLY D 270 -6.38 20.09 -1.47
N ARG D 271 -5.06 20.20 -1.68
CA ARG D 271 -4.39 21.43 -2.06
C ARG D 271 -4.76 21.84 -3.49
N VAL D 272 -5.65 22.83 -3.62
CA VAL D 272 -6.07 23.28 -4.96
C VAL D 272 -4.87 23.75 -5.78
N ASP D 273 -3.91 24.43 -5.15
CA ASP D 273 -2.78 24.97 -5.90
C ASP D 273 -2.10 23.86 -6.69
N VAL D 274 -1.81 22.75 -6.03
CA VAL D 274 -1.14 21.66 -6.71
C VAL D 274 -2.06 21.05 -7.76
N ILE D 275 -3.35 20.99 -7.45
CA ILE D 275 -4.33 20.43 -8.38
C ILE D 275 -4.34 21.23 -9.67
N VAL D 276 -4.45 22.57 -9.56
CA VAL D 276 -4.58 23.40 -10.75
C VAL D 276 -3.28 23.40 -11.53
N ARG D 277 -2.13 23.32 -10.84
CA ARG D 277 -0.90 23.20 -11.62
C ARG D 277 -0.86 21.90 -12.44
N ARG D 278 -1.25 20.76 -11.86
CA ARG D 278 -1.20 19.59 -12.73
C ARG D 278 -2.27 19.68 -13.82
N LEU D 279 -3.45 20.21 -13.49
CA LEU D 279 -4.47 20.38 -14.52
C LEU D 279 -3.93 21.17 -15.68
N ARG D 280 -3.27 22.29 -15.37
CA ARG D 280 -2.71 23.13 -16.41
C ARG D 280 -1.65 22.38 -17.20
N ASP D 281 -0.87 21.54 -16.54
CA ASP D 281 0.11 20.78 -17.30
C ASP D 281 -0.58 19.82 -18.25
N GLU D 282 -1.72 19.24 -17.84
CA GLU D 282 -2.48 18.41 -18.77
C GLU D 282 -3.07 19.25 -19.89
N ILE D 283 -3.58 20.43 -19.55
CA ILE D 283 -4.15 21.31 -20.56
C ILE D 283 -3.11 21.63 -21.62
N GLN D 284 -1.92 21.97 -21.18
CA GLN D 284 -0.88 22.33 -22.13
C GLN D 284 -0.36 21.11 -22.88
N THR D 285 -0.31 19.94 -22.25
CA THR D 285 0.11 18.78 -23.03
C THR D 285 -0.90 18.49 -24.12
N ASN D 286 -2.17 18.77 -23.85
CA ASN D 286 -3.16 18.57 -24.90
C ASN D 286 -3.04 19.63 -25.98
N LYS D 287 -2.84 20.87 -25.58
CA LYS D 287 -2.73 21.93 -26.58
C LYS D 287 -1.57 21.66 -27.53
N MSE D 288 -0.45 21.17 -27.01
CA MSE D 288 0.68 20.82 -27.88
C MSE D 288 0.27 19.86 -29.00
O MSE D 288 1.04 19.58 -29.91
CB MSE D 288 1.79 20.14 -27.10
CG MSE D 288 2.32 20.87 -25.94
SE MSE D 288 3.62 19.68 -25.22
CE MSE D 288 3.83 20.49 -23.46
N ILE D 289 -0.92 19.30 -28.91
CA ILE D 289 -1.34 18.30 -29.88
C ILE D 289 -2.67 18.64 -30.55
N ILE D 290 -3.50 19.49 -29.96
CA ILE D 290 -4.77 19.87 -30.57
C ILE D 290 -4.66 21.15 -31.36
N GLU D 291 -3.59 21.92 -31.17
CA GLU D 291 -3.48 23.21 -31.84
C GLU D 291 -3.12 23.06 -33.30
N GLU D 292 -2.14 22.21 -33.65
CA GLU D 292 -1.86 22.02 -35.07
C GLU D 292 -1.88 20.58 -35.55
N GLN D 293 -1.13 19.70 -34.88
CA GLN D 293 -0.81 18.38 -35.44
C GLN D 293 -2.05 17.53 -35.69
N LEU D 294 -2.97 17.54 -34.76
CA LEU D 294 -4.14 16.70 -34.90
C LEU D 294 -5.06 17.34 -35.94
N PRO D 295 -5.27 18.67 -35.94
CA PRO D 295 -6.02 19.27 -37.06
C PRO D 295 -5.38 19.07 -38.43
N LYS D 296 -4.05 19.01 -38.54
CA LYS D 296 -3.46 18.71 -39.83
C LYS D 296 -3.72 17.26 -40.25
N GLU D 297 -3.59 16.30 -39.32
CA GLU D 297 -3.89 14.93 -39.71
C GLU D 297 -5.36 14.80 -40.12
N LEU D 298 -6.26 15.46 -39.39
CA LEU D 298 -7.67 15.45 -39.75
C LEU D 298 -7.91 16.05 -41.13
N GLN D 299 -7.37 17.25 -41.38
CA GLN D 299 -7.55 17.88 -42.68
C GLN D 299 -7.02 16.98 -43.79
N GLN D 300 -5.81 16.45 -43.61
CA GLN D 300 -5.23 15.58 -44.62
C GLN D 300 -6.12 14.35 -44.87
N LYS D 301 -6.70 13.78 -43.82
CA LYS D 301 -7.58 12.65 -44.06
C LYS D 301 -8.81 13.08 -44.85
N GLN D 302 -9.39 14.22 -44.48
CA GLN D 302 -10.53 14.73 -45.21
C GLN D 302 -10.19 14.88 -46.70
N ARG D 303 -9.03 15.48 -47.00
CA ARG D 303 -8.62 15.70 -48.40
C ARG D 303 -8.43 14.39 -49.13
N GLU D 304 -7.75 13.43 -48.50
CA GLU D 304 -7.52 12.14 -49.15
C GLU D 304 -8.85 11.48 -49.50
N ASN D 305 -9.80 11.46 -48.55
CA ASN D 305 -11.10 10.87 -48.83
C ASN D 305 -11.81 11.62 -49.94
N ALA D 306 -11.66 12.95 -49.95
CA ALA D 306 -12.26 13.74 -51.01
C ALA D 306 -11.72 13.33 -52.36
N GLU D 307 -10.39 13.21 -52.48
CA GLU D 307 -9.81 12.88 -53.77
C GLU D 307 -10.16 11.47 -54.20
N PHE D 308 -10.28 10.53 -53.27
CA PHE D 308 -10.62 9.18 -53.69
C PHE D 308 -12.09 9.04 -54.04
N ASP D 309 -12.98 9.71 -53.29
CA ASP D 309 -14.37 9.70 -53.69
C ASP D 309 -14.53 10.30 -55.08
N ARG D 310 -13.75 11.33 -55.40
CA ARG D 310 -13.84 11.90 -56.74
C ARG D 310 -13.23 10.96 -57.77
N LEU D 311 -12.18 10.22 -57.40
CA LEU D 311 -11.58 9.26 -58.33
C LEU D 311 -12.54 8.13 -58.67
N ILE D 312 -13.40 7.75 -57.74
CA ILE D 312 -14.37 6.73 -58.11
C ILE D 312 -15.56 7.36 -58.81
N SER D 313 -15.90 8.60 -58.47
CA SER D 313 -17.10 9.23 -59.00
C SER D 313 -16.97 9.57 -60.48
N GLU D 314 -15.82 10.07 -60.90
CA GLU D 314 -15.56 10.59 -62.24
C GLU D 314 -14.88 9.54 -63.09
N PRO D 315 -14.74 9.78 -64.39
CA PRO D 315 -13.89 8.91 -65.22
C PRO D 315 -12.42 9.27 -65.06
N LEU D 316 -11.57 8.32 -65.46
CA LEU D 316 -10.15 8.42 -65.17
C LEU D 316 -9.41 9.01 -66.35
N ASP D 317 -8.67 10.10 -66.10
CA ASP D 317 -7.68 10.67 -67.01
C ASP D 317 -6.33 10.55 -66.32
N MSE D 318 -5.59 9.50 -66.65
CA MSE D 318 -4.31 9.26 -65.99
C MSE D 318 -3.29 10.33 -66.36
O MSE D 318 -2.34 10.58 -65.62
CB MSE D 318 -3.77 7.88 -66.35
CG MSE D 318 -2.51 7.43 -65.59
SE MSE D 318 -2.82 6.94 -63.70
CE MSE D 318 -0.99 6.45 -63.23
N GLN D 319 -3.49 10.97 -67.52
CA GLN D 319 -2.51 11.94 -67.97
C GLN D 319 -2.43 13.13 -67.03
N ALA D 320 -3.59 13.59 -66.53
CA ALA D 320 -3.59 14.71 -65.60
C ALA D 320 -2.80 14.37 -64.35
N LEU D 321 -2.97 13.16 -63.84
CA LEU D 321 -2.28 12.78 -62.62
C LEU D 321 -0.79 12.67 -62.84
N THR D 322 -0.37 11.99 -63.92
CA THR D 322 1.05 11.84 -64.17
C THR D 322 1.73 13.18 -64.42
N THR D 323 1.07 14.10 -65.13
CA THR D 323 1.70 15.38 -65.37
C THR D 323 1.78 16.22 -64.11
N GLU D 324 0.73 16.22 -63.28
CA GLU D 324 0.86 16.92 -62.00
C GLU D 324 1.98 16.28 -61.18
N ASN D 325 2.19 14.98 -61.34
CA ASN D 325 3.29 14.32 -60.65
C ASN D 325 4.62 14.91 -61.10
N GLN D 326 4.86 14.92 -62.41
CA GLN D 326 6.13 15.45 -62.91
C GLN D 326 6.31 16.89 -62.49
N GLN D 327 5.24 17.68 -62.55
CA GLN D 327 5.34 19.09 -62.19
C GLN D 327 5.67 19.26 -60.72
N LEU D 328 5.05 18.48 -59.85
CA LEU D 328 5.38 18.59 -58.44
C LEU D 328 6.81 18.14 -58.18
N ASP D 329 7.28 17.10 -58.88
CA ASP D 329 8.66 16.68 -58.73
C ASP D 329 9.62 17.81 -59.08
N GLU D 330 9.41 18.44 -60.24
CA GLU D 330 10.29 19.54 -60.64
C GLU D 330 10.21 20.69 -59.65
N ALA D 331 9.00 21.05 -59.22
CA ALA D 331 8.85 22.19 -58.33
C ALA D 331 9.52 21.93 -56.99
N LEU D 332 9.41 20.72 -56.47
CA LEU D 332 10.07 20.42 -55.21
C LEU D 332 11.58 20.39 -55.38
N LYS D 333 12.08 19.93 -56.54
CA LYS D 333 13.52 20.03 -56.78
C LYS D 333 13.97 21.49 -56.71
N LYS D 334 13.25 22.37 -57.42
CA LYS D 334 13.54 23.80 -57.41
C LYS D 334 13.50 24.37 -56.00
N LEU D 335 12.49 24.00 -55.22
CA LEU D 335 12.37 24.56 -53.87
C LEU D 335 13.49 24.06 -52.96
N HIS D 336 13.93 22.81 -53.14
CA HIS D 336 15.02 22.32 -52.31
C HIS D 336 16.31 23.04 -52.64
N GLN D 337 16.62 23.18 -53.92
CA GLN D 337 17.79 23.95 -54.29
C GLN D 337 17.69 25.38 -53.79
N GLN D 338 16.46 25.94 -53.77
CA GLN D 338 16.26 27.31 -53.30
C GLN D 338 16.50 27.46 -51.80
N VAL D 339 16.04 26.52 -51.00
CA VAL D 339 16.34 26.64 -49.58
C VAL D 339 17.82 26.35 -49.34
N LYS D 340 18.45 25.52 -50.19
CA LYS D 340 19.87 25.23 -50.02
C LYS D 340 20.70 26.49 -50.24
N GLU D 341 20.48 27.19 -51.35
CA GLU D 341 21.17 28.47 -51.52
C GLU D 341 20.69 29.52 -50.55
N ARG D 342 19.53 29.30 -49.92
CA ARG D 342 19.10 30.22 -48.88
C ARG D 342 19.90 30.03 -47.60
N GLN D 343 20.48 28.85 -47.40
CA GLN D 343 21.25 28.49 -46.20
C GLN D 343 22.73 28.83 -46.35
N LYS D 344 23.10 29.54 -47.41
CA LYS D 344 24.51 29.85 -47.63
C LYS D 344 24.98 30.92 -46.64
N PRO D 345 26.19 30.79 -46.12
CA PRO D 345 26.67 31.76 -45.12
C PRO D 345 26.69 33.18 -45.67
N GLY D 346 26.20 34.12 -44.86
CA GLY D 346 26.16 35.53 -45.26
C GLY D 346 27.50 36.24 -45.09
N GLY D 349 30.56 34.98 -40.85
CA GLY D 349 29.65 33.85 -40.68
C GLY D 349 28.20 34.23 -40.89
N SER D 350 27.44 34.30 -39.80
CA SER D 350 26.02 34.68 -39.83
C SER D 350 25.19 33.72 -40.67
N THR D 351 25.39 32.42 -40.46
CA THR D 351 24.57 31.42 -41.12
C THR D 351 23.26 31.20 -40.36
N ILE D 352 22.23 30.78 -41.09
CA ILE D 352 21.00 30.32 -40.46
C ILE D 352 21.09 28.86 -40.02
N ALA D 353 21.99 28.07 -40.61
CA ALA D 353 22.04 26.63 -40.33
C ALA D 353 22.30 26.30 -38.87
N THR D 354 22.94 27.22 -38.13
CA THR D 354 23.22 26.97 -36.72
C THR D 354 21.93 26.84 -35.90
N ILE D 355 20.98 27.75 -36.11
CA ILE D 355 19.71 27.61 -35.41
C ILE D 355 18.92 26.44 -35.94
N LYS D 356 19.12 26.05 -37.19
CA LYS D 356 18.47 24.86 -37.71
C LYS D 356 18.96 23.61 -36.97
N GLN D 357 20.25 23.54 -36.65
CA GLN D 357 20.77 22.41 -35.88
C GLN D 357 20.31 22.44 -34.42
N GLN D 358 20.28 23.64 -33.80
CA GLN D 358 19.75 23.71 -32.44
C GLN D 358 18.28 23.32 -32.38
N VAL D 359 17.47 23.80 -33.34
CA VAL D 359 16.06 23.44 -33.33
C VAL D 359 15.91 21.96 -33.65
N GLU D 360 16.81 21.39 -34.47
CA GLU D 360 16.81 19.95 -34.68
C GLU D 360 16.96 19.20 -33.36
N ARG D 361 17.91 19.63 -32.53
CA ARG D 361 18.13 18.96 -31.27
C ARG D 361 16.93 19.10 -30.34
N VAL D 362 16.38 20.30 -30.24
CA VAL D 362 15.26 20.49 -29.32
C VAL D 362 14.00 19.78 -29.83
N ALA D 363 13.76 19.79 -31.13
CA ALA D 363 12.59 19.05 -31.64
C ALA D 363 12.75 17.55 -31.42
N LYS D 364 13.95 17.01 -31.65
CA LYS D 364 14.17 15.59 -31.39
C LYS D 364 13.91 15.26 -29.93
N ARG D 365 14.41 16.08 -29.01
CA ARG D 365 14.10 15.87 -27.60
C ARG D 365 12.60 15.95 -27.35
N LYS D 366 11.92 16.90 -27.99
CA LYS D 366 10.49 17.05 -27.73
C LYS D 366 9.74 15.80 -28.15
N VAL D 367 10.06 15.26 -29.33
CA VAL D 367 9.34 14.08 -29.79
C VAL D 367 9.66 12.90 -28.88
N GLU D 368 10.90 12.79 -28.44
CA GLU D 368 11.22 11.65 -27.59
C GLU D 368 10.44 11.67 -26.28
N VAL D 369 10.51 12.78 -25.54
CA VAL D 369 9.78 12.81 -24.27
C VAL D 369 8.28 12.73 -24.52
N MSE D 370 7.81 13.21 -25.66
CA MSE D 370 6.39 13.10 -25.96
C MSE D 370 6.00 11.65 -26.11
O MSE D 370 4.99 11.19 -25.56
CB MSE D 370 6.08 13.88 -27.24
CG MSE D 370 4.64 13.75 -27.70
SE MSE D 370 3.40 14.55 -26.42
CE MSE D 370 1.72 14.04 -27.28
N GLU D 371 6.83 10.91 -26.85
CA GLU D 371 6.53 9.50 -27.10
C GLU D 371 6.61 8.67 -25.83
N GLN D 372 7.59 8.97 -24.98
CA GLN D 372 7.62 8.38 -23.64
C GLN D 372 6.30 8.63 -22.91
N LEU D 373 5.86 9.89 -22.88
CA LEU D 373 4.62 10.21 -22.19
C LEU D 373 3.46 9.37 -22.70
N THR D 374 3.32 9.33 -24.02
CA THR D 374 2.15 8.65 -24.57
C THR D 374 2.21 7.16 -24.30
N GLY D 375 3.38 6.54 -24.44
CA GLY D 375 3.50 5.14 -24.06
C GLY D 375 3.09 4.87 -22.62
N LEU D 376 3.62 5.66 -21.69
CA LEU D 376 3.23 5.47 -20.30
C LEU D 376 1.73 5.60 -20.12
N GLN D 377 1.13 6.60 -20.72
CA GLN D 377 -0.29 6.78 -20.44
C GLN D 377 -1.12 5.71 -21.13
N ALA D 378 -0.62 5.16 -22.23
CA ALA D 378 -1.23 3.97 -22.82
C ALA D 378 -1.25 2.83 -21.81
N ASP D 379 -0.10 2.54 -21.20
CA ASP D 379 -0.05 1.49 -20.18
C ASP D 379 -1.01 1.79 -19.06
N ASN D 380 -1.09 3.04 -18.62
CA ASN D 380 -2.01 3.35 -17.54
C ASN D 380 -3.42 3.02 -17.96
N SER D 381 -3.78 3.35 -19.19
CA SER D 381 -5.15 3.08 -19.61
C SER D 381 -5.42 1.58 -19.77
N ARG D 382 -4.48 0.82 -20.31
CA ARG D 382 -4.68 -0.64 -20.34
C ARG D 382 -4.87 -1.18 -18.93
N THR D 383 -3.87 -0.95 -18.08
CA THR D 383 -3.93 -1.41 -16.70
C THR D 383 -5.21 -0.98 -16.01
N LEU D 384 -5.72 0.19 -16.33
CA LEU D 384 -6.90 0.66 -15.65
C LEU D 384 -8.16 -0.02 -16.19
N ASN D 385 -8.15 -0.34 -17.49
CA ASN D 385 -9.21 -1.19 -18.02
C ASN D 385 -9.21 -2.53 -17.32
N ASP D 386 -8.03 -3.12 -17.17
CA ASP D 386 -7.93 -4.42 -16.51
C ASP D 386 -8.52 -4.34 -15.12
N ILE D 387 -8.21 -3.26 -14.41
CA ILE D 387 -8.79 -3.02 -13.09
C ILE D 387 -10.30 -3.02 -13.15
N ARG D 388 -10.88 -2.42 -14.19
CA ARG D 388 -12.34 -2.43 -14.24
C ARG D 388 -12.87 -3.83 -14.51
N GLU D 389 -12.18 -4.60 -15.35
CA GLU D 389 -12.65 -5.96 -15.58
C GLU D 389 -12.68 -6.73 -14.27
N ARG D 390 -11.57 -6.72 -13.53
CA ARG D 390 -11.52 -7.48 -12.29
C ARG D 390 -12.52 -6.95 -11.27
N GLU D 391 -12.64 -5.64 -11.13
CA GLU D 391 -13.67 -5.11 -10.25
C GLU D 391 -15.04 -5.64 -10.66
N ASN D 392 -15.29 -5.72 -11.96
CA ASN D 392 -16.60 -6.19 -12.40
C ASN D 392 -16.78 -7.66 -12.09
N ARG D 393 -15.74 -8.46 -12.32
CA ARG D 393 -15.84 -9.89 -12.04
C ARG D 393 -16.13 -10.12 -10.58
N ILE D 394 -15.48 -9.36 -9.70
CA ILE D 394 -15.67 -9.51 -8.28
C ILE D 394 -17.08 -9.09 -7.86
N GLU D 395 -17.62 -8.04 -8.48
CA GLU D 395 -18.99 -7.72 -8.12
C GLU D 395 -19.95 -8.81 -8.60
N GLN D 396 -19.67 -9.45 -9.74
CA GLN D 396 -20.56 -10.52 -10.18
C GLN D 396 -20.50 -11.69 -9.22
N LEU D 397 -19.31 -12.00 -8.71
CA LEU D 397 -19.20 -13.10 -7.78
C LEU D 397 -19.89 -12.77 -6.46
N ARG D 398 -19.61 -11.60 -5.88
CA ARG D 398 -20.34 -11.21 -4.69
C ARG D 398 -21.84 -11.07 -4.93
N GLU D 399 -22.29 -10.99 -6.18
CA GLU D 399 -23.73 -10.99 -6.41
C GLU D 399 -24.26 -12.41 -6.38
N ALA D 400 -23.57 -13.34 -7.05
CA ALA D 400 -24.00 -14.73 -7.05
C ALA D 400 -24.01 -15.32 -5.65
N HIS D 401 -23.19 -14.79 -4.75
CA HIS D 401 -23.11 -15.22 -3.37
C HIS D 401 -23.31 -13.97 -2.53
N HIS D 402 -22.90 -14.00 -1.29
CA HIS D 402 -22.52 -12.76 -0.63
C HIS D 402 -21.32 -13.06 0.26
N MSE D 403 -20.35 -13.76 -0.31
CA MSE D 403 -19.26 -14.34 0.46
C MSE D 403 -18.42 -13.31 1.24
O MSE D 403 -18.36 -12.14 0.85
CB MSE D 403 -18.35 -15.13 -0.48
CG MSE D 403 -17.23 -15.87 0.23
SE MSE D 403 -16.01 -16.69 -0.99
CE MSE D 403 -15.17 -15.06 -1.56
N LEU D 404 -17.80 -13.75 2.33
CA LEU D 404 -16.94 -12.90 3.16
C LEU D 404 -15.47 -13.28 3.03
N LYS D 405 -15.11 -14.54 3.30
CA LYS D 405 -13.77 -15.07 3.04
C LYS D 405 -12.67 -14.21 3.66
N ASP D 406 -12.94 -13.70 4.86
CA ASP D 406 -11.99 -12.85 5.59
C ASP D 406 -12.12 -13.20 7.06
N ASP D 407 -11.63 -12.32 7.93
CA ASP D 407 -11.97 -12.46 9.34
C ASP D 407 -13.47 -12.33 9.59
N ASP D 408 -14.19 -11.67 8.67
CA ASP D 408 -15.65 -11.66 8.72
C ASP D 408 -16.22 -13.06 8.54
N PHE D 409 -15.60 -13.85 7.66
CA PHE D 409 -15.92 -15.27 7.56
C PHE D 409 -15.81 -15.94 8.93
N ARG D 410 -14.76 -15.60 9.67
CA ARG D 410 -14.56 -16.18 11.00
C ARG D 410 -15.64 -15.74 11.98
N GLU D 411 -16.08 -14.48 11.90
CA GLU D 411 -17.15 -14.02 12.79
C GLU D 411 -18.48 -14.69 12.44
N PHE D 412 -18.74 -14.90 11.14
CA PHE D 412 -19.93 -15.63 10.71
C PHE D 412 -19.91 -17.06 11.24
N SER D 413 -18.78 -17.74 11.08
CA SER D 413 -18.68 -19.10 11.58
C SER D 413 -18.76 -19.15 13.11
N LYS D 414 -18.22 -18.15 13.81
CA LYS D 414 -18.35 -18.12 15.26
C LYS D 414 -19.80 -17.90 15.68
N GLN D 415 -20.52 -17.04 14.96
CA GLN D 415 -21.96 -16.88 15.22
C GLN D 415 -22.68 -18.20 14.98
N VAL D 416 -22.23 -18.95 13.98
CA VAL D 416 -22.81 -20.27 13.71
C VAL D 416 -22.55 -21.21 14.87
N LEU D 417 -21.32 -21.18 15.40
CA LEU D 417 -21.00 -21.97 16.59
C LEU D 417 -21.90 -21.60 17.75
N ALA D 418 -22.11 -20.29 17.96
CA ALA D 418 -23.02 -19.87 19.02
C ALA D 418 -24.42 -20.41 18.78
N LYS D 419 -24.86 -20.42 17.52
CA LYS D 419 -26.17 -20.98 17.19
C LYS D 419 -26.24 -22.46 17.57
N LYS D 420 -25.15 -23.20 17.32
CA LYS D 420 -25.13 -24.63 17.64
C LYS D 420 -25.27 -24.85 19.15
N ALA D 421 -24.47 -24.11 19.94
CA ALA D 421 -24.57 -24.26 21.39
C ALA D 421 -25.95 -23.86 21.89
N ALA D 422 -26.54 -22.83 21.28
CA ALA D 422 -27.87 -22.40 21.69
C ALA D 422 -28.89 -23.50 21.40
N THR D 423 -28.76 -24.18 20.26
CA THR D 423 -29.65 -25.29 19.97
C THR D 423 -29.51 -26.37 21.02
N GLU D 424 -28.28 -26.65 21.47
CA GLU D 424 -28.11 -27.63 22.54
C GLU D 424 -28.83 -27.18 23.81
N SER D 425 -28.72 -25.89 24.15
CA SER D 425 -29.39 -25.35 25.33
C SER D 425 -30.90 -25.58 25.25
N MSE D 426 -31.49 -25.25 24.11
CA MSE D 426 -32.92 -25.39 23.88
C MSE D 426 -33.33 -26.85 23.93
O MSE D 426 -34.40 -27.20 24.43
CB MSE D 426 -33.27 -24.78 22.53
CG MSE D 426 -32.97 -23.33 22.48
SE MSE D 426 -32.92 -22.69 20.66
CE MSE D 426 -32.28 -20.87 21.02
N ARG D 427 -32.46 -27.70 23.40
CA ARG D 427 -32.71 -29.13 23.36
C ARG D 427 -32.82 -29.72 24.76
N THR D 428 -31.81 -29.46 25.60
CA THR D 428 -31.87 -29.95 26.96
C THR D 428 -33.01 -29.32 27.74
N HIS D 429 -33.35 -28.06 27.44
CA HIS D 429 -34.48 -27.44 28.11
C HIS D 429 -35.78 -28.16 27.79
N LEU D 430 -36.03 -28.42 26.50
CA LEU D 430 -37.27 -29.08 26.11
C LEU D 430 -37.36 -30.50 26.66
N SER D 431 -36.24 -31.22 26.67
CA SER D 431 -36.23 -32.55 27.29
C SER D 431 -36.56 -32.47 28.78
N GLU D 432 -35.95 -31.51 29.49
CA GLU D 432 -36.23 -31.36 30.91
C GLU D 432 -37.69 -30.99 31.17
N GLN D 433 -38.26 -30.09 30.37
CA GLN D 433 -39.66 -29.75 30.54
C GLN D 433 -40.56 -30.97 30.31
N ARG D 434 -40.22 -31.81 29.33
CA ARG D 434 -41.06 -32.99 29.12
C ARG D 434 -40.96 -33.95 30.30
N VAL D 435 -39.77 -34.08 30.88
CA VAL D 435 -39.67 -34.93 32.07
C VAL D 435 -40.44 -34.30 33.23
N GLU D 436 -40.47 -32.96 33.31
CA GLU D 436 -41.22 -32.30 34.36
C GLU D 436 -42.73 -32.51 34.17
N TYR D 437 -43.19 -32.48 32.92
CA TYR D 437 -44.59 -32.83 32.65
C TYR D 437 -44.89 -34.24 33.10
N GLY D 438 -43.95 -35.16 32.90
CA GLY D 438 -44.19 -36.53 33.34
C GLY D 438 -44.32 -36.63 34.84
N VAL D 439 -43.44 -35.95 35.58
CA VAL D 439 -43.54 -36.07 37.04
C VAL D 439 -44.79 -35.37 37.57
N LEU D 440 -45.24 -34.30 36.91
CA LEU D 440 -46.49 -33.66 37.31
C LEU D 440 -47.69 -34.54 36.99
N ASN D 441 -47.68 -35.22 35.84
CA ASN D 441 -48.73 -36.18 35.55
C ASN D 441 -48.76 -37.29 36.60
N PHE D 442 -47.59 -37.61 37.16
CA PHE D 442 -47.59 -38.60 38.23
C PHE D 442 -48.14 -38.05 39.53
N THR D 443 -47.91 -36.77 39.82
CA THR D 443 -48.61 -36.14 40.94
C THR D 443 -50.12 -36.17 40.74
N GLU D 444 -50.56 -35.90 39.51
CA GLU D 444 -51.98 -35.95 39.20
C GLU D 444 -52.52 -37.35 39.46
N ASN D 445 -51.78 -38.37 39.03
CA ASN D 445 -52.19 -39.74 39.28
C ASN D 445 -52.24 -40.03 40.78
N VAL D 446 -51.37 -39.38 41.55
CA VAL D 446 -51.36 -39.60 43.01
C VAL D 446 -52.60 -38.99 43.65
N LEU D 447 -52.96 -37.77 43.26
CA LEU D 447 -54.16 -37.16 43.82
C LEU D 447 -55.42 -37.90 43.39
N ARG D 448 -55.55 -38.18 42.09
CA ARG D 448 -56.71 -38.94 41.59
C ARG D 448 -56.87 -40.28 42.29
N SER D 449 -55.81 -40.80 42.90
CA SER D 449 -55.89 -42.08 43.61
C SER D 449 -56.66 -41.96 44.91
N GLN D 450 -57.27 -40.82 45.22
CA GLN D 450 -58.10 -40.74 46.41
C GLN D 450 -59.39 -41.52 46.19
N PHE D 451 -59.79 -42.28 47.21
CA PHE D 451 -61.08 -42.92 47.23
C PHE D 451 -61.81 -42.68 48.54
N THR D 452 -61.17 -42.03 49.51
CA THR D 452 -61.72 -41.76 50.82
C THR D 452 -63.10 -41.09 50.80
N ASP E 3 -49.02 -53.12 53.63
CA ASP E 3 -47.82 -52.32 53.46
C ASP E 3 -48.03 -50.89 53.94
N ASP E 4 -46.92 -50.18 54.16
CA ASP E 4 -46.94 -48.79 54.56
C ASP E 4 -46.07 -47.96 53.63
N LEU E 5 -46.57 -46.79 53.26
CA LEU E 5 -45.79 -45.78 52.58
C LEU E 5 -45.32 -44.74 53.60
N VAL E 6 -44.58 -43.74 53.12
CA VAL E 6 -44.09 -42.67 53.99
C VAL E 6 -44.17 -41.36 53.20
N LYS E 7 -45.11 -40.49 53.57
CA LYS E 7 -45.25 -39.19 52.94
C LYS E 7 -44.41 -38.17 53.70
N ILE E 8 -43.55 -37.46 52.99
CA ILE E 8 -42.67 -36.48 53.62
C ILE E 8 -42.77 -35.17 52.83
N LEU E 9 -43.16 -34.11 53.53
CA LEU E 9 -43.35 -32.80 52.91
C LEU E 9 -42.02 -32.07 52.77
N VAL E 10 -42.01 -31.08 51.86
CA VAL E 10 -40.78 -30.37 51.50
C VAL E 10 -41.10 -28.87 51.44
N LEU E 11 -40.73 -28.13 52.48
CA LEU E 11 -41.18 -26.77 52.71
C LEU E 11 -40.11 -25.75 52.29
N GLY E 12 -40.35 -24.48 52.65
CA GLY E 12 -39.39 -23.42 52.43
C GLY E 12 -39.91 -22.32 51.54
N PRO E 13 -39.23 -21.17 51.54
CA PRO E 13 -39.62 -20.05 50.68
C PRO E 13 -39.20 -20.28 49.23
N SER E 14 -39.60 -19.34 48.37
CA SER E 14 -39.27 -19.43 46.96
C SER E 14 -37.76 -19.33 46.76
N LYS E 15 -37.28 -20.02 45.72
CA LYS E 15 -35.86 -20.02 45.36
C LYS E 15 -34.99 -20.55 46.50
N SER E 16 -35.47 -21.62 47.16
CA SER E 16 -34.79 -22.20 48.30
C SER E 16 -34.21 -23.58 48.04
N GLY E 17 -34.41 -24.14 46.86
CA GLY E 17 -33.77 -25.39 46.49
C GLY E 17 -34.64 -26.62 46.64
N LYS E 18 -35.80 -26.50 47.27
CA LYS E 18 -36.60 -27.65 47.64
C LYS E 18 -36.87 -28.58 46.45
N SER E 19 -37.17 -28.02 45.28
CA SER E 19 -37.41 -28.87 44.11
C SER E 19 -36.13 -29.57 43.69
N THR E 20 -35.03 -28.83 43.62
CA THR E 20 -33.76 -29.44 43.22
C THR E 20 -33.26 -30.42 44.28
N VAL E 21 -33.39 -30.09 45.56
CA VAL E 21 -32.97 -31.02 46.61
C VAL E 21 -33.76 -32.31 46.52
N THR E 22 -35.08 -32.21 46.32
CA THR E 22 -35.92 -33.40 46.25
C THR E 22 -35.61 -34.23 45.01
N ASN E 23 -35.43 -33.58 43.86
CA ASN E 23 -35.05 -34.30 42.64
C ASN E 23 -33.70 -34.99 42.82
N PHE E 24 -32.75 -34.31 43.49
CA PHE E 24 -31.47 -34.94 43.80
C PHE E 24 -31.65 -36.12 44.75
N LEU E 25 -32.72 -36.13 45.54
CA LEU E 25 -32.99 -37.25 46.43
C LEU E 25 -33.69 -38.41 45.73
N ALA E 26 -34.15 -38.23 44.49
CA ALA E 26 -34.90 -39.29 43.83
C ALA E 26 -34.60 -39.37 42.33
N GLY E 27 -33.36 -39.09 41.93
CA GLY E 27 -33.11 -39.02 40.49
C GLY E 27 -32.07 -38.00 40.04
N THR E 28 -32.45 -37.02 39.22
CA THR E 28 -31.51 -36.13 38.57
C THR E 28 -30.57 -35.48 39.58
N ARG E 29 -29.28 -35.85 39.51
CA ARG E 29 -28.31 -35.39 40.50
C ARG E 29 -27.81 -33.99 40.19
N ASP E 30 -27.68 -33.65 38.91
CA ASP E 30 -27.24 -32.33 38.52
C ASP E 30 -28.33 -31.30 38.82
N THR E 31 -28.01 -30.03 38.57
CA THR E 31 -28.91 -28.94 38.92
C THR E 31 -29.53 -28.31 37.68
N PRO E 32 -30.84 -28.52 37.41
CA PRO E 32 -31.51 -27.83 36.30
C PRO E 32 -31.81 -26.37 36.63
N THR E 33 -30.76 -25.62 36.99
CA THR E 33 -30.95 -24.22 37.37
C THR E 33 -31.35 -23.37 36.18
N LYS E 34 -30.85 -23.69 34.98
CA LYS E 34 -31.35 -23.02 33.78
C LYS E 34 -32.84 -23.26 33.58
N GLU E 35 -33.31 -24.44 33.98
CA GLU E 35 -34.73 -24.79 33.95
C GLU E 35 -35.43 -24.49 35.27
N TYR E 36 -34.97 -23.48 36.02
CA TYR E 36 -35.59 -23.16 37.30
C TYR E 36 -36.91 -22.42 37.07
N HIS E 37 -38.01 -23.18 36.94
CA HIS E 37 -39.32 -22.61 36.75
C HIS E 37 -39.95 -22.24 38.08
N GLU E 38 -41.00 -21.44 38.02
CA GLU E 38 -41.77 -21.09 39.21
C GLU E 38 -42.59 -22.29 39.64
N THR E 39 -42.17 -22.96 40.72
CA THR E 39 -42.81 -24.20 41.17
C THR E 39 -44.25 -23.98 41.63
N ASN E 40 -45.21 -24.49 40.85
CA ASN E 40 -46.63 -24.50 41.15
C ASN E 40 -46.93 -25.41 42.33
N PRO E 41 -48.21 -25.51 42.81
CA PRO E 41 -48.46 -26.06 44.15
C PRO E 41 -47.62 -27.25 44.63
N LEU E 42 -47.52 -28.36 43.90
CA LEU E 42 -46.78 -29.48 44.49
C LEU E 42 -46.13 -30.35 43.41
N ARG E 43 -45.07 -31.04 43.83
CA ARG E 43 -44.34 -32.00 43.01
C ARG E 43 -44.12 -33.27 43.80
N VAL E 44 -44.55 -34.40 43.27
CA VAL E 44 -44.60 -35.66 44.02
C VAL E 44 -43.71 -36.68 43.32
N LEU E 45 -42.71 -37.18 44.06
CA LEU E 45 -41.86 -38.24 43.53
C LEU E 45 -41.82 -39.42 44.49
N GLU E 46 -42.06 -40.63 43.97
CA GLU E 46 -41.97 -41.86 44.75
C GLU E 46 -40.63 -42.56 44.51
N VAL E 47 -39.95 -42.94 45.60
CA VAL E 47 -38.69 -43.66 45.51
C VAL E 47 -38.63 -44.69 46.64
N GLU E 48 -37.76 -45.67 46.47
CA GLU E 48 -37.68 -46.83 47.36
C GLU E 48 -36.46 -46.77 48.26
N ILE E 49 -36.53 -47.48 49.38
CA ILE E 49 -35.43 -47.57 50.34
C ILE E 49 -35.60 -48.85 51.17
N ALA E 50 -34.47 -49.50 51.48
CA ALA E 50 -34.46 -50.66 52.36
C ALA E 50 -33.04 -50.89 52.83
N LEU E 51 -32.80 -50.78 54.14
CA LEU E 51 -31.50 -51.05 54.75
C LEU E 51 -31.67 -51.99 55.93
N ASP E 52 -30.71 -52.89 56.10
CA ASP E 52 -30.67 -53.83 57.23
C ASP E 52 -31.94 -54.68 57.33
N VAL E 68 -42.35 -47.74 50.40
CA VAL E 68 -42.12 -46.65 49.46
C VAL E 68 -42.19 -45.31 50.19
N VAL E 69 -41.42 -44.33 49.73
CA VAL E 69 -41.47 -42.98 50.27
C VAL E 69 -41.89 -42.02 49.17
N GLN E 70 -42.92 -41.23 49.45
CA GLN E 70 -43.34 -40.12 48.60
C GLN E 70 -42.74 -38.83 49.14
N LEU E 71 -42.14 -38.05 48.25
CA LEU E 71 -41.58 -36.76 48.58
C LEU E 71 -42.47 -35.70 47.94
N TRP E 72 -42.96 -34.77 48.76
CA TRP E 72 -43.98 -33.78 48.40
C TRP E 72 -43.37 -32.37 48.43
N ASP E 73 -42.76 -31.96 47.31
CA ASP E 73 -42.38 -30.57 47.15
C ASP E 73 -43.62 -29.69 47.18
N VAL E 74 -43.55 -28.57 47.91
CA VAL E 74 -44.62 -27.58 47.94
C VAL E 74 -44.03 -26.22 47.58
N GLY E 75 -44.74 -25.49 46.73
CA GLY E 75 -44.32 -24.15 46.37
C GLY E 75 -44.78 -23.14 47.39
N GLY E 76 -43.84 -22.38 47.95
CA GLY E 76 -44.16 -21.49 49.06
C GLY E 76 -44.81 -20.19 48.67
N SER E 77 -45.78 -20.23 47.76
CA SER E 77 -46.50 -19.03 47.35
C SER E 77 -47.75 -18.85 48.20
N SER E 78 -48.05 -17.60 48.54
CA SER E 78 -49.33 -17.29 49.17
C SER E 78 -50.49 -17.39 48.19
N LYS E 79 -50.21 -17.36 46.88
CA LYS E 79 -51.27 -17.55 45.89
C LYS E 79 -51.69 -19.01 45.81
N HIS E 80 -50.73 -19.91 45.60
CA HIS E 80 -50.97 -21.36 45.58
C HIS E 80 -51.22 -21.92 46.97
N GLN E 81 -51.42 -21.05 47.95
CA GLN E 81 -51.50 -21.47 49.34
C GLN E 81 -52.72 -22.34 49.60
N ALA E 82 -53.92 -21.83 49.29
CA ALA E 82 -55.16 -22.50 49.65
C ALA E 82 -55.16 -23.96 49.23
N GLY E 83 -55.14 -24.86 50.21
CA GLY E 83 -55.09 -26.28 49.91
C GLY E 83 -54.05 -27.04 50.73
N TRP E 84 -53.48 -26.35 51.72
CA TRP E 84 -52.48 -26.96 52.60
C TRP E 84 -52.94 -28.28 53.24
N PRO E 85 -54.15 -28.39 53.81
CA PRO E 85 -54.46 -29.58 54.62
C PRO E 85 -54.41 -30.88 53.86
N ALA E 86 -54.53 -30.86 52.53
CA ALA E 86 -54.41 -32.08 51.76
C ALA E 86 -52.99 -32.63 51.83
N ILE E 87 -51.99 -31.79 51.48
CA ILE E 87 -50.61 -32.22 51.60
C ILE E 87 -50.25 -32.46 53.05
N ALA E 88 -50.99 -31.87 53.99
CA ALA E 88 -50.66 -32.05 55.41
C ALA E 88 -51.22 -33.35 55.98
N SER E 89 -52.35 -33.83 55.47
CA SER E 89 -53.01 -34.99 56.08
C SER E 89 -52.17 -36.26 55.90
N ASN E 90 -52.25 -37.14 56.89
CA ASN E 90 -51.50 -38.39 56.98
C ASN E 90 -50.05 -38.21 56.55
N ALA E 91 -49.44 -37.09 56.92
CA ALA E 91 -48.03 -36.84 56.61
C ALA E 91 -47.15 -37.49 57.67
N ASP E 92 -46.21 -38.33 57.22
CA ASP E 92 -45.36 -39.07 58.14
C ASP E 92 -44.03 -38.38 58.42
N GLY E 93 -43.65 -37.38 57.62
CA GLY E 93 -42.41 -36.67 57.87
C GLY E 93 -42.41 -35.36 57.12
N ILE E 94 -41.44 -34.51 57.46
CA ILE E 94 -41.35 -33.19 56.86
C ILE E 94 -39.90 -32.72 56.89
N ILE E 95 -39.52 -31.95 55.87
CA ILE E 95 -38.20 -31.34 55.76
C ILE E 95 -38.37 -29.93 55.20
N TYR E 96 -37.79 -28.95 55.85
CA TYR E 96 -37.92 -27.56 55.45
C TYR E 96 -36.56 -27.04 55.00
N VAL E 97 -36.53 -26.38 53.85
CA VAL E 97 -35.27 -25.89 53.29
C VAL E 97 -35.34 -24.37 53.20
N PHE E 98 -34.18 -23.74 53.37
CA PHE E 98 -34.08 -22.30 53.24
C PHE E 98 -32.64 -21.97 52.87
N ASN E 99 -32.47 -20.94 52.07
CA ASN E 99 -31.13 -20.44 51.79
C ASN E 99 -30.67 -19.64 53.00
N PRO E 100 -29.59 -20.04 53.68
CA PRO E 100 -29.10 -19.24 54.81
C PRO E 100 -28.58 -17.86 54.41
N GLU E 101 -28.48 -17.56 53.12
CA GLU E 101 -28.03 -16.24 52.67
C GLU E 101 -29.15 -15.22 52.59
N VAL E 102 -30.41 -15.67 52.55
CA VAL E 102 -31.56 -14.78 52.45
C VAL E 102 -31.95 -14.35 53.86
N LYS E 103 -31.93 -13.04 54.10
CA LYS E 103 -32.36 -12.52 55.40
C LYS E 103 -33.89 -12.55 55.49
N GLY E 104 -34.39 -13.03 56.62
CA GLY E 104 -35.82 -13.18 56.81
C GLY E 104 -36.41 -14.45 56.24
N SER E 105 -35.58 -15.35 55.72
CA SER E 105 -36.06 -16.62 55.18
C SER E 105 -36.27 -17.68 56.27
N GLU E 106 -35.80 -17.44 57.49
CA GLU E 106 -36.02 -18.38 58.57
C GLU E 106 -37.31 -18.12 59.33
N LYS E 107 -37.87 -16.91 59.23
CA LYS E 107 -39.14 -16.60 59.87
C LYS E 107 -40.32 -17.12 59.06
N GLU E 108 -40.21 -17.09 57.73
CA GLU E 108 -41.21 -17.74 56.90
C GLU E 108 -41.22 -19.25 57.15
N LEU E 109 -40.04 -19.84 57.38
CA LEU E 109 -39.97 -21.27 57.70
C LEU E 109 -40.68 -21.55 59.03
N LEU E 110 -40.58 -20.62 59.97
CA LEU E 110 -41.36 -20.74 61.21
C LEU E 110 -42.85 -20.61 60.93
N LEU E 111 -43.22 -19.75 59.97
CA LEU E 111 -44.64 -19.64 59.58
C LEU E 111 -45.16 -20.97 59.06
N TRP E 112 -44.42 -21.62 58.15
CA TRP E 112 -44.81 -22.94 57.68
C TRP E 112 -44.87 -23.94 58.84
N TYR E 113 -43.81 -23.98 59.66
CA TYR E 113 -43.74 -24.96 60.74
C TYR E 113 -44.83 -24.76 61.79
N LYS E 114 -45.42 -23.57 61.87
CA LYS E 114 -46.60 -23.34 62.70
C LYS E 114 -47.89 -23.68 61.99
N ASN E 115 -47.94 -23.50 60.67
CA ASN E 115 -49.14 -23.86 59.91
C ASN E 115 -49.36 -25.38 59.88
N PHE E 116 -48.29 -26.15 59.82
CA PHE E 116 -48.35 -27.61 59.88
C PHE E 116 -47.71 -28.07 61.18
N ALA E 117 -48.47 -28.83 61.98
CA ALA E 117 -48.04 -29.35 63.29
C ALA E 117 -47.80 -28.23 64.30
N ARG E 132 -51.43 -31.41 66.40
CA ARG E 132 -50.02 -31.76 66.40
C ARG E 132 -49.74 -32.80 65.31
N VAL E 133 -49.39 -32.31 64.12
CA VAL E 133 -49.24 -33.20 62.97
C VAL E 133 -47.91 -33.95 63.01
N THR E 134 -46.87 -33.33 63.57
CA THR E 134 -45.51 -33.88 63.55
C THR E 134 -44.97 -33.95 64.97
N ASP E 135 -44.13 -34.96 65.22
CA ASP E 135 -43.59 -35.20 66.55
C ASP E 135 -42.19 -34.66 66.76
N GLY E 136 -41.43 -34.44 65.69
CA GLY E 136 -40.03 -34.04 65.82
C GLY E 136 -39.17 -34.69 64.76
N HIS E 137 -39.80 -35.53 63.93
CA HIS E 137 -39.20 -36.18 62.76
C HIS E 137 -38.81 -35.22 61.66
N SER E 138 -38.92 -33.91 61.89
CA SER E 138 -38.52 -32.94 60.89
C SER E 138 -37.00 -32.90 60.75
N LEU E 139 -36.53 -32.46 59.57
CA LEU E 139 -35.12 -32.18 59.32
C LEU E 139 -34.97 -30.81 58.67
N ILE E 140 -33.93 -30.09 59.08
CA ILE E 140 -33.60 -28.77 58.54
C ILE E 140 -32.33 -28.89 57.72
N PHE E 141 -32.35 -28.36 56.51
CA PHE E 141 -31.17 -28.27 55.65
C PHE E 141 -30.83 -26.81 55.40
N SER E 142 -29.53 -26.49 55.46
CA SER E 142 -29.03 -25.18 55.04
C SER E 142 -28.47 -25.37 53.65
N HIS E 143 -29.34 -25.28 52.64
CA HIS E 143 -28.92 -25.51 51.26
C HIS E 143 -28.27 -24.28 50.69
N HIS E 144 -27.11 -24.46 50.07
CA HIS E 144 -26.34 -23.37 49.49
C HIS E 144 -26.84 -23.13 48.07
N SER E 145 -27.59 -22.03 47.88
CA SER E 145 -28.06 -21.71 46.54
C SER E 145 -26.90 -21.43 45.59
N SER E 146 -25.82 -20.84 46.09
CA SER E 146 -24.62 -20.59 45.29
C SER E 146 -23.41 -20.87 46.18
N LEU E 147 -22.24 -20.41 45.75
CA LEU E 147 -21.07 -20.45 46.62
C LEU E 147 -21.41 -19.78 47.94
N PRO E 148 -21.35 -20.50 49.06
CA PRO E 148 -21.86 -19.95 50.33
C PRO E 148 -21.12 -18.70 50.78
N GLU E 149 -21.81 -17.86 51.55
CA GLU E 149 -21.22 -16.66 52.12
C GLU E 149 -20.92 -16.83 53.62
N PHE E 150 -21.94 -17.18 54.41
CA PHE E 150 -21.78 -17.32 55.84
C PHE E 150 -22.27 -18.66 56.37
N ALA E 151 -22.82 -19.52 55.52
CA ALA E 151 -23.29 -20.83 55.98
C ALA E 151 -22.14 -21.74 56.40
N VAL E 152 -20.91 -21.40 56.03
CA VAL E 152 -19.77 -22.17 56.51
C VAL E 152 -19.48 -21.82 57.98
N GLY E 153 -19.84 -20.60 58.40
CA GLY E 153 -19.65 -20.19 59.78
C GLY E 153 -20.89 -20.44 60.61
N ASP E 154 -20.72 -21.09 61.75
CA ASP E 154 -21.78 -21.33 62.74
C ASP E 154 -22.84 -22.30 62.22
N ASN E 155 -22.45 -23.26 61.39
CA ASN E 155 -23.38 -24.23 60.80
C ASN E 155 -24.53 -23.54 60.05
N PRO E 158 -26.84 -20.57 60.21
CA PRO E 158 -27.20 -19.89 61.45
C PRO E 158 -27.96 -20.79 62.42
N PRO E 159 -28.06 -20.40 63.69
CA PRO E 159 -28.96 -21.07 64.62
C PRO E 159 -30.40 -20.58 64.45
N MSE E 160 -31.31 -21.27 65.13
CA MSE E 160 -32.74 -21.10 64.90
C MSE E 160 -33.49 -21.18 66.22
O MSE E 160 -33.02 -21.83 67.16
CB MSE E 160 -33.24 -22.16 63.90
CG MSE E 160 -32.96 -23.59 64.31
SE MSE E 160 -33.26 -24.77 62.96
CE MSE E 160 -31.86 -24.43 61.90
N PRO E 161 -34.65 -20.52 66.31
CA PRO E 161 -35.34 -20.39 67.61
C PRO E 161 -35.65 -21.74 68.26
N LYS E 163 -35.88 -21.69 69.58
CA LYS E 163 -36.00 -22.90 70.38
C LYS E 163 -37.20 -23.74 69.99
N GLN E 164 -38.28 -23.11 69.51
CA GLN E 164 -39.42 -23.88 69.03
C GLN E 164 -39.04 -24.73 67.83
N LEU E 165 -38.17 -24.21 66.96
CA LEU E 165 -37.68 -24.92 65.79
C LEU E 165 -36.54 -25.88 66.10
N GLN E 166 -35.97 -25.79 67.31
CA GLN E 166 -34.82 -26.59 67.68
C GLN E 166 -35.27 -27.91 68.31
N GLY E 167 -34.59 -28.99 67.97
CA GLY E 167 -34.98 -30.32 68.41
C GLY E 167 -35.07 -31.31 67.27
N ILE E 168 -34.51 -30.94 66.12
CA ILE E 168 -34.53 -31.78 64.92
C ILE E 168 -33.15 -31.76 64.29
N ARG E 169 -32.74 -32.89 63.72
CA ARG E 169 -31.38 -33.05 63.22
C ARG E 169 -31.13 -32.19 61.99
N ALA E 170 -29.85 -31.87 61.77
CA ALA E 170 -29.45 -31.02 60.66
C ALA E 170 -28.20 -31.60 60.00
N LEU E 171 -27.78 -30.97 58.90
CA LEU E 171 -26.56 -31.31 58.18
C LEU E 171 -26.33 -30.25 57.11
N GLU E 172 -25.05 -30.08 56.73
CA GLU E 172 -24.72 -29.20 55.61
C GLU E 172 -25.18 -29.84 54.31
N THR E 173 -25.87 -29.07 53.47
CA THR E 173 -26.51 -29.62 52.29
C THR E 173 -26.35 -28.71 51.09
N SER E 174 -25.85 -29.27 49.98
CA SER E 174 -25.83 -28.63 48.68
C SER E 174 -25.37 -29.66 47.64
N LEU E 175 -25.56 -29.32 46.37
CA LEU E 175 -25.33 -30.25 45.27
C LEU E 175 -23.98 -30.04 44.60
N ASP E 176 -23.56 -28.79 44.37
CA ASP E 176 -22.31 -28.51 43.69
C ASP E 176 -21.31 -27.77 44.59
N TYR E 177 -21.53 -27.79 45.89
CA TYR E 177 -20.73 -26.99 46.83
C TYR E 177 -20.47 -27.83 48.08
N GLN E 178 -20.06 -27.18 49.16
CA GLN E 178 -19.83 -27.86 50.44
C GLN E 178 -21.12 -28.48 50.97
N SER E 179 -21.03 -29.74 51.39
CA SER E 179 -22.20 -30.45 51.90
C SER E 179 -21.76 -31.64 52.74
N ASP E 180 -22.71 -32.15 53.53
CA ASP E 180 -22.58 -33.42 54.22
C ASP E 180 -23.57 -34.41 53.62
N ASN E 181 -23.32 -35.70 53.88
CA ASN E 181 -24.13 -36.74 53.27
C ASN E 181 -25.60 -36.57 53.67
N PHE E 182 -26.48 -36.92 52.73
CA PHE E 182 -27.91 -36.76 52.94
C PHE E 182 -28.68 -38.07 52.98
N LYS E 183 -28.21 -39.11 52.27
CA LYS E 183 -28.93 -40.38 52.25
C LYS E 183 -29.01 -41.00 53.64
N GLU E 184 -27.97 -40.80 54.47
CA GLU E 184 -28.02 -41.24 55.85
C GLU E 184 -29.17 -40.57 56.60
N ALA E 185 -29.48 -39.31 56.27
CA ALA E 185 -30.59 -38.63 56.93
C ALA E 185 -31.93 -39.26 56.54
N PHE E 186 -32.08 -39.65 55.27
CA PHE E 186 -33.30 -40.34 54.85
C PHE E 186 -33.44 -41.68 55.55
N ASP E 187 -32.35 -42.46 55.60
CA ASP E 187 -32.38 -43.71 56.35
C ASP E 187 -32.74 -43.48 57.82
N ALA E 188 -32.22 -42.40 58.41
CA ALA E 188 -32.49 -42.13 59.82
C ALA E 188 -33.96 -41.77 60.06
N LEU E 189 -34.54 -40.94 59.20
CA LEU E 189 -35.95 -40.60 59.37
C LEU E 189 -36.85 -41.81 59.15
N VAL E 190 -36.55 -42.64 58.14
CA VAL E 190 -37.36 -43.83 57.91
C VAL E 190 -37.25 -44.79 59.09
N GLU E 191 -36.04 -44.94 59.64
CA GLU E 191 -35.85 -45.82 60.79
C GLU E 191 -36.64 -45.31 61.99
N GLN E 192 -36.53 -44.01 62.28
CA GLN E 192 -37.26 -43.45 63.42
C GLN E 192 -38.77 -43.60 63.24
N ILE E 193 -39.27 -43.42 62.01
CA ILE E 193 -40.69 -43.55 61.75
C ILE E 193 -41.15 -45.00 61.97
N ILE E 194 -40.47 -45.96 61.35
CA ILE E 194 -40.88 -47.36 61.49
C ILE E 194 -40.73 -47.84 62.92
N ALA E 195 -39.72 -47.33 63.65
CA ALA E 195 -39.52 -47.72 65.03
C ALA E 195 -40.60 -47.15 65.93
N SER E 196 -41.02 -45.91 65.68
CA SER E 196 -42.22 -45.40 66.35
C SER E 196 -43.44 -46.23 65.98
N ARG E 197 -43.45 -46.80 64.77
CA ARG E 197 -44.61 -47.55 64.29
C ARG E 197 -44.79 -48.85 65.07
N LEU E 198 -43.77 -49.72 65.09
CA LEU E 198 -43.97 -51.02 65.73
C LEU E 198 -43.59 -51.04 67.21
N ALA E 199 -43.24 -49.90 67.80
CA ALA E 199 -43.07 -49.84 69.25
C ALA E 199 -44.38 -49.56 69.97
N ALA E 200 -45.40 -49.09 69.25
CA ALA E 200 -46.69 -48.84 69.87
C ALA E 200 -47.50 -50.13 70.06
N GLU E 201 -47.45 -51.03 69.08
CA GLU E 201 -48.20 -52.28 69.15
C GLU E 201 -47.59 -53.23 70.16
PG GTP F . -39.48 -22.24 43.60
O1G GTP F . -39.22 -20.83 44.06
O2G GTP F . -40.00 -22.19 42.19
O3G GTP F . -40.49 -22.90 44.51
O3B GTP F . -38.08 -23.04 43.62
PB GTP F . -37.65 -24.03 44.83
O1B GTP F . -38.10 -23.44 46.15
O2B GTP F . -38.24 -25.38 44.59
O3A GTP F . -36.03 -24.15 44.73
PA GTP F . -35.33 -24.56 43.33
O1A GTP F . -33.93 -25.10 43.55
O2A GTP F . -36.15 -25.61 42.64
O5' GTP F . -35.24 -23.22 42.44
C5' GTP F . -34.13 -22.96 41.60
C4' GTP F . -33.11 -22.07 42.31
O4' GTP F . -32.38 -22.83 43.24
C3' GTP F . -32.08 -21.46 41.38
O3' GTP F . -32.50 -20.18 40.93
C2' GTP F . -30.86 -21.33 42.25
O2' GTP F . -30.79 -20.03 42.78
C1' GTP F . -31.06 -22.33 43.40
N9 GTP F . -30.12 -23.48 43.37
C8 GTP F . -30.39 -24.66 44.01
N7 GTP F . -29.36 -25.51 43.81
C5 GTP F . -28.43 -24.89 43.06
C6 GTP F . -27.19 -25.32 42.57
O6 GTP F . -26.79 -26.46 42.83
N1 GTP F . -26.42 -24.48 41.80
C2 GTP F . -26.89 -23.21 41.52
N2 GTP F . -26.15 -22.39 40.77
N3 GTP F . -28.11 -22.79 42.00
C4 GTP F . -28.89 -23.61 42.76
MG MG G . -40.68 -25.23 44.27
#